data_8BVM
#
_entry.id   8BVM
#
_cell.length_a   1.00
_cell.length_b   1.00
_cell.length_c   1.00
_cell.angle_alpha   90.00
_cell.angle_beta   90.00
_cell.angle_gamma   90.00
#
_symmetry.space_group_name_H-M   'P 1'
#
loop_
_entity.id
_entity.type
_entity.pdbx_description
1 polymer 'Catabolite repression control protein'
2 polymer 'RNA-binding protein Hfq'
3 polymer 'rbsB mRNA'
#
loop_
_entity_poly.entity_id
_entity_poly.type
_entity_poly.pdbx_seq_one_letter_code
_entity_poly.pdbx_strand_id
1 'polypeptide(L)'
;GPAMRIISVNVNGIQAAAERGLLSWLQAQNADVICLQDTRASAFDLDDPSFQLDGYFLYACDAELPEQGGVALYSRLQPK
AVISGLGFETADRYGRYLQADFDKVSIATLLLPSGQSGDESLNQKFKFMDDFTHYLSKQRRKRREYIYCGSLYVAHQKMD
VKNWRECQQMPGFLAPERAWLDEVFGNLGYADALREVSREGDQFSWWPDSEQAEMLNLGWRFDYQVLTPGLRRFVRNAKL
PRQPRFSQHAPLIVDYDWQLSI
;
A,H,N
2 'polypeptide(L)'
;MSKGHSLQDPYLNTLRKERVPVSIYLVNGIKLQGQIESFDQFVILLKNTVSQMVYKHAISTVVPSRPVRLPSGDQPAEPG
NA
;
B,C,D,E,F,G,I,J,K,L,M,O
3 'polyribonucleotide'
;AACGCAAACGUUUGCGUCUGGAUAAUCUCCUGGAAAAGAAUCAAUACAACGAUAAGAAAAGCUGGAGGAUAUACCAUGAA
GCGGGUCGCUUCCCGGCGCCUGUUGGCU
;
u
#
loop_
_chem_comp.id
_chem_comp.type
_chem_comp.name
_chem_comp.formula
A RNA linking ADENOSINE-5'-MONOPHOSPHATE 'C10 H14 N5 O7 P'
C RNA linking CYTIDINE-5'-MONOPHOSPHATE 'C9 H14 N3 O8 P'
G RNA linking GUANOSINE-5'-MONOPHOSPHATE 'C10 H14 N5 O8 P'
U RNA linking URIDINE-5'-MONOPHOSPHATE 'C9 H13 N2 O9 P'
#
# COMPACT_ATOMS: atom_id res chain seq x y z
N GLY A 1 11.43 22.74 19.93
CA GLY A 1 11.44 22.50 18.50
C GLY A 1 12.81 22.17 17.95
N PRO A 2 12.88 21.23 17.01
CA PRO A 2 14.17 20.86 16.40
C PRO A 2 14.77 22.04 15.65
N ALA A 3 15.99 22.40 16.03
CA ALA A 3 16.70 23.51 15.41
C ALA A 3 18.18 23.18 15.30
N MET A 4 18.71 23.19 14.09
CA MET A 4 20.13 22.94 13.85
C MET A 4 20.64 23.96 12.84
N ARG A 5 21.81 24.54 13.15
CA ARG A 5 22.39 25.59 12.34
C ARG A 5 23.74 25.12 11.81
N ILE A 6 23.88 25.14 10.48
CA ILE A 6 25.10 24.71 9.80
C ILE A 6 25.65 25.88 9.01
N ILE A 7 26.93 26.17 9.20
CA ILE A 7 27.59 27.31 8.57
C ILE A 7 28.73 26.79 7.71
N SER A 8 28.75 27.21 6.44
CA SER A 8 29.81 26.85 5.50
C SER A 8 30.57 28.12 5.13
N VAL A 9 31.88 28.12 5.37
CA VAL A 9 32.72 29.29 5.17
C VAL A 9 33.96 28.87 4.40
N ASN A 10 34.11 29.38 3.18
CA ASN A 10 35.35 29.22 2.44
C ASN A 10 36.29 30.36 2.79
N VAL A 11 37.49 30.02 3.26
CA VAL A 11 38.41 31.01 3.84
C VAL A 11 39.58 31.34 2.93
N ASN A 12 39.96 30.46 2.01
CA ASN A 12 41.13 30.65 1.15
C ASN A 12 42.36 30.96 1.99
N GLY A 13 42.61 30.13 2.99
CA GLY A 13 43.66 30.38 3.95
C GLY A 13 43.11 30.67 5.33
N ILE A 14 43.19 29.70 6.23
CA ILE A 14 42.58 29.86 7.54
C ILE A 14 43.36 30.86 8.39
N GLN A 15 44.64 31.06 8.11
CA GLN A 15 45.44 31.99 8.88
CA GLN A 15 45.44 31.99 8.88
C GLN A 15 44.96 33.42 8.68
N ALA A 16 44.77 33.82 7.42
CA ALA A 16 44.27 35.18 7.15
C ALA A 16 42.86 35.36 7.68
N ALA A 17 42.03 34.31 7.59
CA ALA A 17 40.67 34.39 8.12
C ALA A 17 40.69 34.60 9.63
N ALA A 18 41.56 33.88 10.34
CA ALA A 18 41.68 34.08 11.78
C ALA A 18 42.24 35.45 12.12
N GLU A 19 43.17 35.95 11.30
CA GLU A 19 43.70 37.29 11.51
C GLU A 19 42.65 38.37 11.27
N ARG A 20 41.68 38.11 10.40
CA ARG A 20 40.60 39.06 10.15
C ARG A 20 39.49 38.99 11.19
N GLY A 21 39.43 37.93 11.99
CA GLY A 21 38.44 37.80 13.03
C GLY A 21 37.39 36.74 12.80
N LEU A 22 37.72 35.65 12.10
CA LEU A 22 36.72 34.62 11.83
C LEU A 22 36.31 33.88 13.09
N LEU A 23 37.26 33.65 14.00
CA LEU A 23 36.97 32.88 15.20
C LEU A 23 35.99 33.61 16.12
N SER A 24 36.24 34.89 16.37
CA SER A 24 35.34 35.66 17.22
C SER A 24 33.95 35.79 16.60
N TRP A 25 33.87 35.80 15.28
CA TRP A 25 32.58 35.86 14.60
C TRP A 25 31.84 34.53 14.72
N LEU A 26 32.54 33.41 14.51
CA LEU A 26 31.92 32.10 14.62
C LEU A 26 31.49 31.79 16.04
N GLN A 27 32.20 32.35 17.03
CA GLN A 27 31.85 32.09 18.41
C GLN A 27 30.47 32.63 18.78
N ALA A 28 30.03 33.69 18.10
CA ALA A 28 28.76 34.32 18.43
C ALA A 28 27.61 33.88 17.54
N GLN A 29 27.87 33.10 16.49
CA GLN A 29 26.82 32.69 15.57
C GLN A 29 25.90 31.62 16.16
N ASN A 30 26.28 31.01 17.29
CA ASN A 30 25.45 30.00 17.96
C ASN A 30 25.14 28.82 17.06
N ALA A 31 26.02 28.53 16.11
CA ALA A 31 25.83 27.42 15.19
C ALA A 31 26.18 26.10 15.88
N ASP A 32 25.67 25.00 15.33
CA ASP A 32 25.95 23.67 15.84
C ASP A 32 27.10 22.97 15.12
N VAL A 33 27.18 23.11 13.80
CA VAL A 33 28.24 22.51 13.00
C VAL A 33 28.79 23.56 12.06
N ILE A 34 30.11 23.73 12.06
CA ILE A 34 30.79 24.72 11.24
C ILE A 34 31.60 24.00 10.18
N CYS A 35 31.51 24.47 8.94
CA CYS A 35 32.19 23.86 7.81
C CYS A 35 33.15 24.87 7.19
N LEU A 36 34.43 24.52 7.15
CA LEU A 36 35.45 25.37 6.58
C LEU A 36 36.12 24.66 5.41
N GLN A 37 36.43 25.43 4.36
CA GLN A 37 37.09 24.90 3.18
C GLN A 37 38.26 25.79 2.80
N ASP A 38 39.21 25.20 2.07
CA ASP A 38 40.41 25.89 1.59
C ASP A 38 41.17 26.53 2.75
N THR A 39 41.45 25.73 3.77
CA THR A 39 42.16 26.23 4.95
C THR A 39 43.61 26.58 4.62
N ARG A 40 44.19 25.92 3.61
CA ARG A 40 45.58 26.16 3.19
C ARG A 40 46.56 25.97 4.34
N ALA A 41 46.25 25.07 5.25
CA ALA A 41 47.11 24.80 6.40
C ALA A 41 47.10 23.30 6.69
N SER A 42 48.27 22.78 7.08
CA SER A 42 48.38 21.37 7.38
C SER A 42 47.70 21.04 8.71
N ALA A 43 47.56 19.74 8.98
CA ALA A 43 46.98 19.30 10.24
C ALA A 43 47.84 19.72 11.42
N PHE A 44 49.17 19.73 11.23
CA PHE A 44 50.06 20.18 12.29
C PHE A 44 49.94 21.68 12.53
N ASP A 45 49.66 22.45 11.47
CA ASP A 45 49.50 23.88 11.63
C ASP A 45 48.25 24.22 12.42
N LEU A 46 47.18 23.46 12.21
CA LEU A 46 45.93 23.70 12.93
C LEU A 46 45.96 23.16 14.35
N ASP A 47 46.99 22.39 14.71
CA ASP A 47 47.10 21.86 16.06
C ASP A 47 47.22 22.98 17.09
N ASP A 48 47.60 24.18 16.66
CA ASP A 48 47.71 25.33 17.53
C ASP A 48 46.36 25.59 18.23
N PRO A 49 46.33 25.66 19.56
CA PRO A 49 45.06 25.89 20.26
C PRO A 49 44.45 27.25 20.03
N SER A 50 45.13 28.16 19.32
CA SER A 50 44.55 29.46 19.03
C SER A 50 43.32 29.34 18.15
N PHE A 51 43.30 28.37 17.23
CA PHE A 51 42.15 28.14 16.37
C PHE A 51 41.01 27.41 17.06
N GLN A 52 41.23 26.91 18.28
CA GLN A 52 40.20 26.16 18.98
C GLN A 52 39.09 27.09 19.44
N LEU A 53 37.86 26.57 19.38
CA LEU A 53 36.66 27.30 19.78
C LEU A 53 36.14 26.75 21.10
N ASP A 54 35.63 27.64 21.95
CA ASP A 54 35.12 27.23 23.25
C ASP A 54 33.87 26.38 23.08
N GLY A 55 33.94 25.13 23.53
CA GLY A 55 32.81 24.23 23.44
C GLY A 55 32.64 23.54 22.10
N TYR A 56 33.66 23.56 21.25
CA TYR A 56 33.59 22.95 19.93
C TYR A 56 34.75 21.99 19.74
N PHE A 57 34.47 20.89 19.04
CA PHE A 57 35.52 19.96 18.66
C PHE A 57 36.10 20.35 17.31
N LEU A 58 37.32 19.87 17.04
CA LEU A 58 38.03 20.25 15.83
C LEU A 58 38.53 19.00 15.11
N TYR A 59 38.11 18.85 13.86
CA TYR A 59 38.59 17.79 12.99
C TYR A 59 38.91 18.39 11.63
N ALA A 60 40.01 17.93 11.03
CA ALA A 60 40.46 18.51 9.78
C ALA A 60 41.41 17.54 9.07
N CYS A 61 41.65 17.81 7.79
CA CYS A 61 42.56 17.03 6.99
CA CYS A 61 42.58 17.03 7.00
C CYS A 61 43.44 17.97 6.18
N ASP A 62 44.53 17.44 5.64
CA ASP A 62 45.47 18.25 4.87
C ASP A 62 45.96 17.46 3.66
N ALA A 63 46.46 18.20 2.68
CA ALA A 63 47.00 17.61 1.47
C ALA A 63 48.47 17.25 1.64
N GLU A 64 49.04 16.67 0.58
CA GLU A 64 50.49 16.47 0.55
C GLU A 64 51.21 17.81 0.61
N LEU A 65 50.68 18.82 -0.07
CA LEU A 65 51.16 20.19 0.04
C LEU A 65 50.08 21.02 0.73
N PRO A 66 50.33 21.50 1.96
CA PRO A 66 49.25 22.19 2.70
C PRO A 66 48.78 23.48 2.04
N GLU A 67 49.64 24.15 1.28
CA GLU A 67 49.27 25.42 0.68
C GLU A 67 48.26 25.26 -0.46
N GLN A 68 48.09 24.05 -0.98
CA GLN A 68 47.20 23.83 -2.12
C GLN A 68 45.75 23.62 -1.71
N GLY A 69 45.49 23.14 -0.49
CA GLY A 69 44.13 22.89 -0.07
C GLY A 69 43.99 22.55 1.40
N GLY A 70 43.03 21.68 1.71
CA GLY A 70 42.79 21.29 3.08
C GLY A 70 41.53 21.91 3.66
N VAL A 71 40.71 21.10 4.34
CA VAL A 71 39.45 21.55 4.90
C VAL A 71 39.44 21.26 6.39
N ALA A 72 38.45 21.81 7.08
CA ALA A 72 38.29 21.63 8.51
C ALA A 72 36.81 21.49 8.84
N LEU A 73 36.53 21.17 10.10
CA LEU A 73 35.16 21.01 10.56
C LEU A 73 35.10 21.23 12.06
N TYR A 74 34.07 21.94 12.50
CA TYR A 74 33.79 22.11 13.92
C TYR A 74 32.43 21.48 14.23
N SER A 75 32.26 21.04 15.47
CA SER A 75 31.03 20.42 15.91
C SER A 75 30.82 20.64 17.40
N ARG A 76 29.59 20.96 17.77
CA ARG A 76 29.25 21.11 19.18
C ARG A 76 29.18 19.76 19.90
N LEU A 77 28.91 18.69 19.17
CA LEU A 77 28.84 17.36 19.74
C LEU A 77 29.91 16.48 19.10
N GLN A 78 30.39 15.49 19.86
CA GLN A 78 31.40 14.58 19.37
C GLN A 78 30.79 13.62 18.35
N PRO A 79 31.17 13.68 17.09
CA PRO A 79 30.57 12.79 16.08
C PRO A 79 30.91 11.33 16.35
N LYS A 80 30.08 10.45 15.81
CA LYS A 80 30.32 9.01 15.97
C LYS A 80 31.60 8.57 15.26
N ALA A 81 31.87 9.15 14.09
CA ALA A 81 33.04 8.78 13.31
C ALA A 81 33.42 9.93 12.40
N VAL A 82 34.72 10.07 12.17
CA VAL A 82 35.26 11.09 11.29
C VAL A 82 36.05 10.41 10.17
N ILE A 83 35.61 10.60 8.93
CA ILE A 83 36.24 10.00 7.78
C ILE A 83 36.61 11.09 6.79
N SER A 84 37.48 10.73 5.84
CA SER A 84 37.93 11.65 4.80
C SER A 84 38.20 10.88 3.53
N GLY A 85 38.25 11.60 2.41
CA GLY A 85 38.57 11.02 1.13
C GLY A 85 37.39 10.34 0.48
N LEU A 86 37.43 10.30 -0.85
CA LEU A 86 36.36 9.70 -1.65
C LEU A 86 36.75 8.39 -2.31
N GLY A 87 38.03 8.19 -2.58
CA GLY A 87 38.51 7.02 -3.28
C GLY A 87 39.23 7.27 -4.59
N PHE A 88 39.60 8.51 -4.89
CA PHE A 88 40.35 8.83 -6.09
C PHE A 88 41.38 9.90 -5.77
N GLU A 89 42.29 10.13 -6.72
CA GLU A 89 43.47 10.95 -6.45
C GLU A 89 43.10 12.40 -6.18
N THR A 90 42.22 12.98 -6.99
CA THR A 90 41.91 14.40 -6.90
C THR A 90 41.32 14.78 -5.54
N ALA A 91 40.80 13.83 -4.78
CA ALA A 91 40.26 14.10 -3.46
C ALA A 91 41.18 13.59 -2.37
N ASP A 92 41.79 12.41 -2.58
CA ASP A 92 42.63 11.82 -1.56
C ASP A 92 43.93 12.59 -1.38
N ARG A 93 44.60 12.93 -2.49
CA ARG A 93 45.88 13.61 -2.42
C ARG A 93 45.77 15.06 -1.99
N TYR A 94 44.60 15.68 -2.17
CA TYR A 94 44.42 17.09 -1.87
C TYR A 94 43.69 17.35 -0.56
N GLY A 95 43.14 16.33 0.07
CA GLY A 95 42.44 16.51 1.34
C GLY A 95 41.31 17.51 1.27
N ARG A 96 40.52 17.46 0.20
CA ARG A 96 39.43 18.40 -0.01
C ARG A 96 38.09 17.90 0.53
N TYR A 97 38.09 16.87 1.38
CA TYR A 97 36.86 16.28 1.86
C TYR A 97 37.04 15.83 3.31
N LEU A 98 36.00 16.05 4.12
CA LEU A 98 35.98 15.57 5.49
C LEU A 98 34.52 15.39 5.89
N GLN A 99 34.19 14.18 6.37
CA GLN A 99 32.82 13.83 6.70
C GLN A 99 32.73 13.41 8.16
N ALA A 100 31.81 14.01 8.90
CA ALA A 100 31.54 13.64 10.27
C ALA A 100 30.21 12.89 10.34
N ASP A 101 30.23 11.71 10.92
CA ASP A 101 29.07 10.85 10.98
C ASP A 101 28.29 11.11 12.26
N PHE A 102 27.07 11.60 12.10
CA PHE A 102 26.13 11.79 13.20
C PHE A 102 25.01 10.75 13.09
N ASP A 103 24.03 10.86 13.98
CA ASP A 103 22.89 9.97 13.94
C ASP A 103 22.01 10.28 12.73
N LYS A 104 21.74 9.26 11.93
CA LYS A 104 20.85 9.34 10.77
C LYS A 104 21.37 10.24 9.66
N VAL A 105 21.97 11.37 10.03
CA VAL A 105 22.45 12.35 9.06
C VAL A 105 23.97 12.43 9.12
N SER A 106 24.60 12.66 7.97
CA SER A 106 26.04 12.76 7.85
C SER A 106 26.38 14.11 7.21
N ILE A 107 27.20 14.89 7.91
CA ILE A 107 27.62 16.21 7.46
C ILE A 107 29.03 16.08 6.88
N ALA A 108 29.20 16.52 5.64
CA ALA A 108 30.46 16.36 4.93
C ALA A 108 30.86 17.68 4.30
N THR A 109 32.08 18.15 4.60
CA THR A 109 32.63 19.32 3.95
C THR A 109 33.29 18.90 2.64
N LEU A 110 33.14 19.74 1.61
CA LEU A 110 33.67 19.43 0.29
C LEU A 110 34.28 20.68 -0.30
N LEU A 111 35.37 20.52 -1.05
CA LEU A 111 36.05 21.63 -1.69
C LEU A 111 36.45 21.22 -3.10
N LEU A 112 36.10 22.05 -4.07
CA LEU A 112 36.45 21.82 -5.46
C LEU A 112 37.55 22.78 -5.90
N PRO A 113 38.33 22.40 -6.92
CA PRO A 113 39.37 23.31 -7.41
C PRO A 113 38.76 24.60 -7.95
N SER A 114 39.56 25.66 -7.90
CA SER A 114 39.08 26.95 -8.39
C SER A 114 38.82 26.92 -9.89
N GLY A 115 39.67 26.23 -10.64
CA GLY A 115 39.53 26.15 -12.08
C GLY A 115 39.93 27.39 -12.85
N GLN A 116 40.23 28.49 -12.15
CA GLN A 116 40.63 29.73 -12.80
C GLN A 116 42.14 29.85 -12.96
N SER A 117 42.91 29.00 -12.28
CA SER A 117 44.37 29.09 -12.32
C SER A 117 44.96 28.19 -13.40
N GLY A 118 44.47 28.33 -14.63
CA GLY A 118 45.05 27.64 -15.77
C GLY A 118 44.16 26.54 -16.32
N ASP A 119 44.49 26.14 -17.55
CA ASP A 119 43.76 25.06 -18.20
C ASP A 119 43.98 23.75 -17.48
N GLU A 120 45.17 23.55 -16.90
CA GLU A 120 45.40 22.37 -16.08
C GLU A 120 44.49 22.36 -14.86
N SER A 121 44.30 23.52 -14.22
CA SER A 121 43.37 23.60 -13.09
C SER A 121 41.94 23.34 -13.54
N LEU A 122 41.57 23.83 -14.72
CA LEU A 122 40.23 23.56 -15.24
C LEU A 122 40.02 22.08 -15.51
N ASN A 123 41.03 21.42 -16.07
CA ASN A 123 40.92 19.98 -16.34
C ASN A 123 40.84 19.19 -15.04
N GLN A 124 41.64 19.58 -14.04
CA GLN A 124 41.55 18.93 -12.74
C GLN A 124 40.17 19.13 -12.12
N LYS A 125 39.60 20.33 -12.28
CA LYS A 125 38.27 20.60 -11.75
C LYS A 125 37.22 19.75 -12.45
N PHE A 126 37.34 19.59 -13.77
CA PHE A 126 36.40 18.74 -14.50
C PHE A 126 36.53 17.29 -14.08
N LYS A 127 37.76 16.81 -13.88
CA LYS A 127 37.96 15.44 -13.41
C LYS A 127 37.36 15.24 -12.02
N PHE A 128 37.56 16.22 -11.14
CA PHE A 128 36.97 16.16 -9.80
C PHE A 128 35.44 16.13 -9.88
N MET A 129 34.88 16.94 -10.78
CA MET A 129 33.42 16.96 -10.94
C MET A 129 32.90 15.61 -11.42
N ASP A 130 33.58 15.00 -12.40
CA ASP A 130 33.16 13.70 -12.90
C ASP A 130 33.27 12.63 -11.83
N ASP A 131 34.38 12.63 -11.09
CA ASP A 131 34.57 11.64 -10.04
C ASP A 131 33.54 11.81 -8.93
N PHE A 132 33.21 13.05 -8.58
CA PHE A 132 32.20 13.29 -7.56
C PHE A 132 30.80 12.92 -8.06
N THR A 133 30.54 13.09 -9.36
CA THR A 133 29.28 12.64 -9.92
C THR A 133 29.16 11.12 -9.81
N HIS A 134 30.24 10.40 -10.13
CA HIS A 134 30.24 8.95 -9.97
C HIS A 134 30.03 8.56 -8.51
N TYR A 135 30.71 9.26 -7.60
CA TYR A 135 30.56 8.98 -6.18
C TYR A 135 29.13 9.20 -5.72
N LEU A 136 28.50 10.28 -6.17
CA LEU A 136 27.12 10.56 -5.80
C LEU A 136 26.16 9.52 -6.37
N SER A 137 26.41 9.09 -7.61
CA SER A 137 25.58 8.03 -8.18
C SER A 137 25.71 6.73 -7.40
N LYS A 138 26.90 6.44 -6.88
CA LYS A 138 27.07 5.25 -6.06
C LYS A 138 26.50 5.44 -4.65
N GLN A 139 26.48 6.68 -4.17
CA GLN A 139 26.11 6.93 -2.77
C GLN A 139 24.62 7.13 -2.60
N ARG A 140 23.91 7.52 -3.66
CA ARG A 140 22.48 7.77 -3.54
C ARG A 140 21.67 6.53 -3.18
N ARG A 141 22.31 5.36 -3.10
CA ARG A 141 21.60 4.13 -2.73
C ARG A 141 21.53 3.94 -1.22
N LYS A 142 22.28 4.72 -0.44
CA LYS A 142 22.28 4.57 1.00
C LYS A 142 21.02 5.18 1.61
N ARG A 143 20.74 4.79 2.85
CA ARG A 143 19.56 5.29 3.55
CA ARG A 143 19.56 5.28 3.55
C ARG A 143 19.86 6.54 4.37
N ARG A 144 21.06 6.63 4.92
CA ARG A 144 21.42 7.78 5.74
C ARG A 144 21.48 9.05 4.88
N GLU A 145 21.15 10.17 5.52
CA GLU A 145 21.09 11.45 4.83
C GLU A 145 22.45 12.14 4.85
N TYR A 146 22.77 12.83 3.76
CA TYR A 146 24.04 13.49 3.60
C TYR A 146 23.84 14.99 3.41
N ILE A 147 24.69 15.78 4.07
CA ILE A 147 24.69 17.24 3.94
C ILE A 147 26.06 17.63 3.42
N TYR A 148 26.14 17.97 2.13
CA TYR A 148 27.40 18.33 1.49
C TYR A 148 27.51 19.85 1.45
N CYS A 149 28.24 20.40 2.44
CA CYS A 149 28.47 21.83 2.50
C CYS A 149 29.68 22.18 1.63
N GLY A 150 29.54 21.88 0.34
CA GLY A 150 30.66 21.99 -0.58
C GLY A 150 30.68 23.25 -1.41
N SER A 151 31.78 23.99 -1.33
CA SER A 151 32.01 25.16 -2.17
C SER A 151 32.48 24.66 -3.54
N LEU A 152 31.53 24.40 -4.43
CA LEU A 152 31.84 23.82 -5.73
C LEU A 152 32.47 24.82 -6.69
N TYR A 153 32.53 26.09 -6.34
CA TYR A 153 33.14 27.14 -7.17
C TYR A 153 32.49 27.22 -8.55
N VAL A 154 31.20 26.86 -8.64
CA VAL A 154 30.45 26.93 -9.88
C VAL A 154 29.05 27.40 -9.56
N ALA A 155 28.58 28.42 -10.28
CA ALA A 155 27.22 28.92 -10.11
C ALA A 155 26.25 28.06 -10.90
N HIS A 156 24.99 28.05 -10.46
CA HIS A 156 24.00 27.17 -11.08
C HIS A 156 23.22 27.88 -12.18
N GLN A 157 22.53 28.97 -11.84
CA GLN A 157 21.65 29.66 -12.77
C GLN A 157 22.06 31.13 -12.87
N LYS A 158 21.37 31.84 -13.77
CA LYS A 158 21.64 33.26 -13.96
C LYS A 158 21.30 34.05 -12.70
N MET A 159 20.34 33.57 -11.91
CA MET A 159 19.98 34.25 -10.67
CA MET A 159 19.98 34.25 -10.67
C MET A 159 21.10 34.21 -9.64
N ASP A 160 22.07 33.32 -9.80
CA ASP A 160 23.19 33.20 -8.88
C ASP A 160 24.39 34.04 -9.29
N VAL A 161 24.29 34.80 -10.39
CA VAL A 161 25.37 35.63 -10.89
C VAL A 161 24.83 36.99 -11.26
N LYS A 162 25.74 37.91 -11.56
CA LYS A 162 25.42 39.24 -12.05
C LYS A 162 26.16 39.49 -13.35
N ASN A 163 25.45 40.03 -14.34
CA ASN A 163 25.98 40.23 -15.69
C ASN A 163 26.46 38.89 -16.27
N TRP A 164 25.50 37.98 -16.43
CA TRP A 164 25.82 36.64 -16.91
C TRP A 164 26.36 36.65 -18.32
N ARG A 165 26.00 37.64 -19.13
CA ARG A 165 26.48 37.74 -20.50
C ARG A 165 27.97 38.11 -20.53
N CYS A 167 30.10 36.15 -17.44
CA CYS A 167 30.16 35.02 -16.54
C CYS A 167 30.31 33.71 -17.32
N GLN A 168 29.60 33.62 -18.45
CA GLN A 168 29.66 32.41 -19.26
C GLN A 168 31.02 32.21 -19.90
N GLN A 169 31.77 33.30 -20.08
CA GLN A 169 33.10 33.24 -20.68
C GLN A 169 34.21 33.13 -19.64
N MET A 170 33.87 32.89 -18.38
CA MET A 170 34.84 32.77 -17.31
C MET A 170 34.54 31.54 -16.46
N PRO A 171 35.56 30.93 -15.86
CA PRO A 171 35.34 29.76 -15.00
C PRO A 171 34.43 30.07 -13.82
N GLY A 172 33.38 29.26 -13.65
CA GLY A 172 32.41 29.50 -12.60
C GLY A 172 31.00 29.45 -13.13
N PHE A 173 30.84 29.73 -14.43
CA PHE A 173 29.51 29.67 -15.05
C PHE A 173 29.57 29.01 -16.43
N LEU A 174 30.52 28.12 -16.67
CA LEU A 174 30.66 27.49 -17.99
C LEU A 174 29.50 26.54 -18.26
N ALA A 175 29.27 26.28 -19.55
CA ALA A 175 28.19 25.40 -19.99
C ALA A 175 28.33 23.98 -19.44
N PRO A 176 29.50 23.34 -19.51
CA PRO A 176 29.60 21.98 -18.93
C PRO A 176 29.42 21.97 -17.43
N GLU A 177 29.89 22.99 -16.72
CA GLU A 177 29.70 23.04 -15.27
C GLU A 177 28.22 23.22 -14.92
N ARG A 178 27.52 24.08 -15.67
CA ARG A 178 26.09 24.25 -15.44
C ARG A 178 25.34 22.96 -15.74
N ALA A 179 25.74 22.25 -16.80
CA ALA A 179 25.10 20.98 -17.11
C ALA A 179 25.37 19.95 -16.02
N TRP A 180 26.57 19.96 -15.44
CA TRP A 180 26.89 19.05 -14.34
C TRP A 180 26.03 19.35 -13.12
N LEU A 181 25.88 20.64 -12.79
CA LEU A 181 25.04 21.00 -11.65
C LEU A 181 23.58 20.63 -11.90
N ASP A 182 23.08 20.84 -13.13
CA ASP A 182 21.73 20.44 -13.45
C ASP A 182 21.55 18.94 -13.34
N GLU A 183 22.52 18.17 -13.81
CA GLU A 183 22.46 16.71 -13.66
C GLU A 183 22.41 16.32 -12.19
N VAL A 184 23.27 16.92 -11.37
CA VAL A 184 23.32 16.59 -9.95
C VAL A 184 22.00 16.92 -9.28
N PHE A 185 21.41 18.06 -9.62
CA PHE A 185 20.20 18.51 -8.94
C PHE A 185 18.94 17.87 -9.51
N GLY A 186 19.02 17.25 -10.68
CA GLY A 186 17.84 16.63 -11.25
C GLY A 186 17.88 15.11 -11.26
N ASN A 187 18.85 14.54 -11.98
CA ASN A 187 18.92 13.09 -12.12
C ASN A 187 19.27 12.43 -10.79
N LEU A 188 20.20 13.02 -10.05
CA LEU A 188 20.60 12.45 -8.76
C LEU A 188 19.61 12.77 -7.65
N GLY A 189 18.76 13.77 -7.84
CA GLY A 189 17.72 14.08 -6.87
C GLY A 189 18.17 14.92 -5.69
N TYR A 190 19.35 15.52 -5.76
CA TYR A 190 19.82 16.37 -4.68
C TYR A 190 19.16 17.75 -4.74
N ALA A 191 18.90 18.31 -3.58
CA ALA A 191 18.22 19.61 -3.47
C ALA A 191 19.14 20.61 -2.78
N ASP A 192 19.22 21.81 -3.34
CA ASP A 192 20.02 22.89 -2.77
C ASP A 192 19.33 23.40 -1.51
N ALA A 193 20.11 23.67 -0.48
CA ALA A 193 19.54 24.10 0.79
C ALA A 193 18.91 25.49 0.69
N LEU A 194 19.61 26.43 0.05
CA LEU A 194 19.13 27.81 0.02
C LEU A 194 17.96 27.97 -0.93
N ARG A 195 18.00 27.28 -2.08
CA ARG A 195 16.96 27.44 -3.09
C ARG A 195 15.65 26.78 -2.72
N GLU A 196 15.63 25.93 -1.68
CA GLU A 196 14.38 25.30 -1.27
C GLU A 196 13.51 26.21 -0.43
N VAL A 197 14.03 27.37 0.00
CA VAL A 197 13.26 28.29 0.83
C VAL A 197 13.20 29.70 0.28
N SER A 198 14.08 30.09 -0.65
CA SER A 198 14.09 31.45 -1.19
C SER A 198 14.63 31.43 -2.60
N ARG A 199 13.80 31.82 -3.56
CA ARG A 199 14.21 31.96 -4.96
C ARG A 199 14.44 33.42 -5.32
N GLU A 200 15.20 34.13 -4.50
CA GLU A 200 15.45 35.56 -4.69
C GLU A 200 16.87 35.78 -5.19
N GLY A 201 17.03 36.83 -5.99
CA GLY A 201 18.32 37.17 -6.54
C GLY A 201 19.19 37.94 -5.56
N ASP A 202 20.36 38.34 -6.06
CA ASP A 202 21.37 39.12 -5.35
C ASP A 202 21.97 38.38 -4.15
N GLN A 203 21.63 37.10 -3.95
CA GLN A 203 22.19 36.31 -2.85
C GLN A 203 23.44 35.59 -3.36
N PHE A 204 24.48 36.38 -3.63
CA PHE A 204 25.74 35.86 -4.13
C PHE A 204 26.62 35.43 -2.96
N SER A 205 27.63 34.60 -3.28
CA SER A 205 28.54 34.09 -2.27
C SER A 205 30.01 34.29 -2.58
N TRP A 206 30.36 34.76 -3.77
CA TRP A 206 31.75 34.98 -4.13
C TRP A 206 31.86 36.24 -4.97
N TRP A 207 32.91 37.02 -4.71
CA TRP A 207 33.15 38.28 -5.41
C TRP A 207 34.61 38.34 -5.84
N PRO A 208 34.88 38.78 -7.07
CA PRO A 208 36.26 38.96 -7.51
C PRO A 208 36.96 40.05 -6.70
N ASP A 209 38.28 39.95 -6.63
CA ASP A 209 39.10 40.89 -5.86
C ASP A 209 39.19 42.20 -6.63
N SER A 210 38.12 42.99 -6.53
CA SER A 210 38.06 44.29 -7.18
C SER A 210 36.98 45.13 -6.51
N GLU A 211 37.26 46.44 -6.42
CA GLU A 211 36.31 47.34 -5.77
C GLU A 211 35.02 47.46 -6.58
N GLN A 212 35.12 47.33 -7.90
CA GLN A 212 33.92 47.41 -8.74
C GLN A 212 32.96 46.26 -8.45
N ALA A 213 33.52 45.06 -8.23
CA ALA A 213 32.67 43.91 -7.91
C ALA A 213 31.96 44.09 -6.57
N GLU A 214 32.60 44.75 -5.61
CA GLU A 214 31.96 44.99 -4.32
C GLU A 214 30.90 46.08 -4.43
N MET A 215 31.22 47.16 -5.15
CA MET A 215 30.28 48.27 -5.26
C MET A 215 29.09 47.91 -6.15
N LEU A 216 29.36 47.34 -7.33
CA LEU A 216 28.31 47.01 -8.28
C LEU A 216 27.65 45.67 -8.01
N ASN A 217 28.10 44.94 -6.98
CA ASN A 217 27.54 43.64 -6.60
C ASN A 217 27.62 42.65 -7.77
N LEU A 218 28.81 42.53 -8.33
CA LEU A 218 29.05 41.56 -9.39
C LEU A 218 29.48 40.22 -8.80
N GLY A 219 28.65 39.66 -7.92
CA GLY A 219 29.02 38.46 -7.20
C GLY A 219 28.46 37.19 -7.80
N TRP A 220 29.10 36.08 -7.46
CA TRP A 220 28.69 34.75 -7.89
C TRP A 220 28.42 33.88 -6.67
N ARG A 221 27.53 32.91 -6.84
CA ARG A 221 27.16 32.00 -5.75
C ARG A 221 28.00 30.73 -5.88
N PHE A 222 29.11 30.68 -5.15
CA PHE A 222 29.99 29.53 -5.16
C PHE A 222 29.73 28.58 -4.01
N ASP A 223 29.03 29.01 -2.96
CA ASP A 223 28.79 28.21 -1.78
C ASP A 223 27.47 27.46 -1.91
N TYR A 224 27.48 26.19 -1.54
CA TYR A 224 26.30 25.34 -1.61
C TYR A 224 26.27 24.41 -0.41
N GLN A 225 25.06 24.02 -0.02
CA GLN A 225 24.83 22.96 0.94
C GLN A 225 23.92 21.93 0.28
N VAL A 226 24.54 20.95 -0.38
CA VAL A 226 23.81 19.94 -1.14
C VAL A 226 23.20 18.94 -0.18
N LEU A 227 21.88 18.81 -0.25
CA LEU A 227 21.13 17.93 0.64
C LEU A 227 20.53 16.78 -0.13
N THR A 228 20.49 15.61 0.51
CA THR A 228 19.79 14.47 -0.06
C THR A 228 18.30 14.78 -0.18
N PRO A 229 17.58 14.11 -1.08
CA PRO A 229 16.14 14.40 -1.22
C PRO A 229 15.34 14.18 0.05
N GLY A 230 15.89 13.49 1.04
CA GLY A 230 15.19 13.27 2.29
C GLY A 230 15.16 14.47 3.21
N LEU A 231 16.09 15.42 3.02
CA LEU A 231 16.19 16.57 3.90
C LEU A 231 15.73 17.87 3.26
N ARG A 232 15.16 17.83 2.05
CA ARG A 232 14.76 19.05 1.38
C ARG A 232 13.63 19.75 2.13
N ARG A 233 12.79 18.98 2.82
CA ARG A 233 11.65 19.56 3.53
C ARG A 233 12.04 20.18 4.86
N PHE A 234 13.17 19.77 5.44
CA PHE A 234 13.56 20.24 6.77
C PHE A 234 14.32 21.56 6.75
N VAL A 235 14.41 22.23 5.60
CA VAL A 235 15.11 23.51 5.54
C VAL A 235 14.25 24.57 6.20
N ARG A 236 14.81 25.28 7.18
CA ARG A 236 14.08 26.31 7.91
C ARG A 236 14.42 27.71 7.42
N ASN A 237 15.71 28.07 7.43
CA ASN A 237 16.13 29.40 7.02
C ASN A 237 17.41 29.30 6.21
N ALA A 238 17.65 30.31 5.39
CA ALA A 238 18.86 30.38 4.58
C ALA A 238 19.27 31.85 4.45
N LYS A 239 20.56 32.12 4.59
CA LYS A 239 21.06 33.49 4.57
C LYS A 239 22.45 33.50 3.95
N LEU A 240 22.81 34.65 3.36
CA LEU A 240 24.13 34.86 2.78
C LEU A 240 24.55 36.30 3.07
N PRO A 241 25.01 36.58 4.29
CA PRO A 241 25.37 37.96 4.64
C PRO A 241 26.59 38.46 3.87
N ARG A 242 26.47 39.66 3.29
CA ARG A 242 27.58 40.25 2.55
C ARG A 242 28.79 40.48 3.44
N GLN A 243 28.56 41.08 4.61
CA GLN A 243 29.62 41.36 5.57
C GLN A 243 29.28 40.71 6.90
N PRO A 244 30.26 40.46 7.78
CA PRO A 244 31.70 40.74 7.66
C PRO A 244 32.52 39.53 7.19
N ARG A 245 32.34 39.13 5.93
CA ARG A 245 33.09 38.00 5.39
C ARG A 245 34.58 38.27 5.46
N PHE A 246 35.35 37.23 5.79
CA PHE A 246 36.79 37.34 5.98
C PHE A 246 37.57 36.72 4.82
N SER A 247 36.95 36.57 3.66
CA SER A 247 37.60 35.99 2.50
C SER A 247 36.83 36.40 1.26
N GLN A 248 37.11 35.73 0.14
CA GLN A 248 36.38 35.97 -1.10
C GLN A 248 35.03 35.25 -1.13
N HIS A 249 34.67 34.54 -0.06
CA HIS A 249 33.42 33.80 0.03
C HIS A 249 32.69 34.23 1.29
N ALA A 250 31.43 34.63 1.15
CA ALA A 250 30.60 35.02 2.28
C ALA A 250 30.12 33.78 3.02
N PRO A 251 29.96 33.86 4.35
CA PRO A 251 29.45 32.69 5.09
C PRO A 251 28.04 32.35 4.67
N LEU A 252 27.75 31.05 4.61
CA LEU A 252 26.44 30.53 4.23
C LEU A 252 25.84 29.85 5.45
N ILE A 253 24.87 30.51 6.08
CA ILE A 253 24.20 29.98 7.27
C ILE A 253 22.86 29.41 6.85
N VAL A 254 22.62 28.14 7.19
CA VAL A 254 21.36 27.46 6.90
C VAL A 254 20.87 26.78 8.17
N ASP A 255 19.60 26.98 8.48
CA ASP A 255 18.96 26.37 9.63
C ASP A 255 18.09 25.21 9.19
N TYR A 256 18.01 24.18 10.05
CA TYR A 256 17.25 22.98 9.76
C TYR A 256 16.34 22.63 10.91
N ASP A 257 15.20 22.02 10.59
CA ASP A 257 14.28 21.53 11.60
C ASP A 257 14.70 20.13 12.04
N TRP A 258 15.88 20.02 12.64
CA TRP A 258 16.43 18.72 13.03
C TRP A 258 17.14 18.88 14.36
N GLN A 259 17.01 17.86 15.22
CA GLN A 259 17.69 17.82 16.50
C GLN A 259 18.88 16.88 16.40
N LEU A 260 20.08 17.44 16.51
CA LEU A 260 21.30 16.64 16.35
C LEU A 260 21.55 15.80 17.59
N SER A 261 21.89 14.53 17.36
CA SER A 261 22.16 13.60 18.45
C SER A 261 23.28 12.66 18.02
N ILE A 262 23.93 12.06 19.02
CA ILE A 262 25.03 11.14 18.75
C ILE A 262 24.72 9.77 19.32
N HIS B 5 1.05 -15.12 17.89
CA HIS B 5 2.03 -14.14 17.44
C HIS B 5 3.43 -14.73 17.40
N SER B 6 3.51 -16.07 17.43
CA SER B 6 4.81 -16.73 17.39
C SER B 6 5.41 -16.73 16.00
N LEU B 7 4.60 -16.48 14.97
CA LEU B 7 5.07 -16.46 13.59
C LEU B 7 5.01 -15.07 12.96
N GLN B 8 3.95 -14.31 13.24
CA GLN B 8 3.78 -13.02 12.57
C GLN B 8 4.85 -12.02 13.00
N ASP B 9 5.06 -11.88 14.31
CA ASP B 9 6.01 -10.92 14.84
C ASP B 9 7.44 -11.22 14.41
N PRO B 10 7.94 -12.46 14.55
CA PRO B 10 9.30 -12.74 14.07
C PRO B 10 9.45 -12.56 12.57
N TYR B 11 8.44 -12.95 11.79
CA TYR B 11 8.52 -12.77 10.34
C TYR B 11 8.62 -11.30 9.96
N LEU B 12 7.76 -10.47 10.56
CA LEU B 12 7.80 -9.04 10.25
C LEU B 12 9.08 -8.41 10.75
N ASN B 13 9.59 -8.85 11.90
CA ASN B 13 10.84 -8.30 12.43
C ASN B 13 12.02 -8.67 11.54
N THR B 14 12.03 -9.89 11.00
CA THR B 14 13.07 -10.29 10.07
C THR B 14 12.98 -9.48 8.78
N LEU B 15 11.76 -9.29 8.26
CA LEU B 15 11.59 -8.50 7.05
C LEU B 15 12.03 -7.06 7.27
N ARG B 16 11.85 -6.54 8.49
CA ARG B 16 12.27 -5.18 8.79
C ARG B 16 13.79 -5.08 8.88
N LYS B 17 14.41 -6.00 9.63
CA LYS B 17 15.84 -5.92 9.86
C LYS B 17 16.63 -6.19 8.59
N GLU B 18 16.18 -7.15 7.78
CA GLU B 18 16.89 -7.49 6.55
C GLU B 18 16.64 -6.51 5.43
N ARG B 19 15.71 -5.56 5.60
CA ARG B 19 15.40 -4.54 4.60
C ARG B 19 15.03 -5.17 3.26
N VAL B 20 14.32 -6.28 3.32
CA VAL B 20 13.91 -6.97 2.09
C VAL B 20 12.69 -6.26 1.50
N PRO B 21 12.71 -5.91 0.22
CA PRO B 21 11.50 -5.34 -0.40
C PRO B 21 10.38 -6.37 -0.42
N VAL B 22 9.24 -6.00 0.16
CA VAL B 22 8.11 -6.91 0.30
C VAL B 22 6.94 -6.38 -0.52
N SER B 23 6.17 -7.32 -1.08
CA SER B 23 4.95 -6.99 -1.79
C SER B 23 3.76 -7.33 -0.90
N ILE B 24 3.03 -6.29 -0.50
CA ILE B 24 1.87 -6.44 0.38
C ILE B 24 0.62 -6.34 -0.46
N TYR B 25 -0.19 -7.40 -0.45
CA TYR B 25 -1.42 -7.45 -1.23
C TYR B 25 -2.62 -7.27 -0.29
N LEU B 26 -3.50 -6.34 -0.64
CA LEU B 26 -4.67 -6.06 0.16
C LEU B 26 -5.77 -7.06 -0.14
N VAL B 27 -6.88 -6.97 0.62
CA VAL B 27 -7.98 -7.90 0.45
C VAL B 27 -8.68 -7.70 -0.88
N ASN B 28 -8.71 -6.46 -1.37
CA ASN B 28 -9.38 -6.15 -2.64
C ASN B 28 -8.49 -6.35 -3.85
N GLY B 29 -7.22 -6.71 -3.67
CA GLY B 29 -6.35 -7.09 -4.76
C GLY B 29 -5.33 -6.04 -5.19
N ILE B 30 -5.31 -4.87 -4.57
CA ILE B 30 -4.34 -3.85 -4.92
C ILE B 30 -2.97 -4.25 -4.38
N LYS B 31 -1.95 -4.18 -5.24
CA LYS B 31 -0.60 -4.59 -4.89
C LYS B 31 0.18 -3.38 -4.39
N LEU B 32 0.77 -3.51 -3.21
CA LEU B 32 1.66 -2.49 -2.65
C LEU B 32 3.09 -3.02 -2.61
N GLN B 33 4.04 -2.10 -2.65
CA GLN B 33 5.45 -2.45 -2.65
C GLN B 33 6.22 -1.50 -1.75
N GLY B 34 7.33 -1.98 -1.21
CA GLY B 34 8.18 -1.17 -0.37
C GLY B 34 8.85 -2.02 0.70
N GLN B 35 9.43 -1.33 1.68
CA GLN B 35 10.11 -1.96 2.81
C GLN B 35 9.37 -1.64 4.09
N ILE B 36 9.28 -2.63 4.98
CA ILE B 36 8.60 -2.43 6.25
C ILE B 36 9.49 -1.60 7.17
N GLU B 37 9.01 -0.42 7.57
CA GLU B 37 9.75 0.46 8.44
C GLU B 37 9.55 0.11 9.91
N SER B 38 8.30 -0.16 10.29
CA SER B 38 7.97 -0.53 11.66
C SER B 38 6.55 -1.08 11.66
N PHE B 39 6.17 -1.71 12.76
CA PHE B 39 4.87 -2.33 12.87
C PHE B 39 4.54 -2.53 14.34
N ASP B 40 3.32 -3.00 14.59
CA ASP B 40 2.86 -3.31 15.94
C ASP B 40 1.80 -4.40 15.84
N GLN B 41 0.71 -4.24 16.59
CA GLN B 41 -0.34 -5.25 16.59
C GLN B 41 -1.38 -5.03 15.50
N PHE B 42 -1.55 -3.80 15.03
CA PHE B 42 -2.64 -3.48 14.10
C PHE B 42 -2.21 -2.85 12.79
N VAL B 43 -1.07 -2.17 12.73
CA VAL B 43 -0.67 -1.44 11.53
C VAL B 43 0.74 -1.86 11.11
N ILE B 44 1.01 -1.68 9.82
CA ILE B 44 2.32 -1.95 9.23
C ILE B 44 2.70 -0.74 8.38
N LEU B 45 3.77 -0.06 8.79
CA LEU B 45 4.20 1.17 8.11
C LEU B 45 5.14 0.80 6.98
N LEU B 46 4.70 1.02 5.75
CA LEU B 46 5.47 0.68 4.56
C LEU B 46 6.29 1.88 4.09
N LYS B 47 7.50 1.61 3.61
CA LYS B 47 8.41 2.65 3.13
C LYS B 47 8.68 2.40 1.64
N ASN B 48 8.21 3.32 0.80
CA ASN B 48 8.48 3.25 -0.63
C ASN B 48 8.79 4.64 -1.16
N THR B 49 8.02 5.09 -2.17
CA THR B 49 8.16 6.46 -2.64
C THR B 49 7.68 7.44 -1.58
N VAL B 50 6.57 7.14 -0.91
CA VAL B 50 6.04 7.96 0.16
C VAL B 50 5.66 7.05 1.32
N SER B 51 6.08 7.42 2.53
CA SER B 51 5.78 6.61 3.71
C SER B 51 4.29 6.64 4.00
N GLN B 52 3.67 5.46 4.01
CA GLN B 52 2.24 5.34 4.22
C GLN B 52 1.94 4.13 5.10
N MET B 53 1.01 4.31 6.03
CA MET B 53 0.67 3.26 6.99
C MET B 53 -0.40 2.35 6.42
N VAL B 54 -0.18 1.04 6.53
CA VAL B 54 -1.12 0.03 6.04
C VAL B 54 -1.65 -0.73 7.25
N TYR B 55 -2.97 -0.85 7.34
CA TYR B 55 -3.60 -1.55 8.44
C TYR B 55 -3.53 -3.06 8.22
N LYS B 56 -3.39 -3.82 9.30
CA LYS B 56 -3.22 -5.26 9.18
C LYS B 56 -4.52 -5.94 8.76
N HIS B 57 -5.67 -5.47 9.27
CA HIS B 57 -6.93 -6.12 8.97
C HIS B 57 -7.34 -5.99 7.51
N ALA B 58 -6.56 -5.28 6.69
CA ALA B 58 -6.80 -5.21 5.26
C ALA B 58 -5.73 -5.92 4.44
N ILE B 59 -4.72 -6.47 5.08
CA ILE B 59 -3.65 -7.18 4.37
C ILE B 59 -4.06 -8.63 4.16
N SER B 60 -3.85 -9.12 2.94
CA SER B 60 -4.13 -10.51 2.60
C SER B 60 -2.87 -11.38 2.59
N THR B 61 -1.88 -11.00 1.79
CA THR B 61 -0.64 -11.76 1.68
C THR B 61 0.54 -10.80 1.67
N VAL B 62 1.66 -11.27 2.22
CA VAL B 62 2.91 -10.53 2.22
C VAL B 62 3.96 -11.38 1.52
N VAL B 63 4.39 -10.93 0.34
CA VAL B 63 5.29 -11.68 -0.52
C VAL B 63 6.61 -10.94 -0.61
N PRO B 64 7.63 -11.37 0.15
CA PRO B 64 8.94 -10.73 0.02
C PRO B 64 9.57 -11.03 -1.33
N SER B 65 10.49 -10.16 -1.75
CA SER B 65 11.16 -10.34 -3.04
C SER B 65 12.17 -11.48 -3.00
N ARG B 66 12.74 -11.78 -1.85
CA ARG B 66 13.66 -12.90 -1.68
C ARG B 66 13.26 -13.70 -0.46
N PRO B 67 13.41 -15.02 -0.49
CA PRO B 67 12.88 -15.86 0.59
C PRO B 67 13.57 -15.60 1.92
N VAL B 68 12.82 -15.87 2.99
CA VAL B 68 13.34 -15.80 4.35
C VAL B 68 12.87 -17.03 5.10
N ARG B 69 13.66 -17.46 6.07
CA ARG B 69 13.37 -18.68 6.82
C ARG B 69 13.59 -18.44 8.30
N LEU B 70 12.75 -19.07 9.12
CA LEU B 70 12.85 -18.96 10.56
C LEU B 70 13.53 -20.19 11.17
N HIS C 5 -2.15 1.70 19.20
CA HIS C 5 -1.34 0.74 19.93
C HIS C 5 0.05 1.30 20.22
N SER C 6 1.06 0.79 19.50
CA SER C 6 2.43 1.20 19.77
C SER C 6 2.81 2.43 18.97
N LEU C 7 2.68 2.36 17.64
CA LEU C 7 3.13 3.46 16.78
C LEU C 7 1.98 4.13 16.03
N GLN C 8 0.85 3.45 15.84
CA GLN C 8 -0.25 4.04 15.09
C GLN C 8 -0.84 5.23 15.83
N ASP C 9 -0.88 5.16 17.17
CA ASP C 9 -1.36 6.30 17.94
C ASP C 9 -0.42 7.49 17.84
N PRO C 10 0.90 7.34 18.05
CA PRO C 10 1.79 8.48 17.78
C PRO C 10 1.80 8.91 16.32
N TYR C 11 1.60 7.99 15.39
CA TYR C 11 1.53 8.36 13.97
C TYR C 11 0.35 9.28 13.71
N LEU C 12 -0.84 8.89 14.16
CA LEU C 12 -2.02 9.74 13.98
C LEU C 12 -1.89 11.04 14.78
N ASN C 13 -1.24 10.98 15.94
CA ASN C 13 -1.06 12.20 16.72
C ASN C 13 -0.15 13.18 16.00
N THR C 14 0.91 12.69 15.38
CA THR C 14 1.78 13.55 14.59
C THR C 14 1.04 14.12 13.37
N LEU C 15 0.27 13.27 12.69
CA LEU C 15 -0.49 13.74 11.53
C LEU C 15 -1.51 14.79 11.94
N ARG C 16 -2.04 14.70 13.16
CA ARG C 16 -2.99 15.69 13.65
C ARG C 16 -2.28 16.99 14.02
N LYS C 17 -1.18 16.89 14.75
CA LYS C 17 -0.48 18.09 15.21
C LYS C 17 0.11 18.87 14.05
N GLU C 18 0.68 18.17 13.06
CA GLU C 18 1.25 18.85 11.90
C GLU C 18 0.21 19.25 10.87
N ARG C 19 -1.03 18.78 11.00
CA ARG C 19 -2.13 19.14 10.10
C ARG C 19 -1.77 18.81 8.65
N VAL C 20 -1.16 17.66 8.45
CA VAL C 20 -0.74 17.26 7.09
C VAL C 20 -1.95 16.69 6.34
N PRO C 21 -2.23 17.15 5.13
CA PRO C 21 -3.29 16.52 4.33
C PRO C 21 -2.88 15.11 3.92
N VAL C 22 -3.74 14.15 4.24
CA VAL C 22 -3.45 12.74 3.98
C VAL C 22 -4.53 12.17 3.07
N SER C 23 -4.16 11.10 2.37
CA SER C 23 -5.12 10.35 1.56
C SER C 23 -5.44 9.05 2.28
N ILE C 24 -6.72 8.87 2.62
CA ILE C 24 -7.18 7.69 3.34
C ILE C 24 -7.94 6.80 2.35
N TYR C 25 -7.42 5.61 2.12
CA TYR C 25 -8.03 4.65 1.21
C TYR C 25 -8.92 3.69 1.99
N LEU C 26 -10.09 3.40 1.44
CA LEU C 26 -11.01 2.47 2.07
C LEU C 26 -10.78 1.06 1.56
N VAL C 27 -11.46 0.10 2.19
CA VAL C 27 -11.28 -1.30 1.84
C VAL C 27 -11.80 -1.59 0.43
N ASN C 28 -12.84 -0.87 0.00
CA ASN C 28 -13.40 -1.09 -1.32
C ASN C 28 -12.63 -0.37 -2.43
N GLY C 29 -11.57 0.35 -2.09
CA GLY C 29 -10.76 1.03 -3.07
C GLY C 29 -11.04 2.52 -3.21
N ILE C 30 -12.03 3.05 -2.50
CA ILE C 30 -12.35 4.47 -2.59
C ILE C 30 -11.33 5.28 -1.80
N LYS C 31 -10.85 6.35 -2.41
CA LYS C 31 -9.83 7.21 -1.81
C LYS C 31 -10.47 8.45 -1.22
N LEU C 32 -10.17 8.73 0.04
CA LEU C 32 -10.60 9.96 0.70
C LEU C 32 -9.41 10.89 0.91
N GLN C 33 -9.72 12.17 1.15
CA GLN C 33 -8.69 13.16 1.40
C GLN C 33 -9.16 14.08 2.52
N GLY C 34 -8.19 14.68 3.21
CA GLY C 34 -8.51 15.61 4.27
C GLY C 34 -7.46 15.55 5.37
N GLN C 35 -7.85 16.07 6.53
CA GLN C 35 -6.98 16.13 7.70
C GLN C 35 -7.63 15.39 8.86
N ILE C 36 -6.81 14.85 9.75
CA ILE C 36 -7.32 14.19 10.94
C ILE C 36 -7.60 15.24 12.01
N GLU C 37 -8.85 15.32 12.45
CA GLU C 37 -9.23 16.24 13.52
C GLU C 37 -9.02 15.62 14.90
N SER C 38 -9.46 14.38 15.08
CA SER C 38 -9.27 13.65 16.32
C SER C 38 -9.55 12.18 16.05
N PHE C 39 -9.15 11.33 17.00
CA PHE C 39 -9.30 9.90 16.82
C PHE C 39 -9.29 9.24 18.18
N ASP C 40 -9.64 7.95 18.19
CA ASP C 40 -9.63 7.14 19.40
C ASP C 40 -9.09 5.76 19.03
N GLN C 41 -9.81 4.71 19.41
CA GLN C 41 -9.38 3.36 19.09
C GLN C 41 -10.11 2.80 17.87
N PHE C 42 -11.22 3.40 17.46
CA PHE C 42 -12.05 2.83 16.40
C PHE C 42 -12.39 3.78 15.27
N VAL C 43 -12.41 5.10 15.50
CA VAL C 43 -12.84 6.06 14.49
C VAL C 43 -11.78 7.13 14.32
N ILE C 44 -11.73 7.68 13.09
CA ILE C 44 -10.82 8.76 12.73
C ILE C 44 -11.64 9.85 12.05
N LEU C 45 -11.63 11.05 12.65
CA LEU C 45 -12.45 12.15 12.15
C LEU C 45 -11.69 12.86 11.03
N LEU C 46 -11.97 12.45 9.80
CA LEU C 46 -11.46 13.17 8.65
C LEU C 46 -12.09 14.55 8.58
N LYS C 47 -11.25 15.57 8.41
CA LYS C 47 -11.68 16.96 8.57
C LYS C 47 -11.29 17.77 7.34
N ASN C 48 -12.30 18.29 6.64
CA ASN C 48 -12.08 19.29 5.59
C ASN C 48 -13.31 20.19 5.50
N THR C 49 -14.06 20.09 4.41
CA THR C 49 -15.31 20.83 4.31
C THR C 49 -16.37 20.26 5.23
N VAL C 50 -16.44 18.93 5.35
CA VAL C 50 -17.40 18.26 6.21
C VAL C 50 -16.63 17.38 7.20
N SER C 51 -16.93 17.56 8.48
CA SER C 51 -16.26 16.81 9.54
C SER C 51 -16.94 15.46 9.70
N GLN C 52 -16.55 14.53 8.85
CA GLN C 52 -17.13 13.20 8.84
C GLN C 52 -16.32 12.25 9.70
N MET C 53 -16.96 11.16 10.12
CA MET C 53 -16.30 10.13 10.91
C MET C 53 -16.03 8.91 10.05
N VAL C 54 -14.77 8.46 10.05
CA VAL C 54 -14.34 7.28 9.29
C VAL C 54 -13.97 6.19 10.28
N TYR C 55 -14.48 4.98 10.03
CA TYR C 55 -14.21 3.86 10.91
C TYR C 55 -12.87 3.23 10.57
N LYS C 56 -12.13 2.82 11.60
CA LYS C 56 -10.81 2.25 11.38
C LYS C 56 -10.90 0.90 10.67
N HIS C 57 -11.91 0.10 10.99
CA HIS C 57 -12.05 -1.22 10.40
C HIS C 57 -12.36 -1.17 8.90
N ALA C 58 -12.58 0.01 8.34
CA ALA C 58 -12.77 0.17 6.91
C ALA C 58 -11.64 0.91 6.23
N ILE C 59 -10.68 1.44 6.99
CA ILE C 59 -9.56 2.17 6.42
C ILE C 59 -8.52 1.17 5.92
N SER C 60 -8.25 1.19 4.62
CA SER C 60 -7.24 0.29 4.05
C SER C 60 -5.84 0.78 4.38
N THR C 61 -5.56 2.05 4.12
CA THR C 61 -4.23 2.61 4.34
C THR C 61 -4.32 4.12 4.41
N VAL C 62 -3.37 4.71 5.14
CA VAL C 62 -3.27 6.16 5.28
C VAL C 62 -1.99 6.61 4.59
N VAL C 63 -2.16 7.49 3.60
CA VAL C 63 -1.04 7.93 2.77
C VAL C 63 -0.87 9.44 2.89
N PRO C 64 -0.01 9.92 3.81
CA PRO C 64 0.22 11.36 3.90
C PRO C 64 0.87 11.90 2.63
N SER C 65 0.59 13.18 2.34
CA SER C 65 1.13 13.81 1.15
C SER C 65 2.59 14.21 1.29
N ARG C 66 3.07 14.41 2.50
CA ARG C 66 4.46 14.75 2.76
C ARG C 66 4.96 13.89 3.90
N PRO C 67 6.25 13.52 3.88
CA PRO C 67 6.79 12.66 4.93
C PRO C 67 6.69 13.31 6.30
N VAL C 68 6.58 12.47 7.32
CA VAL C 68 6.44 12.92 8.71
C VAL C 68 7.42 12.15 9.58
N ARG C 69 7.69 12.72 10.75
CA ARG C 69 8.59 12.12 11.74
C ARG C 69 9.97 11.84 11.15
N SER D 6 -14.33 8.37 25.01
CA SER D 6 -14.20 7.98 23.62
C SER D 6 -14.62 9.12 22.69
N LEU D 7 -14.60 8.85 21.38
CA LEU D 7 -14.97 9.84 20.38
C LEU D 7 -16.22 9.45 19.60
N GLN D 8 -16.38 8.16 19.29
CA GLN D 8 -17.52 7.71 18.49
C GLN D 8 -18.84 7.93 19.24
N ASP D 9 -18.85 7.60 20.54
CA ASP D 9 -20.07 7.72 21.34
C ASP D 9 -20.52 9.18 21.45
N PRO D 10 -19.66 10.12 21.83
CA PRO D 10 -20.12 11.53 21.88
C PRO D 10 -20.51 12.08 20.52
N TYR D 11 -19.81 11.69 19.45
CA TYR D 11 -20.17 12.14 18.11
C TYR D 11 -21.56 11.66 17.72
N LEU D 12 -21.83 10.37 17.92
CA LEU D 12 -23.15 9.84 17.59
C LEU D 12 -24.22 10.42 18.49
N ASN D 13 -23.89 10.68 19.76
CA ASN D 13 -24.86 11.29 20.66
C ASN D 13 -25.21 12.71 20.23
N THR D 14 -24.21 13.48 19.80
CA THR D 14 -24.47 14.82 19.30
C THR D 14 -25.28 14.78 18.02
N LEU D 15 -24.99 13.81 17.14
CA LEU D 15 -25.77 13.68 15.91
C LEU D 15 -27.21 13.29 16.20
N ARG D 16 -27.43 12.47 17.23
CA ARG D 16 -28.78 12.04 17.57
C ARG D 16 -29.57 13.16 18.23
N LYS D 17 -28.92 13.93 19.11
CA LYS D 17 -29.62 14.98 19.85
C LYS D 17 -30.11 16.08 18.91
N GLU D 18 -29.26 16.54 18.00
CA GLU D 18 -29.65 17.60 17.08
C GLU D 18 -30.42 17.09 15.86
N ARG D 19 -30.51 15.77 15.69
CA ARG D 19 -31.26 15.16 14.59
C ARG D 19 -30.78 15.68 13.23
N VAL D 20 -29.46 15.75 13.08
CA VAL D 20 -28.88 16.22 11.82
C VAL D 20 -29.02 15.12 10.77
N PRO D 21 -29.57 15.42 9.60
CA PRO D 21 -29.63 14.40 8.54
C PRO D 21 -28.23 14.02 8.06
N VAL D 22 -27.86 12.77 8.29
CA VAL D 22 -26.52 12.29 7.98
C VAL D 22 -26.61 11.23 6.90
N SER D 23 -25.58 11.17 6.06
CA SER D 23 -25.46 10.14 5.04
C SER D 23 -24.44 9.11 5.49
N ILE D 24 -24.83 7.84 5.50
CA ILE D 24 -23.99 6.75 5.95
C ILE D 24 -23.59 5.92 4.73
N TYR D 25 -22.29 5.81 4.50
CA TYR D 25 -21.76 5.04 3.38
C TYR D 25 -21.31 3.67 3.88
N LEU D 26 -21.76 2.61 3.20
CA LEU D 26 -21.43 1.26 3.61
C LEU D 26 -20.14 0.80 2.96
N VAL D 27 -19.67 -0.38 3.40
CA VAL D 27 -18.41 -0.92 2.90
C VAL D 27 -18.50 -1.30 1.44
N ASN D 28 -19.70 -1.68 0.96
CA ASN D 28 -19.86 -2.05 -0.43
C ASN D 28 -19.99 -0.85 -1.36
N GLY D 29 -20.14 0.36 -0.81
CA GLY D 29 -20.19 1.56 -1.61
C GLY D 29 -21.56 2.22 -1.70
N ILE D 30 -22.63 1.53 -1.31
CA ILE D 30 -23.96 2.11 -1.39
C ILE D 30 -24.16 3.07 -0.23
N LYS D 31 -24.68 4.26 -0.53
CA LYS D 31 -24.88 5.31 0.46
C LYS D 31 -26.27 5.20 1.05
N LEU D 32 -26.36 5.25 2.37
CA LEU D 32 -27.63 5.32 3.07
C LEU D 32 -27.90 6.75 3.52
N GLN D 33 -29.18 7.10 3.61
CA GLN D 33 -29.60 8.44 3.98
C GLN D 33 -30.65 8.36 5.07
N GLY D 34 -30.64 9.36 5.95
CA GLY D 34 -31.62 9.42 7.02
C GLY D 34 -31.05 10.18 8.22
N GLN D 35 -31.69 9.97 9.37
CA GLN D 35 -31.25 10.57 10.62
C GLN D 35 -31.07 9.49 11.67
N ILE D 36 -30.08 9.69 12.54
CA ILE D 36 -29.77 8.70 13.57
C ILE D 36 -30.84 8.76 14.65
N GLU D 37 -31.55 7.64 14.84
CA GLU D 37 -32.58 7.58 15.87
C GLU D 37 -32.03 7.06 17.19
N SER D 38 -31.23 6.00 17.16
CA SER D 38 -30.64 5.43 18.36
C SER D 38 -29.47 4.55 17.94
N PHE D 39 -28.62 4.23 18.90
CA PHE D 39 -27.44 3.41 18.65
C PHE D 39 -26.98 2.78 19.95
N ASP D 40 -26.12 1.78 19.83
CA ASP D 40 -25.55 1.10 20.99
C ASP D 40 -24.07 0.87 20.73
N GLN D 41 -23.61 -0.37 20.95
CA GLN D 41 -22.22 -0.70 20.70
C GLN D 41 -21.99 -1.25 19.29
N PHE D 42 -23.01 -1.87 18.69
CA PHE D 42 -22.82 -2.57 17.42
C PHE D 42 -23.76 -2.12 16.30
N VAL D 43 -24.93 -1.55 16.60
CA VAL D 43 -25.88 -1.17 15.57
C VAL D 43 -26.26 0.30 15.73
N ILE D 44 -26.65 0.90 14.61
CA ILE D 44 -27.09 2.29 14.56
C ILE D 44 -28.42 2.32 13.83
N LEU D 45 -29.47 2.78 14.51
CA LEU D 45 -30.81 2.83 13.94
C LEU D 45 -30.95 4.06 13.06
N LEU D 46 -31.04 3.84 11.75
CA LEU D 46 -31.15 4.91 10.77
C LEU D 46 -32.60 5.00 10.30
N LYS D 47 -33.22 6.16 10.51
CA LYS D 47 -34.62 6.37 10.18
C LYS D 47 -34.74 7.26 8.95
N ASN D 48 -35.54 6.82 7.99
CA ASN D 48 -35.81 7.63 6.80
C ASN D 48 -37.24 7.35 6.34
N THR D 49 -37.40 6.92 5.10
CA THR D 49 -38.71 6.48 4.64
C THR D 49 -39.12 5.18 5.31
N VAL D 50 -38.19 4.25 5.47
CA VAL D 50 -38.41 3.02 6.20
C VAL D 50 -37.33 2.88 7.26
N SER D 51 -37.74 2.47 8.45
CA SER D 51 -36.82 2.33 9.56
C SER D 51 -35.96 1.08 9.37
N GLN D 52 -34.64 1.27 9.31
CA GLN D 52 -33.71 0.18 9.07
C GLN D 52 -32.57 0.25 10.06
N MET D 53 -32.11 -0.92 10.49
CA MET D 53 -30.98 -1.03 11.40
C MET D 53 -29.71 -1.31 10.61
N VAL D 54 -28.67 -0.54 10.89
CA VAL D 54 -27.39 -0.67 10.20
C VAL D 54 -26.35 -1.14 11.19
N TYR D 55 -25.54 -2.13 10.80
CA TYR D 55 -24.50 -2.65 11.65
C TYR D 55 -23.25 -1.78 11.55
N LYS D 56 -22.57 -1.59 12.68
CA LYS D 56 -21.39 -0.73 12.68
C LYS D 56 -20.25 -1.35 11.89
N HIS D 57 -20.16 -2.68 11.86
CA HIS D 57 -19.08 -3.33 11.14
C HIS D 57 -19.19 -3.17 9.63
N ALA D 58 -20.32 -2.65 9.13
CA ALA D 58 -20.48 -2.38 7.71
C ALA D 58 -20.48 -0.90 7.38
N ILE D 59 -20.46 -0.03 8.39
CA ILE D 59 -20.45 1.41 8.16
C ILE D 59 -19.02 1.87 7.90
N SER D 60 -18.81 2.53 6.77
CA SER D 60 -17.50 3.05 6.39
C SER D 60 -17.31 4.50 6.82
N THR D 61 -18.26 5.37 6.48
CA THR D 61 -18.15 6.79 6.82
C THR D 61 -19.52 7.31 7.23
N VAL D 62 -19.52 8.29 8.13
CA VAL D 62 -20.72 8.99 8.56
C VAL D 62 -20.54 10.45 8.22
N VAL D 63 -21.22 10.91 7.18
CA VAL D 63 -21.03 12.24 6.62
C VAL D 63 -22.29 13.05 6.86
N PRO D 64 -22.29 13.93 7.86
CA PRO D 64 -23.46 14.79 8.07
C PRO D 64 -23.62 15.80 6.95
N SER D 65 -24.84 16.32 6.81
CA SER D 65 -25.11 17.33 5.79
C SER D 65 -24.64 18.72 6.20
N ARG D 66 -24.42 18.96 7.49
CA ARG D 66 -23.96 20.24 7.99
C ARG D 66 -22.96 19.99 9.11
N PRO D 67 -22.02 20.92 9.33
CA PRO D 67 -21.06 20.75 10.42
C PRO D 67 -21.75 20.72 11.78
N VAL D 68 -21.16 19.96 12.71
CA VAL D 68 -21.70 19.80 14.05
C VAL D 68 -20.59 20.02 15.07
N ARG D 69 -20.99 20.17 16.32
CA ARG D 69 -20.02 20.35 17.39
C ARG D 69 -19.20 19.09 17.60
N LEU D 70 -18.00 19.26 18.14
CA LEU D 70 -17.08 18.16 18.40
C LEU D 70 -16.74 18.11 19.89
N PRO D 71 -16.45 16.91 20.42
CA PRO D 71 -16.08 16.74 21.83
C PRO D 71 -14.82 17.52 22.20
N LYS E 3 -23.48 -3.88 27.47
CA LYS E 3 -24.47 -3.19 26.64
C LYS E 3 -24.16 -3.39 25.16
N GLY E 4 -23.59 -4.55 24.82
CA GLY E 4 -23.24 -4.81 23.43
C GLY E 4 -24.46 -4.86 22.53
N HIS E 5 -25.54 -5.48 23.00
CA HIS E 5 -26.77 -5.63 22.22
C HIS E 5 -27.96 -5.00 22.94
N SER E 6 -27.78 -3.81 23.50
CA SER E 6 -28.86 -3.15 24.21
C SER E 6 -29.97 -2.72 23.27
N LEU E 7 -29.65 -2.53 21.99
CA LEU E 7 -30.63 -2.15 20.98
C LEU E 7 -30.87 -3.22 19.93
N GLN E 8 -29.84 -3.93 19.49
CA GLN E 8 -29.99 -4.91 18.43
C GLN E 8 -30.85 -6.09 18.88
N ASP E 9 -30.63 -6.56 20.11
CA ASP E 9 -31.40 -7.71 20.59
C ASP E 9 -32.88 -7.38 20.78
N PRO E 10 -33.26 -6.26 21.44
CA PRO E 10 -34.70 -5.93 21.52
C PRO E 10 -35.32 -5.71 20.16
N TYR E 11 -34.56 -5.11 19.23
CA TYR E 11 -35.06 -4.89 17.88
C TYR E 11 -35.36 -6.21 17.18
N LEU E 12 -34.42 -7.15 17.23
CA LEU E 12 -34.64 -8.46 16.62
C LEU E 12 -35.77 -9.21 17.31
N ASN E 13 -35.89 -9.07 18.63
CA ASN E 13 -36.97 -9.74 19.34
C ASN E 13 -38.33 -9.19 18.93
N THR E 14 -38.42 -7.87 18.76
CA THR E 14 -39.67 -7.27 18.31
C THR E 14 -39.98 -7.67 16.87
N LEU E 15 -38.96 -7.77 16.04
CA LEU E 15 -39.16 -8.22 14.66
C LEU E 15 -39.66 -9.66 14.63
N ARG E 16 -39.16 -10.50 15.54
CA ARG E 16 -39.56 -11.90 15.57
C ARG E 16 -40.95 -12.08 16.16
N LYS E 17 -41.33 -11.25 17.14
CA LYS E 17 -42.62 -11.44 17.81
C LYS E 17 -43.78 -11.19 16.85
N GLU E 18 -43.67 -10.19 15.99
CA GLU E 18 -44.77 -9.81 15.09
C GLU E 18 -44.69 -10.50 13.75
N ARG E 19 -43.68 -11.36 13.54
CA ARG E 19 -43.51 -12.09 12.29
C ARG E 19 -43.46 -11.14 11.09
N VAL E 20 -42.85 -9.97 11.27
CA VAL E 20 -42.76 -8.97 10.21
C VAL E 20 -41.77 -9.45 9.15
N PRO E 21 -42.19 -9.57 7.89
CA PRO E 21 -41.24 -9.94 6.84
C PRO E 21 -40.17 -8.87 6.67
N VAL E 22 -38.94 -9.22 7.03
CA VAL E 22 -37.82 -8.27 7.00
C VAL E 22 -36.89 -8.65 5.86
N SER E 23 -36.31 -7.63 5.23
CA SER E 23 -35.32 -7.84 4.19
C SER E 23 -33.93 -7.60 4.76
N ILE E 24 -33.08 -8.62 4.66
CA ILE E 24 -31.73 -8.56 5.21
C ILE E 24 -30.75 -8.43 4.04
N TYR E 25 -30.02 -7.32 4.02
CA TYR E 25 -29.04 -7.05 2.98
C TYR E 25 -27.65 -7.40 3.49
N LEU E 26 -26.94 -8.22 2.72
CA LEU E 26 -25.61 -8.66 3.12
C LEU E 26 -24.56 -7.62 2.73
N VAL E 27 -23.33 -7.85 3.19
CA VAL E 27 -22.23 -6.93 2.92
C VAL E 27 -21.86 -6.91 1.45
N ASN E 28 -22.10 -8.01 0.73
CA ASN E 28 -21.80 -8.05 -0.69
C ASN E 28 -22.90 -7.45 -1.55
N GLY E 29 -24.01 -7.02 -0.95
CA GLY E 29 -25.10 -6.41 -1.70
C GLY E 29 -26.26 -7.34 -1.99
N ILE E 30 -26.16 -8.62 -1.65
CA ILE E 30 -27.24 -9.56 -1.94
C ILE E 30 -28.41 -9.28 -1.00
N LYS E 31 -29.62 -9.28 -1.56
CA LYS E 31 -30.83 -8.97 -0.81
C LYS E 31 -31.54 -10.25 -0.43
N LEU E 32 -31.61 -10.52 0.87
CA LEU E 32 -32.35 -11.66 1.40
C LEU E 32 -33.70 -11.20 1.95
N GLN E 33 -34.67 -12.12 1.94
CA GLN E 33 -36.00 -11.83 2.43
C GLN E 33 -36.50 -12.99 3.28
N GLY E 34 -37.52 -12.73 4.07
CA GLY E 34 -38.12 -13.73 4.92
C GLY E 34 -38.49 -13.13 6.26
N GLN E 35 -38.77 -14.01 7.22
CA GLN E 35 -39.05 -13.61 8.59
C GLN E 35 -38.07 -14.27 9.54
N ILE E 36 -37.63 -13.53 10.55
CA ILE E 36 -36.61 -14.00 11.47
C ILE E 36 -37.25 -14.96 12.46
N GLU E 37 -36.79 -16.22 12.46
CA GLU E 37 -37.29 -17.19 13.42
C GLU E 37 -36.70 -16.95 14.80
N SER E 38 -35.38 -16.82 14.89
CA SER E 38 -34.71 -16.59 16.16
C SER E 38 -33.34 -15.98 15.88
N PHE E 39 -32.59 -15.76 16.95
CA PHE E 39 -31.26 -15.16 16.85
C PHE E 39 -30.50 -15.45 18.15
N ASP E 40 -29.23 -15.10 18.15
CA ASP E 40 -28.38 -15.25 19.33
C ASP E 40 -27.39 -14.09 19.34
N GLN E 41 -26.12 -14.41 19.58
CA GLN E 41 -25.10 -13.36 19.62
C GLN E 41 -24.40 -13.19 18.27
N PHE E 42 -24.38 -14.21 17.42
CA PHE E 42 -23.61 -14.16 16.19
C PHE E 42 -24.35 -14.62 14.93
N VAL E 43 -25.48 -15.33 15.05
CA VAL E 43 -26.20 -15.80 13.88
C VAL E 43 -27.65 -15.33 13.96
N ILE E 44 -28.28 -15.25 12.80
CA ILE E 44 -29.67 -14.85 12.67
C ILE E 44 -30.38 -15.87 11.79
N LEU E 45 -31.46 -16.45 12.32
CA LEU E 45 -32.21 -17.47 11.61
C LEU E 45 -33.27 -16.81 10.74
N LEU E 46 -33.17 -17.02 9.43
CA LEU E 46 -34.09 -16.45 8.48
C LEU E 46 -34.83 -17.56 7.75
N LYS E 47 -36.11 -17.31 7.44
CA LYS E 47 -36.92 -18.34 6.79
C LYS E 47 -38.04 -17.67 6.01
N ASN E 48 -38.15 -18.02 4.73
CA ASN E 48 -39.31 -17.68 3.92
C ASN E 48 -39.93 -18.88 3.23
N THR E 49 -39.13 -19.87 2.84
CA THR E 49 -39.63 -21.11 2.27
C THR E 49 -38.84 -22.28 2.84
N VAL E 50 -37.57 -22.05 3.13
CA VAL E 50 -36.71 -23.04 3.78
C VAL E 50 -35.92 -22.34 4.87
N SER E 51 -35.71 -23.03 5.98
CA SER E 51 -34.95 -22.45 7.08
C SER E 51 -33.52 -22.17 6.64
N GLN E 52 -32.92 -21.15 7.23
CA GLN E 52 -31.60 -20.69 6.81
C GLN E 52 -30.96 -19.88 7.93
N MET E 53 -29.75 -20.24 8.31
CA MET E 53 -28.99 -19.48 9.29
C MET E 53 -28.11 -18.46 8.57
N VAL E 54 -28.17 -17.21 9.01
CA VAL E 54 -27.40 -16.12 8.44
C VAL E 54 -26.46 -15.57 9.51
N TYR E 55 -25.20 -15.41 9.17
CA TYR E 55 -24.21 -14.92 10.13
C TYR E 55 -24.29 -13.41 10.23
N LYS E 56 -24.13 -12.89 11.45
CA LYS E 56 -24.26 -11.45 11.66
C LYS E 56 -23.09 -10.70 11.05
N HIS E 57 -21.90 -11.32 11.01
CA HIS E 57 -20.73 -10.63 10.47
C HIS E 57 -20.82 -10.38 8.98
N ALA E 58 -21.83 -10.92 8.30
CA ALA E 58 -22.06 -10.63 6.89
C ALA E 58 -23.31 -9.81 6.64
N ILE E 59 -24.11 -9.54 7.68
CA ILE E 59 -25.32 -8.75 7.54
C ILE E 59 -24.98 -7.27 7.61
N SER E 60 -25.45 -6.51 6.61
CA SER E 60 -25.21 -5.08 6.55
C SER E 60 -26.37 -4.27 7.10
N THR E 61 -27.58 -4.52 6.61
CA THR E 61 -28.75 -3.76 7.06
C THR E 61 -29.95 -4.70 7.18
N VAL E 62 -30.82 -4.39 8.13
CA VAL E 62 -32.07 -5.11 8.33
C VAL E 62 -33.21 -4.14 8.06
N VAL E 63 -33.95 -4.36 6.98
CA VAL E 63 -34.97 -3.45 6.50
C VAL E 63 -36.32 -4.15 6.60
N PRO E 64 -37.10 -3.87 7.64
CA PRO E 64 -38.46 -4.42 7.71
C PRO E 64 -39.34 -3.83 6.62
N SER E 65 -40.29 -4.63 6.13
CA SER E 65 -41.20 -4.17 5.10
C SER E 65 -42.29 -3.26 5.65
N ARG E 66 -42.47 -3.22 6.97
CA ARG E 66 -43.44 -2.35 7.60
C ARG E 66 -42.83 -1.79 8.87
N PRO E 67 -43.22 -0.59 9.28
CA PRO E 67 -42.61 0.03 10.47
C PRO E 67 -42.91 -0.77 11.73
N VAL E 68 -42.03 -0.63 12.72
CA VAL E 68 -42.17 -1.28 14.01
C VAL E 68 -42.00 -0.25 15.11
N ARG E 69 -42.27 -0.68 16.35
CA ARG E 69 -42.18 0.20 17.51
C ARG E 69 -41.24 -0.42 18.52
N LEU E 70 -40.36 0.41 19.10
CA LEU E 70 -39.42 -0.07 20.10
C LEU E 70 -40.14 -0.29 21.44
N PRO E 71 -39.76 -1.33 22.18
CA PRO E 71 -40.35 -1.64 23.49
C PRO E 71 -40.12 -0.53 24.51
N HIS F 5 -23.81 -18.09 22.13
CA HIS F 5 -23.85 -19.18 21.16
C HIS F 5 -24.99 -20.14 21.46
N SER F 6 -26.21 -19.60 21.55
CA SER F 6 -27.36 -20.43 21.90
C SER F 6 -27.97 -21.10 20.68
N LEU F 7 -27.80 -20.51 19.49
CA LEU F 7 -28.40 -21.03 18.27
C LEU F 7 -27.39 -21.65 17.33
N GLN F 8 -26.16 -21.13 17.29
CA GLN F 8 -25.16 -21.60 16.33
C GLN F 8 -24.78 -23.04 16.61
N ASP F 9 -24.40 -23.34 17.86
CA ASP F 9 -23.91 -24.66 18.24
C ASP F 9 -24.98 -25.74 18.06
N PRO F 10 -26.21 -25.57 18.57
CA PRO F 10 -27.23 -26.62 18.35
C PRO F 10 -27.58 -26.82 16.89
N TYR F 11 -27.68 -25.74 16.11
CA TYR F 11 -27.99 -25.86 14.69
C TYR F 11 -26.90 -26.63 13.96
N LEU F 12 -25.64 -26.28 14.21
CA LEU F 12 -24.55 -26.99 13.55
C LEU F 12 -24.45 -28.43 14.01
N ASN F 13 -24.74 -28.69 15.29
CA ASN F 13 -24.71 -30.06 15.78
C ASN F 13 -25.80 -30.91 15.13
N THR F 14 -27.00 -30.33 14.97
CA THR F 14 -28.07 -31.05 14.29
C THR F 14 -27.72 -31.31 12.83
N LEU F 15 -27.16 -30.31 12.16
CA LEU F 15 -26.74 -30.50 10.77
C LEU F 15 -25.69 -31.57 10.64
N ARG F 16 -24.78 -31.66 11.62
CA ARG F 16 -23.73 -32.68 11.57
C ARG F 16 -24.30 -34.07 11.84
N LYS F 17 -25.15 -34.19 12.85
CA LYS F 17 -25.69 -35.50 13.23
C LYS F 17 -26.62 -36.04 12.14
N GLU F 18 -27.50 -35.20 11.61
CA GLU F 18 -28.45 -35.66 10.59
C GLU F 18 -27.80 -35.88 9.24
N ARG F 19 -26.56 -35.43 9.05
CA ARG F 19 -25.83 -35.60 7.78
C ARG F 19 -26.62 -35.03 6.61
N VAL F 20 -27.27 -33.90 6.84
CA VAL F 20 -28.06 -33.26 5.78
C VAL F 20 -27.13 -32.52 4.83
N PRO F 21 -27.25 -32.69 3.52
CA PRO F 21 -26.42 -31.91 2.60
C PRO F 21 -26.75 -30.43 2.71
N VAL F 22 -25.75 -29.65 3.12
CA VAL F 22 -25.93 -28.22 3.35
C VAL F 22 -25.13 -27.45 2.31
N SER F 23 -25.67 -26.30 1.93
CA SER F 23 -24.99 -25.40 1.01
C SER F 23 -24.51 -24.17 1.78
N ILE F 24 -23.21 -23.89 1.69
CA ILE F 24 -22.58 -22.78 2.40
C ILE F 24 -22.19 -21.72 1.40
N TYR F 25 -22.73 -20.51 1.56
CA TYR F 25 -22.42 -19.39 0.69
C TYR F 25 -21.48 -18.45 1.40
N LEU F 26 -20.37 -18.10 0.72
CA LEU F 26 -19.39 -17.20 1.31
C LEU F 26 -19.78 -15.75 1.07
N VAL F 27 -18.97 -14.84 1.64
CA VAL F 27 -19.27 -13.42 1.53
C VAL F 27 -19.07 -12.93 0.10
N ASN F 28 -18.17 -13.56 -0.65
CA ASN F 28 -17.90 -13.13 -2.02
C ASN F 28 -18.87 -13.71 -3.03
N GLY F 29 -19.87 -14.48 -2.59
CA GLY F 29 -20.85 -15.05 -3.48
C GLY F 29 -20.57 -16.47 -3.94
N ILE F 30 -19.45 -17.05 -3.52
CA ILE F 30 -19.11 -18.40 -3.94
C ILE F 30 -19.97 -19.40 -3.16
N LYS F 31 -20.54 -20.37 -3.88
CA LYS F 31 -21.43 -21.36 -3.30
C LYS F 31 -20.67 -22.66 -3.06
N LEU F 32 -20.66 -23.11 -1.81
CA LEU F 32 -20.07 -24.39 -1.44
C LEU F 32 -21.17 -25.38 -1.09
N GLN F 33 -20.88 -26.66 -1.32
CA GLN F 33 -21.86 -27.72 -1.08
C GLN F 33 -21.15 -28.92 -0.45
N GLY F 34 -21.91 -29.69 0.31
CA GLY F 34 -21.37 -30.89 0.95
C GLY F 34 -22.07 -31.15 2.27
N GLN F 35 -21.40 -31.90 3.13
CA GLN F 35 -21.89 -32.24 4.45
C GLN F 35 -20.90 -31.78 5.51
N ILE F 36 -21.43 -31.28 6.62
CA ILE F 36 -20.58 -30.83 7.71
C ILE F 36 -20.06 -32.04 8.47
N GLU F 37 -18.74 -32.24 8.44
CA GLU F 37 -18.12 -33.33 9.19
C GLU F 37 -17.94 -32.97 10.67
N SER F 38 -17.43 -31.78 10.94
CA SER F 38 -17.23 -31.30 12.30
C SER F 38 -17.00 -29.81 12.24
N PHE F 39 -16.93 -29.20 13.42
CA PHE F 39 -16.74 -27.75 13.52
C PHE F 39 -16.19 -27.43 14.90
N ASP F 40 -15.87 -26.15 15.10
CA ASP F 40 -15.40 -25.67 16.39
C ASP F 40 -15.97 -24.26 16.58
N GLN F 41 -15.12 -23.32 16.99
CA GLN F 41 -15.56 -21.95 17.17
C GLN F 41 -15.23 -21.08 15.97
N PHE F 42 -14.32 -21.51 15.10
CA PHE F 42 -13.84 -20.66 14.01
C PHE F 42 -13.85 -21.32 12.63
N VAL F 43 -13.82 -22.65 12.53
CA VAL F 43 -13.79 -23.32 11.24
C VAL F 43 -14.92 -24.35 11.17
N ILE F 44 -15.33 -24.64 9.94
CA ILE F 44 -16.37 -25.63 9.66
C ILE F 44 -15.88 -26.52 8.53
N LEU F 45 -15.76 -27.82 8.80
CA LEU F 45 -15.24 -28.78 7.85
C LEU F 45 -16.37 -29.23 6.92
N LEU F 46 -16.20 -28.98 5.62
CA LEU F 46 -17.17 -29.37 4.61
C LEU F 46 -16.61 -30.54 3.82
N LYS F 47 -17.37 -31.63 3.75
CA LYS F 47 -16.94 -32.85 3.07
C LYS F 47 -17.73 -33.02 1.79
N ASN F 48 -17.02 -33.23 0.68
CA ASN F 48 -17.62 -33.51 -0.62
C ASN F 48 -16.67 -34.38 -1.42
N THR F 49 -16.06 -33.80 -2.45
CA THR F 49 -14.97 -34.50 -3.14
C THR F 49 -13.69 -34.44 -2.32
N VAL F 50 -13.40 -33.29 -1.71
CA VAL F 50 -12.24 -33.11 -0.85
C VAL F 50 -12.69 -32.53 0.47
N SER F 51 -12.12 -33.04 1.57
CA SER F 51 -12.45 -32.57 2.91
C SER F 51 -11.78 -31.23 3.13
N GLN F 52 -12.43 -30.18 2.61
CA GLN F 52 -11.91 -28.83 2.69
C GLN F 52 -12.40 -28.13 3.96
N MET F 53 -11.55 -27.28 4.50
CA MET F 53 -11.89 -26.49 5.68
C MET F 53 -12.39 -25.12 5.27
N VAL F 54 -13.52 -24.69 5.83
CA VAL F 54 -14.12 -23.40 5.54
C VAL F 54 -14.11 -22.57 6.81
N TYR F 55 -13.63 -21.34 6.71
CA TYR F 55 -13.53 -20.47 7.87
C TYR F 55 -14.87 -19.80 8.15
N LYS F 56 -15.20 -19.63 9.44
CA LYS F 56 -16.48 -19.05 9.80
C LYS F 56 -16.56 -17.57 9.41
N HIS F 57 -15.47 -16.83 9.61
CA HIS F 57 -15.49 -15.40 9.31
C HIS F 57 -15.63 -15.10 7.82
N ALA F 58 -15.62 -16.13 6.96
CA ALA F 58 -15.89 -15.96 5.54
C ALA F 58 -17.22 -16.55 5.12
N ILE F 59 -17.94 -17.22 6.02
CA ILE F 59 -19.23 -17.81 5.71
C ILE F 59 -20.33 -16.77 5.92
N SER F 60 -21.25 -16.67 4.97
CA SER F 60 -22.38 -15.76 5.06
C SER F 60 -23.67 -16.46 5.47
N THR F 61 -24.05 -17.52 4.76
CA THR F 61 -25.30 -18.21 5.03
C THR F 61 -25.10 -19.71 4.93
N VAL F 62 -25.93 -20.46 5.64
CA VAL F 62 -25.97 -21.91 5.58
C VAL F 62 -27.37 -22.33 5.17
N VAL F 63 -27.49 -23.01 4.03
CA VAL F 63 -28.76 -23.37 3.45
C VAL F 63 -28.85 -24.90 3.39
N PRO F 64 -29.53 -25.52 4.34
CA PRO F 64 -29.73 -26.98 4.27
C PRO F 64 -30.66 -27.35 3.13
N SER F 65 -30.50 -28.58 2.63
CA SER F 65 -31.35 -29.06 1.54
C SER F 65 -32.75 -29.43 2.02
N ARG F 66 -32.92 -29.71 3.31
CA ARG F 66 -34.22 -30.05 3.88
C ARG F 66 -34.31 -29.40 5.26
N PRO F 67 -35.52 -29.05 5.69
CA PRO F 67 -35.67 -28.37 6.98
C PRO F 67 -35.22 -29.24 8.13
N VAL F 68 -34.74 -28.58 9.19
CA VAL F 68 -34.26 -29.26 10.39
C VAL F 68 -34.88 -28.58 11.61
N ARG F 69 -34.89 -29.30 12.72
CA ARG F 69 -35.46 -28.83 13.97
C ARG F 69 -34.47 -29.08 15.11
N LEU F 70 -34.34 -28.11 16.00
CA LEU F 70 -33.45 -28.23 17.15
C LEU F 70 -33.94 -29.29 18.13
N SER G 6 38.37 -40.49 11.21
CA SER G 6 37.50 -39.46 10.67
C SER G 6 36.62 -40.01 9.55
N LEU G 7 35.51 -39.32 9.28
CA LEU G 7 34.59 -39.72 8.22
C LEU G 7 34.57 -38.73 7.06
N GLN G 8 34.94 -37.47 7.31
CA GLN G 8 35.00 -36.48 6.25
C GLN G 8 36.05 -36.82 5.20
N ASP G 9 37.24 -37.23 5.66
CA ASP G 9 38.33 -37.54 4.73
C ASP G 9 38.01 -38.73 3.84
N PRO G 10 37.55 -39.88 4.35
CA PRO G 10 37.21 -40.98 3.43
C PRO G 10 36.04 -40.66 2.52
N TYR G 11 35.06 -39.89 3.01
CA TYR G 11 33.94 -39.50 2.15
C TYR G 11 34.40 -38.63 0.99
N LEU G 12 35.24 -37.63 1.29
CA LEU G 12 35.76 -36.78 0.22
C LEU G 12 36.67 -37.57 -0.72
N ASN G 13 37.43 -38.52 -0.18
CA ASN G 13 38.29 -39.34 -1.05
C ASN G 13 37.45 -40.21 -1.97
N THR G 14 36.34 -40.76 -1.47
CA THR G 14 35.45 -41.54 -2.31
C THR G 14 34.81 -40.68 -3.38
N LEU G 15 34.41 -39.46 -3.01
CA LEU G 15 33.86 -38.53 -4.00
C LEU G 15 34.90 -38.18 -5.06
N ARG G 16 36.17 -38.08 -4.66
CA ARG G 16 37.22 -37.69 -5.60
C ARG G 16 37.55 -38.84 -6.56
N LYS G 17 37.75 -40.05 -6.02
CA LYS G 17 38.17 -41.16 -6.86
C LYS G 17 37.08 -41.57 -7.85
N GLU G 18 35.81 -41.37 -7.47
CA GLU G 18 34.70 -41.72 -8.34
C GLU G 18 34.31 -40.59 -9.29
N ARG G 19 34.85 -39.39 -9.09
CA ARG G 19 34.57 -38.24 -9.95
C ARG G 19 33.07 -37.94 -10.00
N VAL G 20 32.44 -37.98 -8.83
CA VAL G 20 31.00 -37.70 -8.75
C VAL G 20 30.78 -36.19 -8.74
N PRO G 21 29.98 -35.64 -9.65
CA PRO G 21 29.70 -34.20 -9.61
C PRO G 21 28.93 -33.84 -8.35
N VAL G 22 29.47 -32.91 -7.57
CA VAL G 22 28.87 -32.51 -6.30
C VAL G 22 28.54 -31.03 -6.35
N SER G 23 27.47 -30.67 -5.64
CA SER G 23 27.08 -29.27 -5.49
C SER G 23 27.46 -28.81 -4.09
N ILE G 24 28.18 -27.69 -4.02
CA ILE G 24 28.69 -27.16 -2.76
C ILE G 24 27.94 -25.88 -2.43
N TYR G 25 27.26 -25.88 -1.29
CA TYR G 25 26.55 -24.70 -0.81
C TYR G 25 27.40 -24.01 0.25
N LEU G 26 27.80 -22.78 -0.03
CA LEU G 26 28.67 -22.05 0.89
C LEU G 26 27.92 -21.65 2.16
N VAL G 27 28.66 -21.02 3.07
CA VAL G 27 28.07 -20.63 4.35
C VAL G 27 27.03 -19.54 4.15
N ASN G 28 27.23 -18.68 3.14
CA ASN G 28 26.23 -17.66 2.84
C ASN G 28 25.03 -18.25 2.12
N GLY G 29 25.29 -19.08 1.09
CA GLY G 29 24.22 -19.73 0.36
C GLY G 29 24.49 -19.86 -1.12
N ILE G 30 25.70 -19.50 -1.56
CA ILE G 30 26.05 -19.60 -2.97
C ILE G 30 26.21 -21.06 -3.35
N LYS G 31 25.56 -21.45 -4.45
CA LYS G 31 25.60 -22.83 -4.95
C LYS G 31 26.72 -22.96 -5.96
N LEU G 32 27.73 -23.76 -5.63
CA LEU G 32 28.84 -24.05 -6.53
C LEU G 32 28.73 -25.46 -7.06
N GLN G 33 29.10 -25.63 -8.33
CA GLN G 33 28.99 -26.92 -9.00
C GLN G 33 30.31 -27.27 -9.67
N GLY G 34 30.58 -28.56 -9.76
CA GLY G 34 31.81 -29.04 -10.35
C GLY G 34 32.13 -30.44 -9.86
N GLN G 35 33.41 -30.78 -9.96
CA GLN G 35 33.92 -32.09 -9.52
C GLN G 35 35.11 -31.87 -8.59
N ILE G 36 35.16 -32.67 -7.53
CA ILE G 36 36.26 -32.56 -6.57
C ILE G 36 37.51 -33.18 -7.18
N GLU G 37 38.56 -32.37 -7.35
CA GLU G 37 39.81 -32.84 -7.92
C GLU G 37 40.80 -33.27 -6.82
N SER G 38 40.90 -32.49 -5.76
CA SER G 38 41.80 -32.79 -4.65
C SER G 38 41.36 -31.98 -3.44
N PHE G 39 41.90 -32.34 -2.28
CA PHE G 39 41.55 -31.67 -1.05
C PHE G 39 42.62 -31.98 0.00
N ASP G 40 42.53 -31.29 1.13
CA ASP G 40 43.43 -31.54 2.26
C ASP G 40 42.65 -31.26 3.54
N GLN G 41 43.31 -30.61 4.49
CA GLN G 41 42.67 -30.38 5.79
C GLN G 41 41.86 -29.10 5.83
N PHE G 42 42.19 -28.10 5.01
CA PHE G 42 41.54 -26.79 5.10
C PHE G 42 40.90 -26.30 3.80
N VAL G 43 41.35 -26.75 2.64
CA VAL G 43 40.80 -26.29 1.37
C VAL G 43 40.34 -27.49 0.56
N ILE G 44 39.47 -27.23 -0.41
CA ILE G 44 38.94 -28.24 -1.31
C ILE G 44 39.00 -27.68 -2.73
N LEU G 45 39.62 -28.43 -3.63
CA LEU G 45 39.77 -28.01 -5.02
C LEU G 45 38.57 -28.49 -5.82
N LEU G 46 37.81 -27.55 -6.37
CA LEU G 46 36.64 -27.86 -7.20
C LEU G 46 36.93 -27.44 -8.63
N LYS G 47 36.85 -28.39 -9.56
CA LYS G 47 37.13 -28.13 -10.96
C LYS G 47 35.86 -28.28 -11.80
N ASN G 48 35.67 -27.34 -12.73
CA ASN G 48 34.56 -27.39 -13.67
C ASN G 48 35.00 -26.75 -14.98
N THR G 49 34.37 -25.63 -15.34
CA THR G 49 34.86 -24.86 -16.48
C THR G 49 36.07 -24.02 -16.09
N VAL G 50 36.17 -23.66 -14.82
CA VAL G 50 37.31 -22.92 -14.28
C VAL G 50 37.71 -23.55 -12.95
N SER G 51 39.01 -23.78 -12.79
CA SER G 51 39.55 -24.40 -11.57
C SER G 51 39.51 -23.37 -10.45
N GLN G 52 38.92 -23.76 -9.31
CA GLN G 52 38.81 -22.86 -8.17
C GLN G 52 39.03 -23.64 -6.89
N MET G 53 39.60 -22.95 -5.90
CA MET G 53 39.83 -23.54 -4.59
C MET G 53 38.80 -23.01 -3.60
N VAL G 54 38.19 -23.91 -2.84
CA VAL G 54 37.15 -23.59 -1.89
C VAL G 54 37.65 -23.90 -0.48
N TYR G 55 37.48 -22.96 0.43
CA TYR G 55 37.93 -23.15 1.81
C TYR G 55 36.88 -23.92 2.61
N LYS G 56 37.34 -24.76 3.53
CA LYS G 56 36.43 -25.61 4.29
C LYS G 56 35.64 -24.80 5.30
N HIS G 57 36.23 -23.74 5.84
CA HIS G 57 35.54 -22.94 6.84
C HIS G 57 34.36 -22.16 6.27
N ALA G 58 34.18 -22.16 4.95
CA ALA G 58 33.05 -21.52 4.31
C ALA G 58 32.05 -22.49 3.70
N ILE G 59 32.35 -23.79 3.72
CA ILE G 59 31.44 -24.78 3.14
C ILE G 59 30.43 -25.21 4.19
N SER G 60 29.16 -25.24 3.81
CA SER G 60 28.07 -25.68 4.68
C SER G 60 27.62 -27.09 4.38
N THR G 61 27.27 -27.38 3.12
CA THR G 61 26.78 -28.69 2.74
C THR G 61 27.41 -29.10 1.41
N VAL G 62 27.61 -30.41 1.26
CA VAL G 62 28.08 -30.99 0.01
C VAL G 62 27.04 -32.01 -0.45
N VAL G 63 26.46 -31.78 -1.61
CA VAL G 63 25.36 -32.59 -2.12
C VAL G 63 25.81 -33.24 -3.42
N PRO G 64 26.09 -34.54 -3.41
CA PRO G 64 26.45 -35.23 -4.65
C PRO G 64 25.26 -35.35 -5.58
N SER G 65 25.54 -35.60 -6.85
CA SER G 65 24.48 -35.78 -7.84
C SER G 65 23.88 -37.18 -7.82
N ARG G 66 24.59 -38.15 -7.26
CA ARG G 66 24.12 -39.52 -7.18
C ARG G 66 24.57 -40.12 -5.85
N PRO G 67 23.86 -41.13 -5.35
CA PRO G 67 24.29 -41.78 -4.11
C PRO G 67 25.67 -42.41 -4.24
N VAL G 68 26.41 -42.41 -3.14
CA VAL G 68 27.77 -42.93 -3.10
C VAL G 68 27.93 -43.83 -1.89
N ARG G 69 29.02 -44.59 -1.88
CA ARG G 69 29.30 -45.51 -0.78
C ARG G 69 29.69 -44.72 0.46
N LEU G 70 29.09 -45.09 1.61
CA LEU G 70 29.39 -44.43 2.87
C LEU G 70 30.54 -45.15 3.59
N PRO G 71 31.40 -44.40 4.29
CA PRO G 71 32.52 -44.98 5.04
C PRO G 71 32.07 -45.95 6.13
N GLY H 1 -36.35 -35.62 -21.39
CA GLY H 1 -36.10 -34.29 -21.92
C GLY H 1 -36.67 -33.19 -21.03
N PRO H 2 -35.98 -32.05 -20.99
CA PRO H 2 -36.46 -30.92 -20.17
C PRO H 2 -37.80 -30.41 -20.67
N ALA H 3 -38.80 -30.42 -19.78
CA ALA H 3 -40.14 -29.96 -20.12
C ALA H 3 -40.73 -29.27 -18.90
N MET H 4 -41.24 -28.06 -19.11
CA MET H 4 -41.84 -27.27 -18.04
C MET H 4 -43.09 -26.57 -18.56
N ARG H 5 -44.17 -26.66 -17.80
CA ARG H 5 -45.45 -26.05 -18.16
C ARG H 5 -45.81 -25.02 -17.10
N ILE H 6 -46.05 -23.78 -17.53
CA ILE H 6 -46.40 -22.68 -16.63
C ILE H 6 -47.74 -22.12 -17.07
N ILE H 7 -48.66 -21.99 -16.12
CA ILE H 7 -50.00 -21.47 -16.37
C ILE H 7 -50.21 -20.20 -15.56
N SER H 8 -50.67 -19.15 -16.22
CA SER H 8 -50.98 -17.88 -15.57
C SER H 8 -52.45 -17.54 -15.79
N VAL H 9 -53.19 -17.43 -14.70
CA VAL H 9 -54.64 -17.19 -14.76
C VAL H 9 -54.97 -16.08 -13.77
N ASN H 10 -55.60 -15.01 -14.27
CA ASN H 10 -56.18 -13.99 -13.39
C ASN H 10 -57.59 -14.42 -13.01
N VAL H 11 -57.84 -14.52 -11.70
CA VAL H 11 -59.08 -15.07 -11.20
C VAL H 11 -60.12 -14.02 -10.83
N ASN H 12 -59.70 -12.77 -10.58
CA ASN H 12 -60.61 -11.71 -10.16
C ASN H 12 -61.45 -12.15 -8.96
N GLY H 13 -60.77 -12.71 -7.97
CA GLY H 13 -61.44 -13.32 -6.85
C GLY H 13 -61.32 -14.83 -6.88
N ILE H 14 -60.46 -15.39 -6.02
CA ILE H 14 -60.20 -16.83 -6.06
C ILE H 14 -61.41 -17.62 -5.59
N GLN H 15 -62.33 -16.98 -4.87
CA GLN H 15 -63.52 -17.68 -4.38
CA GLN H 15 -63.52 -17.68 -4.38
C GLN H 15 -64.40 -18.12 -5.55
N ALA H 16 -64.72 -17.18 -6.44
CA ALA H 16 -65.55 -17.53 -7.61
C ALA H 16 -64.82 -18.50 -8.52
N ALA H 17 -63.49 -18.38 -8.61
CA ALA H 17 -62.71 -19.32 -9.41
C ALA H 17 -62.82 -20.74 -8.87
N ALA H 18 -62.68 -20.91 -7.55
CA ALA H 18 -62.83 -22.22 -6.95
C ALA H 18 -64.27 -22.71 -7.07
N GLU H 19 -65.25 -21.81 -7.03
CA GLU H 19 -66.64 -22.21 -7.21
C GLU H 19 -66.92 -22.65 -8.64
N ARG H 20 -66.18 -22.14 -9.62
CA ARG H 20 -66.37 -22.50 -11.02
C ARG H 20 -65.50 -23.69 -11.43
N GLY H 21 -64.68 -24.22 -10.52
CA GLY H 21 -63.86 -25.37 -10.84
C GLY H 21 -62.51 -25.03 -11.45
N LEU H 22 -61.85 -24.00 -10.93
CA LEU H 22 -60.54 -23.61 -11.45
C LEU H 22 -59.44 -24.49 -10.85
N LEU H 23 -59.56 -24.81 -9.56
CA LEU H 23 -58.54 -25.61 -8.90
C LEU H 23 -58.48 -27.02 -9.47
N SER H 24 -59.63 -27.65 -9.67
CA SER H 24 -59.68 -28.99 -10.26
C SER H 24 -59.11 -28.97 -11.68
N TRP H 25 -59.46 -27.94 -12.45
CA TRP H 25 -58.93 -27.81 -13.81
C TRP H 25 -57.41 -27.70 -13.81
N LEU H 26 -56.87 -26.85 -12.93
CA LEU H 26 -55.42 -26.72 -12.82
C LEU H 26 -54.77 -28.03 -12.41
N GLN H 27 -55.40 -28.75 -11.48
CA GLN H 27 -54.88 -30.05 -11.07
C GLN H 27 -54.93 -31.06 -12.22
N ALA H 28 -55.86 -30.88 -13.15
CA ALA H 28 -55.99 -31.77 -14.30
C ALA H 28 -55.13 -31.37 -15.48
N GLN H 29 -54.51 -30.18 -15.45
CA GLN H 29 -53.68 -29.72 -16.55
C GLN H 29 -52.24 -30.23 -16.48
N ASN H 30 -51.87 -30.93 -15.40
CA ASN H 30 -50.52 -31.46 -15.22
C ASN H 30 -49.47 -30.35 -15.28
N ALA H 31 -49.82 -29.16 -14.79
CA ALA H 31 -48.90 -28.03 -14.84
C ALA H 31 -47.82 -28.16 -13.78
N ASP H 32 -46.71 -27.47 -14.01
CA ASP H 32 -45.58 -27.47 -13.08
C ASP H 32 -45.59 -26.24 -12.17
N VAL H 33 -45.82 -25.05 -12.73
CA VAL H 33 -45.87 -23.81 -11.96
C VAL H 33 -47.10 -23.04 -12.39
N ILE H 34 -47.87 -22.56 -11.41
CA ILE H 34 -49.10 -21.82 -11.65
C ILE H 34 -48.99 -20.45 -11.00
N CYS H 35 -49.37 -19.42 -11.75
CA CYS H 35 -49.35 -18.04 -11.26
C CYS H 35 -50.77 -17.50 -11.28
N LEU H 36 -51.24 -17.00 -10.14
CA LEU H 36 -52.57 -16.44 -10.01
C LEU H 36 -52.49 -14.95 -9.74
N GLN H 37 -53.44 -14.20 -10.31
CA GLN H 37 -53.50 -12.75 -10.16
C GLN H 37 -54.89 -12.34 -9.74
N ASP H 38 -54.96 -11.26 -8.96
CA ASP H 38 -56.22 -10.70 -8.46
C ASP H 38 -57.01 -11.74 -7.67
N THR H 39 -56.37 -12.32 -6.66
CA THR H 39 -57.02 -13.35 -5.85
C THR H 39 -58.12 -12.76 -4.97
N ARG H 40 -57.98 -11.50 -4.58
CA ARG H 40 -58.95 -10.80 -3.72
C ARG H 40 -59.18 -11.54 -2.40
N ALA H 41 -58.18 -12.27 -1.92
CA ALA H 41 -58.28 -13.02 -0.67
C ALA H 41 -57.00 -12.80 0.13
N SER H 42 -57.16 -12.55 1.43
CA SER H 42 -56.02 -12.32 2.29
C SER H 42 -55.32 -13.63 2.62
N ALA H 43 -54.19 -13.51 3.35
CA ALA H 43 -53.46 -14.69 3.78
C ALA H 43 -54.30 -15.54 4.72
N PHE H 44 -55.06 -14.90 5.60
CA PHE H 44 -55.97 -15.63 6.48
C PHE H 44 -57.10 -16.28 5.69
N ASP H 45 -57.54 -15.65 4.60
CA ASP H 45 -58.58 -16.24 3.77
C ASP H 45 -58.06 -17.45 3.00
N LEU H 46 -56.83 -17.37 2.50
CA LEU H 46 -56.24 -18.49 1.77
C LEU H 46 -55.78 -19.60 2.69
N ASP H 47 -55.86 -19.40 4.01
CA ASP H 47 -55.49 -20.46 4.95
C ASP H 47 -56.42 -21.67 4.83
N ASP H 48 -57.62 -21.46 4.30
CA ASP H 48 -58.56 -22.55 4.09
C ASP H 48 -57.96 -23.61 3.17
N PRO H 49 -57.92 -24.87 3.58
CA PRO H 49 -57.31 -25.90 2.71
C PRO H 49 -58.09 -26.18 1.43
N SER H 50 -59.27 -25.59 1.26
CA SER H 50 -60.03 -25.79 0.02
C SER H 50 -59.28 -25.24 -1.18
N PHE H 51 -58.50 -24.18 -0.99
CA PHE H 51 -57.72 -23.59 -2.07
C PHE H 51 -56.44 -24.36 -2.35
N GLN H 52 -56.06 -25.30 -1.49
CA GLN H 52 -54.83 -26.05 -1.68
C GLN H 52 -54.99 -27.05 -2.82
N LEU H 53 -53.89 -27.27 -3.54
CA LEU H 53 -53.85 -28.21 -4.65
C LEU H 53 -53.08 -29.45 -4.22
N ASP H 54 -53.55 -30.62 -4.65
CA ASP H 54 -52.91 -31.88 -4.29
C ASP H 54 -51.55 -31.99 -4.95
N GLY H 55 -50.50 -32.07 -4.14
CA GLY H 55 -49.16 -32.19 -4.66
C GLY H 55 -48.53 -30.89 -5.11
N TYR H 56 -49.10 -29.75 -4.72
CA TYR H 56 -48.58 -28.44 -5.10
C TYR H 56 -48.37 -27.59 -3.86
N PHE H 57 -47.32 -26.76 -3.89
CA PHE H 57 -47.06 -25.81 -2.84
C PHE H 57 -47.82 -24.51 -3.10
N LEU H 58 -48.09 -23.77 -2.02
CA LEU H 58 -48.89 -22.56 -2.12
C LEU H 58 -48.19 -21.43 -1.37
N TYR H 59 -47.99 -20.31 -2.06
CA TYR H 59 -47.46 -19.09 -1.47
C TYR H 59 -48.19 -17.90 -2.08
N ALA H 60 -48.42 -16.88 -1.26
CA ALA H 60 -49.20 -15.74 -1.70
C ALA H 60 -48.94 -14.54 -0.80
N CYS H 61 -49.39 -13.38 -1.26
CA CYS H 61 -49.27 -12.13 -0.52
CA CYS H 61 -49.27 -12.14 -0.51
C CYS H 61 -50.60 -11.40 -0.58
N ASP H 62 -50.83 -10.53 0.40
CA ASP H 62 -52.09 -9.80 0.49
C ASP H 62 -51.83 -8.35 0.85
N ALA H 63 -52.83 -7.52 0.60
CA ALA H 63 -52.76 -6.10 0.92
C ALA H 63 -53.27 -5.86 2.35
N GLU H 64 -53.58 -4.59 2.65
CA GLU H 64 -54.15 -4.27 3.95
C GLU H 64 -55.53 -4.90 4.11
N LEU H 65 -56.29 -4.97 3.02
CA LEU H 65 -57.60 -5.60 3.02
C LEU H 65 -57.69 -6.60 1.88
N PRO H 66 -58.43 -7.70 2.07
CA PRO H 66 -58.51 -8.71 1.00
C PRO H 66 -59.22 -8.22 -0.25
N GLU H 67 -60.25 -7.40 -0.09
CA GLU H 67 -61.01 -6.92 -1.26
C GLU H 67 -60.16 -6.01 -2.13
N GLN H 68 -59.08 -5.45 -1.58
CA GLN H 68 -58.22 -4.56 -2.35
C GLN H 68 -57.51 -5.32 -3.47
N GLY H 69 -57.04 -6.52 -3.19
CA GLY H 69 -56.38 -7.33 -4.18
C GLY H 69 -55.41 -8.30 -3.51
N GLY H 70 -54.63 -8.96 -4.36
CA GLY H 70 -53.67 -9.94 -3.92
C GLY H 70 -53.41 -10.97 -4.99
N VAL H 71 -52.22 -11.57 -4.94
CA VAL H 71 -51.81 -12.55 -5.92
C VAL H 71 -51.36 -13.83 -5.20
N ALA H 72 -51.26 -14.91 -5.96
CA ALA H 72 -50.85 -16.19 -5.44
C ALA H 72 -50.06 -16.94 -6.51
N LEU H 73 -49.30 -17.93 -6.07
CA LEU H 73 -48.47 -18.73 -6.97
C LEU H 73 -48.40 -20.16 -6.47
N TYR H 74 -48.48 -21.11 -7.41
CA TYR H 74 -48.34 -22.52 -7.12
C TYR H 74 -47.10 -23.07 -7.82
N SER H 75 -46.46 -24.05 -7.18
CA SER H 75 -45.26 -24.66 -7.71
C SER H 75 -45.18 -26.11 -7.28
N ARG H 76 -44.71 -26.98 -8.19
CA ARG H 76 -44.56 -28.38 -7.87
C ARG H 76 -43.35 -28.65 -6.99
N LEU H 77 -42.35 -27.78 -7.01
CA LEU H 77 -41.14 -27.93 -6.21
C LEU H 77 -41.04 -26.80 -5.21
N GLN H 78 -40.47 -27.09 -4.05
CA GLN H 78 -40.28 -26.08 -3.01
C GLN H 78 -39.25 -25.05 -3.47
N PRO H 79 -39.65 -23.79 -3.65
CA PRO H 79 -38.73 -22.79 -4.20
C PRO H 79 -37.61 -22.47 -3.20
N LYS H 80 -36.47 -22.04 -3.76
CA LYS H 80 -35.36 -21.62 -2.92
C LYS H 80 -35.73 -20.39 -2.10
N ALA H 81 -36.52 -19.48 -2.68
CA ALA H 81 -36.94 -18.28 -1.98
C ALA H 81 -38.20 -17.75 -2.63
N VAL H 82 -39.09 -17.19 -1.81
CA VAL H 82 -40.31 -16.55 -2.26
C VAL H 82 -40.34 -15.13 -1.71
N ILE H 83 -40.36 -14.15 -2.61
CA ILE H 83 -40.27 -12.75 -2.23
C ILE H 83 -41.49 -12.00 -2.78
N SER H 84 -41.81 -10.90 -2.12
CA SER H 84 -42.94 -10.06 -2.51
C SER H 84 -42.56 -8.60 -2.31
N GLY H 85 -43.26 -7.72 -3.03
CA GLY H 85 -42.99 -6.29 -2.94
C GLY H 85 -41.83 -5.85 -3.80
N LEU H 86 -41.86 -4.59 -4.23
CA LEU H 86 -40.80 -4.05 -5.08
C LEU H 86 -40.04 -2.89 -4.45
N GLY H 87 -40.61 -2.21 -3.46
CA GLY H 87 -39.99 -1.07 -2.86
C GLY H 87 -40.73 0.24 -3.03
N PHE H 88 -41.95 0.22 -3.58
CA PHE H 88 -42.77 1.41 -3.69
C PHE H 88 -44.20 1.07 -3.29
N GLU H 89 -45.01 2.10 -3.08
CA GLU H 89 -46.33 1.90 -2.48
C GLU H 89 -47.26 1.14 -3.41
N THR H 90 -47.26 1.48 -4.70
CA THR H 90 -48.25 0.95 -5.63
C THR H 90 -48.23 -0.57 -5.74
N ALA H 91 -47.13 -1.21 -5.36
CA ALA H 91 -47.04 -2.67 -5.40
C ALA H 91 -47.05 -3.27 -4.01
N ASP H 92 -46.34 -2.65 -3.07
CA ASP H 92 -46.25 -3.20 -1.71
C ASP H 92 -47.57 -3.08 -0.98
N ARG H 93 -48.21 -1.92 -1.06
CA ARG H 93 -49.47 -1.71 -0.34
C ARG H 93 -50.61 -2.57 -0.87
N TYR H 94 -50.58 -2.92 -2.17
CA TYR H 94 -51.65 -3.69 -2.78
C TYR H 94 -51.31 -5.16 -2.93
N GLY H 95 -50.05 -5.55 -2.75
CA GLY H 95 -49.66 -6.94 -2.89
C GLY H 95 -49.94 -7.50 -4.27
N ARG H 96 -49.61 -6.73 -5.32
CA ARG H 96 -49.88 -7.13 -6.70
C ARG H 96 -48.71 -7.87 -7.34
N TYR H 97 -47.72 -8.30 -6.56
CA TYR H 97 -46.54 -8.96 -7.10
C TYR H 97 -46.09 -10.06 -6.16
N LEU H 98 -45.68 -11.19 -6.74
CA LEU H 98 -45.11 -12.30 -5.99
C LEU H 98 -44.14 -13.04 -6.88
N GLN H 99 -42.95 -13.32 -6.35
CA GLN H 99 -41.87 -13.90 -7.15
C GLN H 99 -41.36 -15.16 -6.46
N ALA H 100 -41.21 -16.22 -7.23
CA ALA H 100 -40.67 -17.49 -6.75
C ALA H 100 -39.29 -17.70 -7.35
N ASP H 101 -38.30 -17.96 -6.49
CA ASP H 101 -36.91 -18.10 -6.91
C ASP H 101 -36.55 -19.58 -6.95
N PHE H 102 -36.15 -20.06 -8.11
CA PHE H 102 -35.66 -21.42 -8.32
C PHE H 102 -34.23 -21.37 -8.81
N ASP H 103 -33.70 -22.52 -9.20
CA ASP H 103 -32.36 -22.58 -9.75
C ASP H 103 -32.31 -21.86 -11.09
N LYS H 104 -31.29 -21.03 -11.27
CA LYS H 104 -31.06 -20.27 -12.50
C LYS H 104 -32.21 -19.31 -12.80
N VAL H 105 -33.40 -19.84 -13.04
CA VAL H 105 -34.54 -19.04 -13.48
C VAL H 105 -35.50 -18.85 -12.33
N SER H 106 -36.05 -17.64 -12.24
CA SER H 106 -37.06 -17.30 -11.25
C SER H 106 -38.38 -16.98 -11.95
N ILE H 107 -39.48 -17.45 -11.38
CA ILE H 107 -40.82 -17.24 -11.93
C ILE H 107 -41.57 -16.30 -11.01
N ALA H 108 -42.19 -15.27 -11.58
CA ALA H 108 -42.87 -14.24 -10.81
C ALA H 108 -44.22 -13.93 -11.44
N THR H 109 -45.19 -13.57 -10.59
CA THR H 109 -46.50 -13.12 -11.03
C THR H 109 -46.63 -11.63 -10.73
N LEU H 110 -47.48 -10.95 -11.49
CA LEU H 110 -47.67 -9.51 -11.35
C LEU H 110 -49.10 -9.14 -11.71
N LEU H 111 -49.66 -8.17 -11.00
CA LEU H 111 -51.02 -7.70 -11.23
C LEU H 111 -51.00 -6.19 -11.46
N LEU H 112 -51.56 -5.76 -12.59
CA LEU H 112 -51.65 -4.33 -12.80
C LEU H 112 -53.08 -3.83 -12.60
N PRO H 113 -53.25 -2.60 -12.13
CA PRO H 113 -54.60 -2.07 -11.95
C PRO H 113 -55.35 -1.99 -13.27
N SER H 114 -56.67 -2.05 -13.19
CA SER H 114 -57.49 -2.00 -14.40
C SER H 114 -57.45 -0.61 -15.04
N GLY H 115 -57.57 0.44 -14.23
CA GLY H 115 -57.55 1.80 -14.73
C GLY H 115 -58.84 2.25 -15.39
N GLN H 116 -59.85 1.40 -15.48
CA GLN H 116 -61.12 1.77 -16.10
C GLN H 116 -62.15 2.25 -15.10
N SER H 117 -61.89 2.08 -13.79
CA SER H 117 -62.84 2.48 -12.77
C SER H 117 -62.80 3.97 -12.46
N GLY H 118 -61.93 4.72 -13.10
CA GLY H 118 -61.85 6.16 -12.87
C GLY H 118 -60.50 6.70 -13.28
N ASP H 119 -60.40 8.04 -13.22
CA ASP H 119 -59.16 8.70 -13.60
C ASP H 119 -58.06 8.45 -12.57
N GLU H 120 -58.44 8.37 -11.29
CA GLU H 120 -57.45 8.06 -10.26
C GLU H 120 -56.88 6.66 -10.45
N SER H 121 -57.70 5.71 -10.88
CA SER H 121 -57.20 4.37 -11.18
C SER H 121 -56.20 4.41 -12.34
N LEU H 122 -56.47 5.23 -13.36
CA LEU H 122 -55.54 5.36 -14.48
C LEU H 122 -54.24 6.01 -14.04
N ASN H 123 -54.31 6.99 -13.14
CA ASN H 123 -53.09 7.63 -12.63
C ASN H 123 -52.26 6.64 -11.82
N GLN H 124 -52.92 5.86 -10.96
CA GLN H 124 -52.21 4.83 -10.21
C GLN H 124 -51.61 3.79 -11.15
N LYS H 125 -52.32 3.45 -12.22
CA LYS H 125 -51.81 2.49 -13.18
C LYS H 125 -50.57 3.02 -13.89
N PHE H 126 -50.59 4.30 -14.27
CA PHE H 126 -49.43 4.91 -14.91
C PHE H 126 -48.24 4.97 -13.95
N LYS H 127 -48.49 5.29 -12.69
CA LYS H 127 -47.42 5.30 -11.70
C LYS H 127 -46.83 3.91 -11.52
N PHE H 128 -47.70 2.89 -11.46
CA PHE H 128 -47.23 1.52 -11.37
C PHE H 128 -46.40 1.13 -12.59
N MET H 129 -46.83 1.56 -13.78
CA MET H 129 -46.10 1.26 -15.00
C MET H 129 -44.72 1.89 -14.98
N ASP H 130 -44.64 3.16 -14.55
CA ASP H 130 -43.35 3.83 -14.48
C ASP H 130 -42.42 3.17 -13.47
N ASP H 131 -42.96 2.83 -12.29
CA ASP H 131 -42.15 2.18 -11.27
C ASP H 131 -41.68 0.81 -11.72
N PHE H 132 -42.54 0.06 -12.42
CA PHE H 132 -42.14 -1.25 -12.93
C PHE H 132 -41.10 -1.12 -14.03
N THR H 133 -41.19 -0.07 -14.86
CA THR H 133 -40.18 0.16 -15.87
C THR H 133 -38.83 0.47 -15.21
N HIS H 134 -38.84 1.29 -14.16
CA HIS H 134 -37.61 1.58 -13.43
C HIS H 134 -37.03 0.31 -12.82
N TYR H 135 -37.89 -0.53 -12.24
CA TYR H 135 -37.44 -1.77 -11.62
C TYR H 135 -36.84 -2.71 -12.67
N LEU H 136 -37.47 -2.80 -13.84
CA LEU H 136 -36.94 -3.64 -14.91
C LEU H 136 -35.61 -3.11 -15.41
N SER H 137 -35.47 -1.78 -15.53
CA SER H 137 -34.20 -1.21 -15.96
C SER H 137 -33.10 -1.48 -14.94
N LYS H 138 -33.44 -1.52 -13.65
CA LYS H 138 -32.44 -1.84 -12.64
C LYS H 138 -32.16 -3.34 -12.59
N GLN H 139 -33.12 -4.16 -12.98
CA GLN H 139 -32.98 -5.61 -12.82
C GLN H 139 -32.34 -6.27 -14.04
N ARG H 140 -32.43 -5.63 -15.22
CA ARG H 140 -31.93 -6.24 -16.44
C ARG H 140 -30.41 -6.47 -16.43
N ARG H 141 -29.69 -5.89 -15.48
CA ARG H 141 -28.25 -6.08 -15.41
C ARG H 141 -27.86 -7.38 -14.71
N LYS H 142 -28.82 -8.13 -14.19
CA LYS H 142 -28.52 -9.34 -13.45
C LYS H 142 -28.30 -10.52 -14.39
N ARG H 143 -27.66 -11.56 -13.86
CA ARG H 143 -27.31 -12.73 -14.67
CA ARG H 143 -27.31 -12.73 -14.67
C ARG H 143 -28.46 -13.73 -14.74
N ARG H 144 -29.19 -13.91 -13.65
CA ARG H 144 -30.25 -14.91 -13.61
C ARG H 144 -31.41 -14.52 -14.52
N GLU H 145 -32.21 -15.51 -14.87
CA GLU H 145 -33.37 -15.32 -15.74
C GLU H 145 -34.62 -15.08 -14.90
N TYR H 146 -35.56 -14.34 -15.48
CA TYR H 146 -36.82 -14.01 -14.82
C TYR H 146 -37.98 -14.35 -15.73
N ILE H 147 -39.06 -14.84 -15.12
CA ILE H 147 -40.30 -15.14 -15.83
C ILE H 147 -41.41 -14.33 -15.16
N TYR H 148 -41.87 -13.29 -15.85
CA TYR H 148 -42.90 -12.40 -15.31
C TYR H 148 -44.23 -12.76 -15.94
N CYS H 149 -45.06 -13.49 -15.20
CA CYS H 149 -46.42 -13.83 -15.63
C CYS H 149 -47.35 -12.75 -15.11
N GLY H 150 -47.22 -11.55 -15.68
CA GLY H 150 -47.94 -10.39 -15.19
C GLY H 150 -49.13 -9.98 -16.03
N SER H 151 -50.30 -9.86 -15.39
CA SER H 151 -51.50 -9.35 -16.05
C SER H 151 -51.38 -7.83 -16.13
N LEU H 152 -50.87 -7.35 -17.26
CA LEU H 152 -50.59 -5.93 -17.44
C LEU H 152 -51.84 -5.12 -17.75
N TYR H 153 -52.96 -5.76 -18.07
CA TYR H 153 -54.23 -5.09 -18.34
C TYR H 153 -54.12 -4.09 -19.49
N VAL H 154 -53.13 -4.28 -20.36
CA VAL H 154 -52.91 -3.40 -21.51
C VAL H 154 -52.49 -4.27 -22.69
N ALA H 155 -53.09 -4.01 -23.86
CA ALA H 155 -52.70 -4.70 -25.08
C ALA H 155 -51.49 -4.01 -25.70
N HIS H 156 -50.65 -4.80 -26.38
CA HIS H 156 -49.43 -4.25 -26.95
C HIS H 156 -49.65 -3.72 -28.36
N GLN H 157 -50.16 -4.56 -29.26
CA GLN H 157 -50.35 -4.20 -30.66
C GLN H 157 -51.81 -4.38 -31.04
N LYS H 158 -52.12 -4.01 -32.29
CA LYS H 158 -53.49 -4.15 -32.78
C LYS H 158 -53.88 -5.62 -32.89
N MET H 159 -52.90 -6.51 -33.02
CA MET H 159 -53.18 -7.94 -33.10
CA MET H 159 -53.17 -7.94 -33.10
C MET H 159 -53.66 -8.52 -31.78
N ASP H 160 -53.58 -7.75 -30.69
CA ASP H 160 -53.97 -8.23 -29.37
C ASP H 160 -55.43 -7.93 -29.03
N VAL H 161 -56.10 -7.08 -29.82
CA VAL H 161 -57.50 -6.72 -29.56
C VAL H 161 -58.26 -6.70 -30.88
N LYS H 162 -59.58 -6.76 -30.78
CA LYS H 162 -60.48 -6.64 -31.92
C LYS H 162 -61.03 -5.22 -31.97
N ASN H 163 -61.06 -4.65 -33.19
CA ASN H 163 -61.49 -3.27 -33.40
C ASN H 163 -60.66 -2.30 -32.57
N TRP H 164 -59.38 -2.21 -32.93
CA TRP H 164 -58.45 -1.37 -32.19
C TRP H 164 -58.80 0.11 -32.30
N ARG H 165 -59.53 0.49 -33.36
CA ARG H 165 -59.92 1.89 -33.53
C ARG H 165 -60.76 2.38 -32.35
N GLU H 166 -61.70 1.55 -31.89
CA GLU H 166 -62.48 1.91 -30.71
C GLU H 166 -61.77 1.51 -29.42
N CYS H 167 -60.80 0.60 -29.51
CA CYS H 167 -60.04 0.21 -28.32
C CYS H 167 -59.10 1.31 -27.87
N GLN H 168 -58.64 2.15 -28.80
CA GLN H 168 -57.74 3.24 -28.45
C GLN H 168 -58.40 4.27 -27.54
N GLN H 169 -59.73 4.30 -27.49
CA GLN H 169 -60.46 5.27 -26.68
C GLN H 169 -60.81 4.74 -25.29
N MET H 170 -60.28 3.57 -24.91
CA MET H 170 -60.57 2.98 -23.62
C MET H 170 -59.26 2.52 -22.97
N PRO H 171 -59.20 2.50 -21.65
CA PRO H 171 -57.98 2.03 -20.96
C PRO H 171 -57.69 0.58 -21.31
N GLY H 172 -56.46 0.33 -21.75
CA GLY H 172 -56.06 -1.00 -22.19
C GLY H 172 -55.35 -0.95 -23.53
N PHE H 173 -55.67 0.08 -24.32
CA PHE H 173 -55.00 0.25 -25.61
C PHE H 173 -54.63 1.72 -25.86
N LEU H 174 -54.42 2.51 -24.81
CA LEU H 174 -54.08 3.91 -24.99
C LEU H 174 -52.68 4.06 -25.57
N ALA H 175 -52.45 5.19 -26.24
CA ALA H 175 -51.15 5.48 -26.83
C ALA H 175 -50.00 5.48 -25.82
N PRO H 176 -50.12 6.13 -24.65
CA PRO H 176 -49.00 6.05 -23.68
C PRO H 176 -48.74 4.65 -23.19
N GLU H 177 -49.79 3.84 -22.98
CA GLU H 177 -49.59 2.47 -22.53
C GLU H 177 -48.93 1.63 -23.62
N ARG H 178 -49.34 1.84 -24.88
CA ARG H 178 -48.70 1.14 -25.99
C ARG H 178 -47.23 1.52 -26.10
N ALA H 179 -46.92 2.80 -25.94
CA ALA H 179 -45.52 3.24 -25.98
C ALA H 179 -44.74 2.66 -24.81
N TRP H 180 -45.36 2.55 -23.64
CA TRP H 180 -44.69 1.96 -22.49
C TRP H 180 -44.38 0.49 -22.73
N LEU H 181 -45.33 -0.25 -23.29
CA LEU H 181 -45.07 -1.65 -23.61
C LEU H 181 -43.99 -1.78 -24.69
N ASP H 182 -44.02 -0.91 -25.70
CA ASP H 182 -42.97 -0.94 -26.72
C ASP H 182 -41.60 -0.68 -26.11
N GLU H 183 -41.51 0.29 -25.20
CA GLU H 183 -40.25 0.54 -24.49
C GLU H 183 -39.80 -0.69 -23.72
N VAL H 184 -40.71 -1.27 -22.93
CA VAL H 184 -40.37 -2.42 -22.09
C VAL H 184 -39.87 -3.58 -22.94
N PHE H 185 -40.52 -3.80 -24.10
CA PHE H 185 -40.14 -4.92 -24.95
C PHE H 185 -38.83 -4.67 -25.68
N GLY H 186 -38.71 -3.54 -26.38
CA GLY H 186 -37.55 -3.28 -27.20
C GLY H 186 -36.34 -2.76 -26.44
N ASN H 187 -36.50 -1.66 -25.71
CA ASN H 187 -35.36 -1.03 -25.05
C ASN H 187 -34.79 -1.90 -23.95
N LEU H 188 -35.66 -2.50 -23.13
CA LEU H 188 -35.20 -3.35 -22.04
C LEU H 188 -34.85 -4.75 -22.48
N GLY H 189 -35.26 -5.17 -23.68
CA GLY H 189 -34.89 -6.46 -24.21
C GLY H 189 -35.76 -7.63 -23.82
N TYR H 190 -36.89 -7.38 -23.16
CA TYR H 190 -37.78 -8.47 -22.77
C TYR H 190 -38.58 -8.95 -23.97
N ALA H 191 -38.86 -10.25 -23.98
CA ALA H 191 -39.58 -10.90 -25.07
C ALA H 191 -40.88 -11.51 -24.58
N ASP H 192 -41.89 -11.50 -25.44
CA ASP H 192 -43.19 -12.07 -25.11
C ASP H 192 -43.16 -13.57 -25.39
N ALA H 193 -43.62 -14.37 -24.43
CA ALA H 193 -43.62 -15.82 -24.59
C ALA H 193 -44.56 -16.26 -25.71
N LEU H 194 -45.70 -15.59 -25.85
CA LEU H 194 -46.67 -15.98 -26.87
C LEU H 194 -46.19 -15.62 -28.27
N ARG H 195 -45.62 -14.42 -28.43
CA ARG H 195 -45.22 -13.96 -29.75
C ARG H 195 -43.94 -14.61 -30.25
N GLU H 196 -43.18 -15.27 -29.38
CA GLU H 196 -41.96 -15.95 -29.83
C GLU H 196 -42.26 -17.24 -30.58
N VAL H 197 -43.47 -17.78 -30.44
CA VAL H 197 -43.83 -19.02 -31.12
C VAL H 197 -45.12 -18.90 -31.92
N SER H 198 -45.95 -17.87 -31.70
CA SER H 198 -47.21 -17.74 -32.41
C SER H 198 -47.47 -16.25 -32.65
N ARG H 199 -47.46 -15.84 -33.91
CA ARG H 199 -47.73 -14.45 -34.28
C ARG H 199 -49.03 -14.35 -35.08
N GLU H 200 -50.11 -14.81 -34.46
CA GLU H 200 -51.43 -14.82 -35.07
C GLU H 200 -52.42 -14.07 -34.20
N GLY H 201 -53.48 -13.58 -34.83
CA GLY H 201 -54.51 -12.84 -34.13
C GLY H 201 -55.52 -13.74 -33.44
N ASP H 202 -56.56 -13.09 -32.90
CA ASP H 202 -57.67 -13.76 -32.22
C ASP H 202 -57.21 -14.52 -30.98
N GLN H 203 -55.97 -14.29 -30.55
CA GLN H 203 -55.44 -14.93 -29.34
C GLN H 203 -55.60 -13.96 -28.16
N PHE H 204 -56.85 -13.73 -27.78
CA PHE H 204 -57.19 -12.81 -26.72
C PHE H 204 -57.14 -13.50 -25.37
N SER H 205 -57.12 -12.69 -24.30
CA SER H 205 -57.05 -13.21 -22.94
C SER H 205 -58.09 -12.63 -22.00
N TRP H 206 -58.70 -11.49 -22.33
CA TRP H 206 -59.68 -10.86 -21.44
C TRP H 206 -60.83 -10.32 -22.27
N TRP H 207 -62.04 -10.48 -21.73
CA TRP H 207 -63.26 -10.03 -22.38
C TRP H 207 -64.07 -9.16 -21.42
N PRO H 208 -64.67 -8.08 -21.92
CA PRO H 208 -65.50 -7.24 -21.05
C PRO H 208 -66.73 -7.99 -20.56
N ASP H 209 -67.37 -7.41 -19.54
CA ASP H 209 -68.57 -8.00 -18.94
C ASP H 209 -69.79 -7.65 -19.80
N SER H 210 -69.85 -8.29 -20.97
CA SER H 210 -70.94 -8.09 -21.91
C SER H 210 -71.09 -9.33 -22.77
N GLU H 211 -72.33 -9.78 -22.96
CA GLU H 211 -72.59 -10.95 -23.78
C GLU H 211 -72.23 -10.68 -25.24
N GLN H 212 -72.43 -9.44 -25.70
CA GLN H 212 -72.08 -9.09 -27.07
C GLN H 212 -70.58 -9.25 -27.32
N ALA H 213 -69.76 -8.91 -26.31
CA ALA H 213 -68.32 -9.08 -26.46
C ALA H 213 -67.94 -10.55 -26.61
N GLU H 214 -68.54 -11.43 -25.81
CA GLU H 214 -68.26 -12.85 -25.93
CA GLU H 214 -68.26 -12.85 -25.93
C GLU H 214 -68.78 -13.41 -27.26
N MET H 215 -69.91 -12.89 -27.74
CA MET H 215 -70.46 -13.36 -29.00
C MET H 215 -69.60 -12.96 -30.18
N LEU H 216 -69.12 -11.72 -30.20
CA LEU H 216 -68.33 -11.22 -31.32
C LEU H 216 -66.83 -11.35 -31.11
N ASN H 217 -66.39 -12.00 -30.04
CA ASN H 217 -64.98 -12.24 -29.77
C ASN H 217 -64.21 -10.92 -29.68
N LEU H 218 -64.77 -9.96 -28.93
CA LEU H 218 -64.12 -8.69 -28.70
C LEU H 218 -63.20 -8.77 -27.49
N GLY H 219 -62.17 -9.63 -27.58
CA GLY H 219 -61.30 -9.87 -26.46
C GLY H 219 -60.06 -8.99 -26.45
N TRP H 220 -59.42 -8.92 -25.28
CA TRP H 220 -58.20 -8.16 -25.08
C TRP H 220 -57.13 -9.08 -24.52
N ARG H 221 -55.90 -8.93 -25.02
CA ARG H 221 -54.78 -9.72 -24.52
C ARG H 221 -54.15 -8.97 -23.35
N PHE H 222 -54.74 -9.17 -22.17
CA PHE H 222 -54.28 -8.48 -20.98
C PHE H 222 -53.29 -9.29 -20.15
N ASP H 223 -53.13 -10.57 -20.45
CA ASP H 223 -52.22 -11.44 -19.71
C ASP H 223 -50.97 -11.70 -20.53
N TYR H 224 -49.82 -11.72 -19.87
CA TYR H 224 -48.55 -11.92 -20.54
C TYR H 224 -47.62 -12.73 -19.65
N GLN H 225 -46.68 -13.41 -20.31
CA GLN H 225 -45.59 -14.10 -19.63
C GLN H 225 -44.28 -13.50 -20.14
N VAL H 226 -43.76 -12.52 -19.40
CA VAL H 226 -42.58 -11.78 -19.81
C VAL H 226 -41.34 -12.57 -19.42
N LEU H 227 -40.46 -12.81 -20.39
CA LEU H 227 -39.26 -13.60 -20.20
C LEU H 227 -38.02 -12.76 -20.51
N THR H 228 -36.93 -13.07 -19.82
CA THR H 228 -35.66 -12.44 -20.13
C THR H 228 -35.20 -12.86 -21.53
N PRO H 229 -34.36 -12.05 -22.19
CA PRO H 229 -33.92 -12.41 -23.54
C PRO H 229 -33.14 -13.71 -23.61
N GLY H 230 -32.64 -14.21 -22.47
CA GLY H 230 -31.91 -15.46 -22.47
C GLY H 230 -32.78 -16.68 -22.69
N LEU H 231 -34.07 -16.60 -22.36
CA LEU H 231 -34.98 -17.73 -22.50
C LEU H 231 -35.92 -17.62 -23.69
N ARG H 232 -35.63 -16.73 -24.65
CA ARG H 232 -36.52 -16.58 -25.79
C ARG H 232 -36.53 -17.84 -26.66
N ARG H 233 -35.42 -18.58 -26.68
CA ARG H 233 -35.33 -19.78 -27.49
C ARG H 233 -35.82 -21.03 -26.77
N PHE H 234 -36.12 -20.95 -25.48
CA PHE H 234 -36.58 -22.10 -24.72
C PHE H 234 -38.08 -22.32 -24.80
N VAL H 235 -38.82 -21.40 -25.41
CA VAL H 235 -40.27 -21.54 -25.50
C VAL H 235 -40.61 -22.66 -26.48
N ARG H 236 -41.41 -23.61 -26.04
CA ARG H 236 -41.83 -24.72 -26.89
C ARG H 236 -43.22 -24.49 -27.47
N ASN H 237 -44.22 -24.27 -26.61
CA ASN H 237 -45.59 -24.06 -27.05
C ASN H 237 -46.28 -23.09 -26.10
N ALA H 238 -47.36 -22.49 -26.60
CA ALA H 238 -48.17 -21.56 -25.82
C ALA H 238 -49.62 -21.73 -26.22
N LYS H 239 -50.51 -21.75 -25.23
CA LYS H 239 -51.93 -21.97 -25.45
C LYS H 239 -52.74 -20.91 -24.73
N LEU H 240 -53.84 -20.49 -25.36
CA LEU H 240 -54.78 -19.52 -24.79
C LEU H 240 -56.19 -20.07 -24.96
N PRO H 241 -56.61 -21.00 -24.10
CA PRO H 241 -57.95 -21.58 -24.22
C PRO H 241 -59.05 -20.57 -23.93
N ARG H 242 -59.92 -20.34 -24.92
CA ARG H 242 -61.05 -19.45 -24.72
C ARG H 242 -62.00 -20.00 -23.66
N GLN H 243 -62.36 -21.27 -23.78
CA GLN H 243 -63.25 -21.95 -22.84
C GLN H 243 -62.69 -23.34 -22.58
N PRO H 244 -62.87 -23.87 -21.36
CA PRO H 244 -63.55 -23.21 -20.23
C PRO H 244 -62.65 -22.27 -19.46
N ARG H 245 -63.20 -21.12 -19.04
CA ARG H 245 -62.50 -20.18 -18.20
C ARG H 245 -63.38 -19.84 -17.01
N PHE H 246 -62.73 -19.39 -15.93
CA PHE H 246 -63.40 -19.19 -14.65
C PHE H 246 -63.32 -17.76 -14.15
N SER H 247 -63.03 -16.81 -15.01
CA SER H 247 -62.96 -15.40 -14.63
C SER H 247 -63.10 -14.57 -15.92
N GLN H 248 -62.86 -13.27 -15.80
CA GLN H 248 -62.86 -12.41 -16.99
C GLN H 248 -61.59 -12.60 -17.82
N HIS H 249 -60.58 -13.28 -17.28
CA HIS H 249 -59.35 -13.54 -17.98
C HIS H 249 -59.22 -15.03 -18.32
N ALA H 250 -58.82 -15.32 -19.55
CA ALA H 250 -58.67 -16.70 -19.96
C ALA H 250 -57.34 -17.27 -19.48
N PRO H 251 -57.27 -18.57 -19.24
CA PRO H 251 -56.00 -19.19 -18.84
C PRO H 251 -54.94 -19.05 -19.92
N LEU H 252 -53.68 -18.95 -19.50
CA LEU H 252 -52.54 -18.82 -20.40
C LEU H 252 -51.55 -19.93 -20.07
N ILE H 253 -51.53 -20.97 -20.91
CA ILE H 253 -50.64 -22.10 -20.75
C ILE H 253 -49.48 -21.96 -21.73
N VAL H 254 -48.26 -21.98 -21.21
CA VAL H 254 -47.05 -21.86 -22.03
C VAL H 254 -46.08 -22.96 -21.61
N ASP H 255 -45.56 -23.69 -22.60
CA ASP H 255 -44.61 -24.76 -22.36
C ASP H 255 -43.20 -24.29 -22.66
N TYR H 256 -42.23 -24.85 -21.95
CA TYR H 256 -40.83 -24.47 -22.09
C TYR H 256 -39.96 -25.71 -22.18
N ASP H 257 -38.83 -25.57 -22.87
CA ASP H 257 -37.82 -26.63 -22.95
C ASP H 257 -36.79 -26.46 -21.82
N TRP H 258 -37.30 -26.55 -20.60
CA TRP H 258 -36.48 -26.32 -19.41
C TRP H 258 -36.88 -27.31 -18.33
N GLN H 259 -35.91 -27.71 -17.53
CA GLN H 259 -36.12 -28.63 -16.42
C GLN H 259 -36.07 -27.86 -15.11
N LEU H 260 -37.21 -27.80 -14.42
CA LEU H 260 -37.29 -27.07 -13.16
C LEU H 260 -36.62 -27.85 -12.04
N SER H 261 -35.78 -27.17 -11.27
CA SER H 261 -35.07 -27.80 -10.17
C SER H 261 -34.63 -26.72 -9.19
N ILE H 262 -34.12 -27.16 -8.04
CA ILE H 262 -33.64 -26.24 -7.02
C ILE H 262 -32.16 -26.48 -6.75
N HIS I 5 47.34 -27.71 4.21
CA HIS I 5 48.76 -27.40 4.08
C HIS I 5 49.36 -28.07 2.86
N SER I 6 48.95 -29.32 2.60
CA SER I 6 49.51 -30.07 1.48
C SER I 6 49.01 -29.54 0.15
N LEU I 7 47.86 -28.85 0.15
CA LEU I 7 47.29 -28.31 -1.08
C LEU I 7 47.16 -26.79 -1.05
N GLN I 8 46.85 -26.21 0.10
CA GLN I 8 46.65 -24.77 0.20
C GLN I 8 47.95 -24.02 -0.07
N ASP I 9 49.01 -24.37 0.66
CA ASP I 9 50.29 -23.70 0.54
C ASP I 9 50.89 -23.83 -0.87
N PRO I 10 50.92 -25.03 -1.47
CA PRO I 10 51.44 -25.11 -2.85
C PRO I 10 50.59 -24.35 -3.86
N TYR I 11 49.27 -24.36 -3.70
CA TYR I 11 48.41 -23.60 -4.61
C TYR I 11 48.68 -22.11 -4.51
N LEU I 12 48.77 -21.59 -3.29
CA LEU I 12 49.05 -20.16 -3.11
C LEU I 12 50.44 -19.80 -3.61
N ASN I 13 51.42 -20.69 -3.40
CA ASN I 13 52.77 -20.44 -3.88
C ASN I 13 52.81 -20.40 -5.41
N THR I 14 52.08 -21.31 -6.06
CA THR I 14 52.02 -21.32 -7.51
C THR I 14 51.34 -20.05 -8.03
N LEU I 15 50.25 -19.65 -7.37
CA LEU I 15 49.55 -18.43 -7.78
C LEU I 15 50.44 -17.21 -7.62
N ARG I 16 51.26 -17.17 -6.56
CA ARG I 16 52.16 -16.04 -6.36
C ARG I 16 53.29 -16.04 -7.39
N LYS I 17 53.84 -17.22 -7.68
CA LYS I 17 54.96 -17.30 -8.61
C LYS I 17 54.53 -16.98 -10.04
N GLU I 18 53.41 -17.55 -10.49
CA GLU I 18 52.95 -17.31 -11.85
C GLU I 18 52.30 -15.94 -12.03
N ARG I 19 52.03 -15.22 -10.95
CA ARG I 19 51.44 -13.87 -11.00
C ARG I 19 50.10 -13.89 -11.75
N VAL I 20 49.33 -14.95 -11.57
CA VAL I 20 48.03 -15.06 -12.24
C VAL I 20 47.02 -14.20 -11.50
N PRO I 21 46.28 -13.32 -12.20
CA PRO I 21 45.23 -12.54 -11.53
C PRO I 21 44.13 -13.45 -11.01
N VAL I 22 43.91 -13.42 -9.71
CA VAL I 22 42.93 -14.29 -9.05
C VAL I 22 41.76 -13.44 -8.57
N SER I 23 40.57 -14.04 -8.56
CA SER I 23 39.37 -13.36 -8.09
C SER I 23 39.00 -13.93 -6.72
N ILE I 24 39.31 -13.19 -5.67
CA ILE I 24 39.01 -13.62 -4.31
C ILE I 24 37.55 -13.33 -4.01
N TYR I 25 36.88 -14.31 -3.40
CA TYR I 25 35.47 -14.19 -3.02
C TYR I 25 35.37 -14.36 -1.52
N LEU I 26 34.75 -13.40 -0.85
CA LEU I 26 34.62 -13.45 0.59
C LEU I 26 33.39 -14.27 1.00
N VAL I 27 33.28 -14.55 2.30
CA VAL I 27 32.20 -15.38 2.81
C VAL I 27 30.85 -14.72 2.57
N ASN I 28 30.77 -13.39 2.72
CA ASN I 28 29.51 -12.70 2.51
C ASN I 28 29.19 -12.57 1.03
N GLY I 29 30.22 -12.50 0.19
CA GLY I 29 30.01 -12.53 -1.25
C GLY I 29 30.63 -11.38 -2.01
N ILE I 30 31.41 -10.55 -1.33
CA ILE I 30 32.04 -9.39 -1.96
C ILE I 30 33.29 -9.87 -2.70
N LYS I 31 33.25 -9.82 -4.03
CA LYS I 31 34.35 -10.31 -4.85
C LYS I 31 35.48 -9.28 -4.89
N LEU I 32 36.70 -9.76 -4.67
CA LEU I 32 37.91 -8.95 -4.82
C LEU I 32 38.76 -9.49 -5.97
N GLN I 33 39.56 -8.61 -6.55
CA GLN I 33 40.43 -8.97 -7.66
C GLN I 33 41.82 -8.40 -7.43
N GLY I 34 42.80 -8.98 -8.11
CA GLY I 34 44.17 -8.52 -8.00
C GLY I 34 45.13 -9.69 -8.18
N GLN I 35 46.35 -9.49 -7.69
CA GLN I 35 47.40 -10.50 -7.74
C GLN I 35 47.89 -10.81 -6.33
N ILE I 36 48.19 -12.08 -6.08
CA ILE I 36 48.67 -12.49 -4.77
C ILE I 36 50.13 -12.07 -4.64
N GLU I 37 50.40 -11.17 -3.69
CA GLU I 37 51.77 -10.71 -3.45
C GLU I 37 52.50 -11.59 -2.45
N SER I 38 51.82 -11.96 -1.37
CA SER I 38 52.41 -12.81 -0.33
C SER I 38 51.27 -13.38 0.50
N PHE I 39 51.63 -14.35 1.35
CA PHE I 39 50.66 -15.01 2.22
C PHE I 39 51.40 -15.69 3.34
N ASP I 40 50.64 -16.17 4.32
CA ASP I 40 51.21 -16.92 5.44
C ASP I 40 50.13 -17.88 5.95
N GLN I 41 49.98 -17.95 7.27
CA GLN I 41 49.05 -18.92 7.86
C GLN I 41 47.65 -18.36 8.00
N PHE I 42 47.49 -17.04 8.22
CA PHE I 42 46.19 -16.47 8.53
C PHE I 42 45.75 -15.34 7.61
N VAL I 43 46.66 -14.69 6.87
CA VAL I 43 46.29 -13.58 6.01
C VAL I 43 46.82 -13.84 4.60
N ILE I 44 46.21 -13.17 3.63
CA ILE I 44 46.64 -13.20 2.24
C ILE I 44 46.73 -11.77 1.73
N LEU I 45 47.90 -11.41 1.21
CA LEU I 45 48.14 -10.06 0.73
C LEU I 45 47.81 -9.99 -0.75
N LEU I 46 46.78 -9.21 -1.10
CA LEU I 46 46.33 -9.04 -2.46
C LEU I 46 46.62 -7.61 -2.90
N LYS I 47 47.26 -7.47 -4.07
CA LYS I 47 47.62 -6.16 -4.59
C LYS I 47 46.91 -5.93 -5.93
N ASN I 48 46.38 -4.72 -6.08
CA ASN I 48 45.74 -4.30 -7.33
C ASN I 48 45.95 -2.80 -7.52
N THR I 49 44.89 -2.01 -7.32
CA THR I 49 45.06 -0.57 -7.26
C THR I 49 45.87 -0.16 -6.04
N VAL I 50 45.66 -0.85 -4.92
CA VAL I 50 46.43 -0.63 -3.69
C VAL I 50 46.57 -1.98 -2.99
N SER I 51 47.70 -2.16 -2.31
CA SER I 51 47.99 -3.41 -1.60
C SER I 51 47.09 -3.50 -0.38
N GLN I 52 46.34 -4.59 -0.28
CA GLN I 52 45.42 -4.81 0.83
C GLN I 52 45.61 -6.21 1.38
N MET I 53 45.51 -6.34 2.70
CA MET I 53 45.64 -7.62 3.36
C MET I 53 44.27 -8.24 3.58
N VAL I 54 44.09 -9.47 3.10
CA VAL I 54 42.83 -10.19 3.20
C VAL I 54 43.01 -11.34 4.17
N TYR I 55 42.15 -11.39 5.19
CA TYR I 55 42.22 -12.45 6.19
C TYR I 55 41.73 -13.76 5.58
N LYS I 56 42.36 -14.87 5.96
CA LYS I 56 42.00 -16.16 5.39
C LYS I 56 40.64 -16.62 5.86
N HIS I 57 40.31 -16.39 7.14
CA HIS I 57 39.05 -16.88 7.69
C HIS I 57 37.83 -16.16 7.13
N ALA I 58 38.02 -15.17 6.27
CA ALA I 58 36.92 -14.50 5.60
C ALA I 58 36.82 -14.82 4.12
N ILE I 59 37.74 -15.61 3.59
CA ILE I 59 37.74 -15.97 2.17
C ILE I 59 36.86 -17.19 1.97
N SER I 60 36.08 -17.18 0.89
CA SER I 60 35.26 -18.33 0.50
C SER I 60 35.90 -19.15 -0.62
N THR I 61 36.19 -18.52 -1.76
CA THR I 61 36.77 -19.21 -2.89
C THR I 61 37.85 -18.34 -3.52
N VAL I 62 38.75 -18.99 -4.25
CA VAL I 62 39.80 -18.31 -5.02
C VAL I 62 39.70 -18.82 -6.45
N VAL I 63 39.49 -17.91 -7.39
CA VAL I 63 39.27 -18.26 -8.79
C VAL I 63 40.34 -17.58 -9.63
N PRO I 64 41.34 -18.32 -10.10
CA PRO I 64 42.32 -17.73 -11.02
C PRO I 64 41.69 -17.43 -12.37
N SER I 65 42.27 -16.45 -13.07
CA SER I 65 41.75 -16.07 -14.38
C SER I 65 42.13 -17.05 -15.48
N ARG I 66 43.16 -17.85 -15.27
CA ARG I 66 43.62 -18.83 -16.24
C ARG I 66 44.00 -20.10 -15.52
N PRO I 67 43.91 -21.25 -16.19
CA PRO I 67 44.24 -22.52 -15.53
C PRO I 67 45.70 -22.58 -15.10
N VAL I 68 45.94 -23.31 -14.02
CA VAL I 68 47.28 -23.47 -13.46
C VAL I 68 47.52 -24.94 -13.18
N ARG I 69 48.80 -25.31 -13.11
CA ARG I 69 49.21 -26.68 -12.84
C ARG I 69 50.24 -26.71 -11.73
N LEU I 70 50.07 -27.63 -10.78
CA LEU I 70 50.99 -27.76 -9.66
C LEU I 70 52.02 -28.85 -9.92
N HIS J 5 51.49 -13.33 12.50
CA HIS J 5 52.40 -14.39 12.06
C HIS J 5 53.67 -13.76 11.48
N SER J 6 54.09 -14.26 10.32
CA SER J 6 55.29 -13.71 9.69
C SER J 6 54.97 -12.52 8.80
N LEU J 7 53.73 -12.40 8.35
CA LEU J 7 53.31 -11.33 7.46
C LEU J 7 52.34 -10.36 8.11
N GLN J 8 51.37 -10.88 8.87
CA GLN J 8 50.35 -10.02 9.46
C GLN J 8 50.95 -9.10 10.52
N ASP J 9 51.83 -9.63 11.37
CA ASP J 9 52.40 -8.80 12.42
C ASP J 9 53.28 -7.69 11.88
N PRO J 10 54.22 -7.94 10.96
CA PRO J 10 54.98 -6.80 10.38
C PRO J 10 54.11 -5.82 9.63
N TYR J 11 53.07 -6.31 8.94
CA TYR J 11 52.17 -5.42 8.23
C TYR J 11 51.46 -4.48 9.19
N LEU J 12 50.89 -5.02 10.27
CA LEU J 12 50.19 -4.18 11.23
C LEU J 12 51.15 -3.27 11.97
N ASN J 13 52.39 -3.73 12.21
CA ASN J 13 53.38 -2.88 12.86
C ASN J 13 53.74 -1.70 11.97
N THR J 14 53.92 -1.94 10.67
CA THR J 14 54.21 -0.86 9.75
C THR J 14 53.01 0.10 9.65
N LEU J 15 51.80 -0.45 9.69
CA LEU J 15 50.60 0.39 9.60
C LEU J 15 50.47 1.29 10.82
N ARG J 16 50.75 0.75 12.01
CA ARG J 16 50.60 1.56 13.23
C ARG J 16 51.77 2.52 13.40
N LYS J 17 52.95 2.16 12.91
CA LYS J 17 54.11 3.04 13.06
C LYS J 17 53.99 4.27 12.17
N GLU J 18 53.54 4.09 10.93
CA GLU J 18 53.40 5.19 9.99
C GLU J 18 52.11 5.98 10.17
N ARG J 19 51.20 5.51 11.04
CA ARG J 19 49.95 6.20 11.33
C ARG J 19 49.09 6.41 10.09
N VAL J 20 49.25 5.54 9.09
CA VAL J 20 48.50 5.66 7.84
C VAL J 20 47.04 5.32 8.09
N PRO J 21 46.09 6.14 7.63
CA PRO J 21 44.68 5.78 7.77
C PRO J 21 44.37 4.53 6.95
N VAL J 22 43.72 3.57 7.61
CA VAL J 22 43.42 2.29 6.99
C VAL J 22 41.91 2.05 7.02
N SER J 23 41.42 1.41 5.96
CA SER J 23 40.01 1.02 5.88
C SER J 23 39.87 -0.44 6.31
N ILE J 24 39.09 -0.66 7.37
CA ILE J 24 38.88 -1.99 7.93
C ILE J 24 37.48 -2.44 7.57
N TYR J 25 37.39 -3.46 6.72
CA TYR J 25 36.11 -4.03 6.31
C TYR J 25 35.77 -5.21 7.20
N LEU J 26 34.54 -5.24 7.70
CA LEU J 26 34.12 -6.34 8.54
C LEU J 26 33.47 -7.44 7.68
N VAL J 27 33.11 -8.55 8.34
CA VAL J 27 32.56 -9.69 7.63
C VAL J 27 31.20 -9.36 7.02
N ASN J 28 30.43 -8.52 7.69
CA ASN J 28 29.10 -8.17 7.21
C ASN J 28 29.12 -7.11 6.11
N GLY J 29 30.28 -6.57 5.78
CA GLY J 29 30.40 -5.57 4.73
C GLY J 29 30.52 -4.15 5.21
N ILE J 30 30.39 -3.90 6.51
CA ILE J 30 30.47 -2.54 7.02
C ILE J 30 31.91 -2.11 7.14
N LYS J 31 32.22 -0.95 6.56
CA LYS J 31 33.58 -0.43 6.48
C LYS J 31 33.85 0.48 7.68
N LEU J 32 34.96 0.24 8.36
CA LEU J 32 35.44 1.11 9.42
C LEU J 32 36.74 1.80 8.98
N GLN J 33 36.93 3.02 9.48
CA GLN J 33 38.10 3.80 9.14
C GLN J 33 38.72 4.38 10.41
N GLY J 34 40.03 4.57 10.37
CA GLY J 34 40.73 5.14 11.50
C GLY J 34 42.21 4.76 11.46
N GLN J 35 42.87 4.98 12.59
CA GLN J 35 44.28 4.69 12.74
C GLN J 35 44.47 3.61 13.80
N ILE J 36 45.25 2.59 13.46
CA ILE J 36 45.48 1.48 14.38
C ILE J 36 46.40 1.94 15.49
N GLU J 37 45.88 1.96 16.72
CA GLU J 37 46.66 2.41 17.87
C GLU J 37 47.55 1.30 18.42
N SER J 38 47.00 0.10 18.61
CA SER J 38 47.78 -1.04 19.09
C SER J 38 47.00 -2.30 18.77
N PHE J 39 47.69 -3.44 18.82
CA PHE J 39 47.08 -4.72 18.49
C PHE J 39 47.82 -5.81 19.21
N ASP J 40 47.25 -7.01 19.17
CA ASP J 40 47.87 -8.19 19.78
C ASP J 40 47.48 -9.40 18.94
N GLN J 41 47.07 -10.49 19.62
CA GLN J 41 46.76 -11.72 18.92
C GLN J 41 45.32 -11.79 18.44
N PHE J 42 44.40 -11.06 19.08
CA PHE J 42 42.98 -11.18 18.77
C PHE J 42 42.27 -9.87 18.47
N VAL J 43 42.70 -8.74 19.03
CA VAL J 43 41.97 -7.49 18.87
C VAL J 43 42.88 -6.44 18.24
N ILE J 44 42.25 -5.48 17.56
CA ILE J 44 42.93 -4.37 16.91
C ILE J 44 42.26 -3.08 17.35
N LEU J 45 43.00 -2.23 18.06
CA LEU J 45 42.48 -0.96 18.54
C LEU J 45 42.44 0.03 17.39
N LEU J 46 41.25 0.34 16.90
CA LEU J 46 41.05 1.28 15.82
C LEU J 46 40.66 2.64 16.42
N LYS J 47 41.59 3.58 16.38
CA LYS J 47 41.44 4.86 17.06
C LYS J 47 41.25 5.98 16.04
N ASN J 48 40.24 6.83 16.28
CA ASN J 48 40.05 8.06 15.53
C ASN J 48 39.30 9.06 16.41
N THR J 49 37.97 8.99 16.42
CA THR J 49 37.21 9.78 17.37
C THR J 49 37.13 9.11 18.74
N VAL J 50 36.78 7.81 18.76
CA VAL J 50 36.69 7.04 19.99
C VAL J 50 37.54 5.79 19.83
N SER J 51 38.27 5.44 20.89
CA SER J 51 39.17 4.29 20.87
C SER J 51 38.33 3.02 21.02
N GLN J 52 37.84 2.52 19.89
CA GLN J 52 37.05 1.31 19.86
C GLN J 52 37.96 0.10 19.67
N MET J 53 37.52 -1.05 20.18
CA MET J 53 38.25 -2.29 20.03
C MET J 53 37.56 -3.18 19.01
N VAL J 54 38.30 -3.66 18.02
CA VAL J 54 37.77 -4.49 16.95
C VAL J 54 38.43 -5.86 17.03
N TYR J 55 37.64 -6.91 16.89
CA TYR J 55 38.15 -8.27 16.98
C TYR J 55 38.63 -8.74 15.62
N LYS J 56 39.73 -9.50 15.60
CA LYS J 56 40.32 -9.94 14.35
C LYS J 56 39.43 -10.96 13.64
N HIS J 57 38.69 -11.76 14.39
CA HIS J 57 37.88 -12.81 13.79
C HIS J 57 36.69 -12.26 13.00
N ALA J 58 36.44 -10.95 13.07
CA ALA J 58 35.36 -10.34 12.31
C ALA J 58 35.87 -9.43 11.19
N ILE J 59 37.16 -9.19 11.11
CA ILE J 59 37.72 -8.31 10.08
C ILE J 59 37.90 -9.10 8.79
N SER J 60 37.44 -8.52 7.68
CA SER J 60 37.61 -9.17 6.38
C SER J 60 38.91 -8.75 5.69
N THR J 61 39.19 -7.46 5.66
CA THR J 61 40.40 -6.98 5.00
C THR J 61 40.77 -5.61 5.56
N VAL J 62 42.05 -5.29 5.49
CA VAL J 62 42.57 -3.98 5.91
C VAL J 62 43.20 -3.33 4.70
N VAL J 63 42.65 -2.20 4.30
CA VAL J 63 43.08 -1.48 3.09
C VAL J 63 43.66 -0.14 3.51
N PRO J 64 44.98 0.03 3.43
CA PRO J 64 45.57 1.33 3.74
C PRO J 64 45.24 2.35 2.65
N SER J 65 45.18 3.62 3.05
CA SER J 65 44.87 4.70 2.11
C SER J 65 46.02 5.03 1.18
N ARG J 66 47.24 4.58 1.48
CA ARG J 66 48.40 4.86 0.66
C ARG J 66 49.33 3.66 0.74
N PRO J 67 50.14 3.44 -0.30
CA PRO J 67 51.06 2.29 -0.27
C PRO J 67 52.06 2.40 0.88
N VAL J 68 52.42 1.24 1.42
CA VAL J 68 53.35 1.15 2.54
C VAL J 68 54.42 0.12 2.22
N ARG J 69 55.43 0.06 3.09
CA ARG J 69 56.54 -0.88 2.96
C ARG J 69 57.24 -0.75 1.61
N SER K 6 49.33 -8.99 26.73
CA SER K 6 48.13 -8.94 25.91
C SER K 6 47.51 -7.55 25.92
N LEU K 7 46.57 -7.31 25.02
CA LEU K 7 45.89 -6.02 24.90
C LEU K 7 44.40 -6.12 25.19
N GLN K 8 43.75 -7.19 24.75
CA GLN K 8 42.31 -7.34 24.94
C GLN K 8 41.95 -7.43 26.41
N ASP K 9 42.69 -8.24 27.17
CA ASP K 9 42.37 -8.41 28.59
C ASP K 9 42.60 -7.13 29.39
N PRO K 10 43.71 -6.41 29.25
CA PRO K 10 43.84 -5.15 29.99
C PRO K 10 42.81 -4.11 29.56
N TYR K 11 42.45 -4.06 28.28
CA TYR K 11 41.44 -3.12 27.82
C TYR K 11 40.08 -3.42 28.45
N LEU K 12 39.68 -4.70 28.44
CA LEU K 12 38.41 -5.06 29.06
C LEU K 12 38.44 -4.83 30.56
N ASN K 13 39.60 -5.05 31.20
CA ASN K 13 39.71 -4.81 32.63
C ASN K 13 39.58 -3.32 32.94
N THR K 14 40.16 -2.47 32.10
CA THR K 14 40.03 -1.03 32.28
C THR K 14 38.58 -0.59 32.09
N LEU K 15 37.91 -1.13 31.06
CA LEU K 15 36.50 -0.82 30.86
C LEU K 15 35.65 -1.27 32.05
N ARG K 16 36.01 -2.41 32.65
CA ARG K 16 35.24 -2.94 33.77
C ARG K 16 35.46 -2.12 35.04
N LYS K 17 36.70 -1.70 35.28
CA LYS K 17 37.01 -1.00 36.52
C LYS K 17 36.31 0.36 36.59
N GLU K 18 36.32 1.11 35.49
CA GLU K 18 35.73 2.44 35.48
C GLU K 18 34.23 2.43 35.25
N ARG K 19 33.64 1.27 34.96
CA ARG K 19 32.19 1.14 34.73
C ARG K 19 31.73 2.06 33.60
N VAL K 20 32.54 2.13 32.54
CA VAL K 20 32.18 2.99 31.40
C VAL K 20 31.13 2.29 30.55
N PRO K 21 30.02 2.94 30.24
CA PRO K 21 29.02 2.32 29.35
C PRO K 21 29.60 2.12 27.96
N VAL K 22 29.51 0.89 27.46
CA VAL K 22 30.10 0.53 26.17
C VAL K 22 29.00 0.05 25.24
N SER K 23 29.19 0.32 23.95
CA SER K 23 28.32 -0.18 22.91
C SER K 23 29.04 -1.29 22.15
N ILE K 24 28.38 -2.44 22.05
CA ILE K 24 28.97 -3.65 21.50
C ILE K 24 28.18 -4.07 20.27
N TYR K 25 28.74 -3.82 19.09
CA TYR K 25 28.09 -4.20 17.84
C TYR K 25 28.41 -5.65 17.51
N LEU K 26 27.38 -6.48 17.43
CA LEU K 26 27.57 -7.87 17.09
C LEU K 26 27.90 -8.02 15.60
N VAL K 27 28.23 -9.25 15.20
CA VAL K 27 28.64 -9.50 13.82
C VAL K 27 27.48 -9.32 12.87
N ASN K 28 26.25 -9.51 13.34
CA ASN K 28 25.08 -9.35 12.48
C ASN K 28 24.58 -7.92 12.40
N GLY K 29 25.16 -7.00 13.17
CA GLY K 29 24.75 -5.61 13.17
C GLY K 29 23.94 -5.17 14.36
N ILE K 30 23.46 -6.10 15.19
CA ILE K 30 22.68 -5.73 16.36
C ILE K 30 23.59 -5.07 17.39
N LYS K 31 23.17 -3.91 17.88
CA LYS K 31 23.96 -3.13 18.83
C LYS K 31 23.43 -3.38 20.24
N LEU K 32 24.35 -3.69 21.15
CA LEU K 32 24.04 -3.82 22.57
C LEU K 32 24.65 -2.67 23.34
N GLN K 33 24.06 -2.37 24.50
CA GLN K 33 24.53 -1.27 25.33
C GLN K 33 24.57 -1.71 26.78
N GLY K 34 25.54 -1.19 27.52
CA GLY K 34 25.65 -1.52 28.94
C GLY K 34 27.09 -1.40 29.39
N GLN K 35 27.35 -1.97 30.56
CA GLN K 35 28.68 -1.96 31.18
C GLN K 35 29.16 -3.39 31.39
N ILE K 36 30.48 -3.55 31.42
CA ILE K 36 31.10 -4.87 31.51
C ILE K 36 31.10 -5.31 32.97
N GLU K 37 30.42 -6.41 33.26
CA GLU K 37 30.48 -7.00 34.60
C GLU K 37 31.76 -7.78 34.81
N SER K 38 32.06 -8.71 33.90
CA SER K 38 33.26 -9.53 33.95
C SER K 38 33.46 -10.15 32.58
N PHE K 39 34.57 -10.88 32.41
CA PHE K 39 34.90 -11.50 31.14
C PHE K 39 35.92 -12.61 31.39
N ASP K 40 36.10 -13.45 30.38
CA ASP K 40 37.07 -14.53 30.45
C ASP K 40 37.70 -14.68 29.06
N GLN K 41 37.83 -15.93 28.60
CA GLN K 41 38.42 -16.18 27.29
C GLN K 41 37.38 -16.22 26.19
N PHE K 42 36.11 -16.49 26.51
CA PHE K 42 35.09 -16.68 25.50
C PHE K 42 33.85 -15.82 25.67
N VAL K 43 33.48 -15.42 26.90
CA VAL K 43 32.24 -14.71 27.13
C VAL K 43 32.51 -13.41 27.87
N ILE K 44 31.59 -12.46 27.72
CA ILE K 44 31.65 -11.17 28.39
C ILE K 44 30.31 -10.95 29.08
N LEU K 45 30.35 -10.63 30.38
CA LEU K 45 29.13 -10.39 31.15
C LEU K 45 28.74 -8.92 31.00
N LEU K 46 27.61 -8.67 30.36
CA LEU K 46 27.16 -7.32 30.03
C LEU K 46 26.00 -6.96 30.94
N LYS K 47 26.15 -5.85 31.66
CA LYS K 47 25.14 -5.38 32.60
C LYS K 47 24.28 -4.30 31.97
N ASN K 48 22.98 -4.38 32.20
CA ASN K 48 22.02 -3.40 31.70
C ASN K 48 20.78 -3.47 32.57
N THR K 49 19.60 -3.37 31.94
CA THR K 49 18.37 -3.61 32.67
C THR K 49 18.27 -5.05 33.15
N VAL K 50 18.78 -5.99 32.35
CA VAL K 50 18.89 -7.39 32.72
C VAL K 50 20.31 -7.85 32.46
N SER K 51 20.79 -8.74 33.31
CA SER K 51 22.14 -9.27 33.18
C SER K 51 22.18 -10.31 32.05
N GLN K 52 23.06 -10.11 31.08
CA GLN K 52 23.16 -10.99 29.93
C GLN K 52 24.61 -11.32 29.65
N MET K 53 24.82 -12.47 29.00
CA MET K 53 26.15 -12.92 28.62
C MET K 53 26.30 -12.86 27.11
N VAL K 54 27.44 -12.34 26.65
CA VAL K 54 27.72 -12.19 25.23
C VAL K 54 28.96 -13.01 24.90
N TYR K 55 28.89 -13.76 23.80
CA TYR K 55 30.01 -14.59 23.36
C TYR K 55 30.99 -13.75 22.54
N LYS K 56 32.28 -13.90 22.83
CA LYS K 56 33.29 -13.12 22.12
C LYS K 56 33.34 -13.47 20.64
N HIS K 57 33.03 -14.72 20.29
CA HIS K 57 33.04 -15.12 18.90
C HIS K 57 31.91 -14.50 18.09
N ALA K 58 31.01 -13.74 18.74
CA ALA K 58 29.96 -13.02 18.04
C ALA K 58 30.13 -11.51 18.13
N ILE K 59 31.05 -11.01 18.94
CA ILE K 59 31.29 -9.58 19.07
C ILE K 59 32.19 -9.11 17.95
N SER K 60 31.75 -8.10 17.21
CA SER K 60 32.53 -7.53 16.13
C SER K 60 33.37 -6.34 16.60
N THR K 61 32.75 -5.38 17.29
CA THR K 61 33.46 -4.21 17.79
C THR K 61 32.98 -3.89 19.20
N VAL K 62 33.86 -3.27 19.98
CA VAL K 62 33.53 -2.76 21.30
C VAL K 62 33.83 -1.27 21.30
N VAL K 63 32.77 -0.46 21.34
CA VAL K 63 32.87 0.99 21.19
C VAL K 63 32.44 1.63 22.49
N PRO K 64 33.39 2.10 23.30
CA PRO K 64 33.00 2.83 24.53
C PRO K 64 32.33 4.15 24.19
N SER K 65 31.52 4.64 25.13
CA SER K 65 30.83 5.90 24.93
C SER K 65 31.73 7.11 25.16
N ARG K 66 32.83 6.95 25.90
CA ARG K 66 33.76 8.03 26.17
C ARG K 66 35.18 7.47 26.12
N PRO K 67 36.16 8.29 25.75
CA PRO K 67 37.54 7.81 25.71
C PRO K 67 38.04 7.45 27.11
N VAL K 68 38.91 6.44 27.16
CA VAL K 68 39.47 5.95 28.41
C VAL K 68 40.98 5.80 28.25
N ARG K 69 41.66 5.58 29.38
CA ARG K 69 43.11 5.40 29.35
C ARG K 69 43.46 4.10 28.62
N LEU K 70 44.45 4.17 27.75
CA LEU K 70 44.87 2.99 27.03
C LEU K 70 45.81 2.15 27.88
N PRO K 71 45.71 0.81 27.80
CA PRO K 71 46.58 -0.10 28.54
C PRO K 71 48.05 0.05 28.17
N LYS L 3 43.83 -18.17 33.04
CA LYS L 3 42.41 -18.30 33.36
C LYS L 3 41.66 -18.99 32.24
N GLY L 4 40.73 -19.86 32.60
CA GLY L 4 39.90 -20.54 31.62
C GLY L 4 38.47 -20.07 31.63
N HIS L 5 37.53 -20.99 31.59
CA HIS L 5 36.10 -20.66 31.63
C HIS L 5 35.60 -20.40 33.05
N SER L 6 36.19 -19.42 33.74
CA SER L 6 35.79 -19.13 35.10
C SER L 6 34.50 -18.35 35.16
N LEU L 7 33.98 -17.89 34.02
CA LEU L 7 32.75 -17.13 33.96
C LEU L 7 31.63 -17.86 33.25
N GLN L 8 31.93 -18.49 32.10
CA GLN L 8 30.88 -19.14 31.32
C GLN L 8 30.34 -20.38 32.02
N ASP L 9 31.25 -21.23 32.49
CA ASP L 9 30.86 -22.49 33.12
C ASP L 9 30.04 -22.27 34.40
N PRO L 10 30.47 -21.41 35.34
CA PRO L 10 29.63 -21.19 36.53
C PRO L 10 28.30 -20.55 36.22
N TYR L 11 28.26 -19.61 35.25
CA TYR L 11 27.00 -18.98 34.88
C TYR L 11 26.03 -20.00 34.31
N LEU L 12 26.49 -20.82 33.36
CA LEU L 12 25.62 -21.83 32.77
C LEU L 12 25.22 -22.89 33.78
N ASN L 13 26.12 -23.21 34.73
CA ASN L 13 25.78 -24.17 35.77
C ASN L 13 24.70 -23.63 36.69
N THR L 14 24.78 -22.35 37.05
CA THR L 14 23.75 -21.75 37.88
C THR L 14 22.42 -21.70 37.13
N LEU L 15 22.45 -21.34 35.84
CA LEU L 15 21.23 -21.30 35.06
C LEU L 15 20.62 -22.70 34.92
N ARG L 16 21.46 -23.73 34.85
CA ARG L 16 20.96 -25.09 34.74
C ARG L 16 20.35 -25.56 36.06
N LYS L 17 21.02 -25.24 37.18
CA LYS L 17 20.53 -25.68 38.47
C LYS L 17 19.24 -24.96 38.86
N GLU L 18 19.17 -23.66 38.62
CA GLU L 18 17.97 -22.90 38.97
C GLU L 18 16.84 -23.08 37.97
N ARG L 19 17.11 -23.65 36.80
CA ARG L 19 16.10 -23.89 35.77
C ARG L 19 15.36 -22.61 35.39
N VAL L 20 16.10 -21.52 35.30
CA VAL L 20 15.49 -20.24 34.90
C VAL L 20 15.39 -20.20 33.38
N PRO L 21 14.23 -19.85 32.82
CA PRO L 21 14.12 -19.76 31.35
C PRO L 21 15.03 -18.66 30.81
N VAL L 22 15.83 -19.01 29.81
CA VAL L 22 16.79 -18.09 29.22
C VAL L 22 16.46 -17.92 27.74
N SER L 23 16.81 -16.75 27.21
CA SER L 23 16.63 -16.44 25.80
C SER L 23 17.98 -16.56 25.09
N ILE L 24 18.03 -17.39 24.06
CA ILE L 24 19.26 -17.64 23.30
C ILE L 24 19.09 -17.04 21.92
N TYR L 25 19.89 -16.03 21.61
CA TYR L 25 19.85 -15.35 20.32
C TYR L 25 20.91 -15.93 19.40
N LEU L 26 20.49 -16.36 18.21
CA LEU L 26 21.44 -16.87 17.23
C LEU L 26 22.04 -15.73 16.42
N VAL L 27 23.12 -16.05 15.69
CA VAL L 27 23.83 -15.02 14.93
C VAL L 27 23.04 -14.62 13.69
N ASN L 28 22.18 -15.50 13.19
CA ASN L 28 21.40 -15.18 12.00
C ASN L 28 20.16 -14.33 12.32
N GLY L 29 19.89 -14.07 13.60
CA GLY L 29 18.77 -13.24 13.98
C GLY L 29 17.62 -13.98 14.64
N ILE L 30 17.63 -15.31 14.64
CA ILE L 30 16.55 -16.07 15.25
C ILE L 30 16.73 -16.11 16.76
N LYS L 31 15.65 -15.88 17.49
CA LYS L 31 15.65 -15.90 18.94
C LYS L 31 15.02 -17.21 19.43
N LEU L 32 15.71 -17.89 20.35
CA LEU L 32 15.21 -19.12 20.93
C LEU L 32 14.90 -18.91 22.42
N GLN L 33 13.96 -19.70 22.92
CA GLN L 33 13.55 -19.64 24.31
C GLN L 33 13.48 -21.06 24.87
N GLY L 34 13.70 -21.17 26.17
CA GLY L 34 13.64 -22.47 26.83
C GLY L 34 14.54 -22.47 28.05
N GLN L 35 14.80 -23.68 28.54
CA GLN L 35 15.67 -23.90 29.70
C GLN L 35 16.79 -24.84 29.31
N ILE L 36 17.96 -24.62 29.91
CA ILE L 36 19.13 -25.43 29.59
C ILE L 36 19.12 -26.69 30.43
N GLU L 37 19.17 -27.85 29.77
CA GLU L 37 19.25 -29.12 30.48
C GLU L 37 20.67 -29.40 30.94
N SER L 38 21.65 -29.23 30.05
CA SER L 38 23.05 -29.44 30.36
C SER L 38 23.87 -28.74 29.29
N PHE L 39 25.19 -28.82 29.44
CA PHE L 39 26.10 -28.16 28.52
C PHE L 39 27.47 -28.82 28.62
N ASP L 40 28.35 -28.44 27.70
CA ASP L 40 29.72 -28.92 27.69
C ASP L 40 30.61 -27.81 27.13
N GLN L 41 31.52 -28.16 26.22
CA GLN L 41 32.40 -27.17 25.65
C GLN L 41 31.90 -26.64 24.31
N PHE L 42 31.00 -27.35 23.65
CA PHE L 42 30.60 -26.99 22.29
C PHE L 42 29.11 -26.86 22.06
N VAL L 43 28.26 -27.53 22.85
CA VAL L 43 26.82 -27.52 22.60
C VAL L 43 26.08 -27.23 23.90
N ILE L 44 24.85 -26.76 23.75
CA ILE L 44 23.94 -26.49 24.86
C ILE L 44 22.61 -27.17 24.57
N LEU L 45 22.13 -27.97 25.51
CA LEU L 45 20.87 -28.68 25.36
C LEU L 45 19.73 -27.78 25.83
N LEU L 46 18.82 -27.45 24.92
CA LEU L 46 17.72 -26.53 25.18
C LEU L 46 16.42 -27.30 25.20
N LYS L 47 15.60 -27.06 26.23
CA LYS L 47 14.33 -27.75 26.41
C LYS L 47 13.19 -26.74 26.45
N ASN L 48 12.18 -26.98 25.61
CA ASN L 48 10.96 -26.19 25.61
C ASN L 48 9.79 -27.06 25.18
N THR L 49 9.28 -26.83 23.96
CA THR L 49 8.29 -27.74 23.39
C THR L 49 8.93 -29.08 23.04
N VAL L 50 10.11 -29.06 22.44
CA VAL L 50 10.87 -30.26 22.12
C VAL L 50 12.32 -30.05 22.53
N SER L 51 13.01 -31.14 22.85
CA SER L 51 14.39 -31.06 23.28
C SER L 51 15.28 -30.85 22.06
N GLN L 52 15.98 -29.72 22.02
CA GLN L 52 16.84 -29.38 20.90
C GLN L 52 18.22 -28.98 21.41
N MET L 53 19.24 -29.29 20.61
CA MET L 53 20.62 -28.96 20.95
C MET L 53 21.08 -27.78 20.10
N VAL L 54 21.72 -26.80 20.75
CA VAL L 54 22.21 -25.61 20.08
C VAL L 54 23.72 -25.57 20.19
N TYR L 55 24.39 -25.34 19.07
CA TYR L 55 25.85 -25.25 19.05
C TYR L 55 26.30 -23.91 19.63
N LYS L 56 27.38 -23.95 20.41
CA LYS L 56 27.86 -22.73 21.06
C LYS L 56 28.45 -21.76 20.05
N HIS L 57 29.01 -22.26 18.96
CA HIS L 57 29.63 -21.38 17.98
C HIS L 57 28.62 -20.54 17.20
N ALA L 58 27.33 -20.81 17.36
CA ALA L 58 26.29 -19.99 16.75
C ALA L 58 25.50 -19.18 17.77
N ILE L 59 25.76 -19.36 19.06
CA ILE L 59 25.06 -18.60 20.10
C ILE L 59 25.71 -17.24 20.25
N SER L 60 24.92 -16.19 20.11
CA SER L 60 25.41 -14.82 20.27
C SER L 60 25.26 -14.30 21.69
N THR L 61 24.07 -14.39 22.27
CA THR L 61 23.83 -13.92 23.63
C THR L 61 22.89 -14.88 24.33
N VAL L 62 23.04 -14.97 25.65
CA VAL L 62 22.16 -15.75 26.50
C VAL L 62 21.56 -14.80 27.53
N VAL L 63 20.25 -14.59 27.45
CA VAL L 63 19.55 -13.61 28.27
C VAL L 63 18.57 -14.35 29.17
N PRO L 64 18.84 -14.42 30.47
CA PRO L 64 17.86 -15.02 31.39
C PRO L 64 16.63 -14.13 31.54
N SER L 65 15.51 -14.76 31.86
CA SER L 65 14.27 -14.03 32.04
C SER L 65 14.22 -13.24 33.35
N ARG L 66 15.08 -13.56 34.30
CA ARG L 66 15.13 -12.89 35.59
C ARG L 66 16.58 -12.74 36.00
N PRO L 67 16.90 -11.75 36.83
CA PRO L 67 18.28 -11.60 37.30
C PRO L 67 18.73 -12.80 38.12
N VAL L 68 20.03 -13.09 38.05
CA VAL L 68 20.61 -14.24 38.74
C VAL L 68 21.84 -13.77 39.52
N ARG L 69 22.29 -14.62 40.43
CA ARG L 69 23.47 -14.35 41.24
C ARG L 69 24.53 -15.40 40.97
N LEU L 70 25.75 -14.96 40.68
CA LEU L 70 26.82 -15.91 40.40
C LEU L 70 27.52 -16.34 41.69
N PRO L 71 27.88 -17.63 41.79
CA PRO L 71 28.59 -18.16 42.96
C PRO L 71 29.94 -17.50 43.20
N HIS M 5 33.86 -34.48 23.87
CA HIS M 5 32.49 -33.97 23.97
C HIS M 5 31.64 -34.89 24.83
N SER M 6 31.34 -34.43 26.05
CA SER M 6 30.58 -35.25 26.98
C SER M 6 29.10 -35.25 26.66
N LEU M 7 28.62 -34.24 25.94
CA LEU M 7 27.20 -34.08 25.66
C LEU M 7 26.84 -34.26 24.18
N GLN M 8 27.64 -33.68 23.28
CA GLN M 8 27.32 -33.73 21.86
C GLN M 8 27.47 -35.15 21.32
N ASP M 9 28.54 -35.84 21.69
CA ASP M 9 28.78 -37.19 21.16
C ASP M 9 27.71 -38.18 21.61
N PRO M 10 27.35 -38.29 22.89
CA PRO M 10 26.29 -39.24 23.24
C PRO M 10 24.93 -38.87 22.66
N TYR M 11 24.61 -37.58 22.59
CA TYR M 11 23.34 -37.16 21.99
C TYR M 11 23.28 -37.55 20.52
N LEU M 12 24.34 -37.28 19.77
CA LEU M 12 24.36 -37.66 18.35
C LEU M 12 24.34 -39.17 18.19
N ASN M 13 25.02 -39.89 19.08
CA ASN M 13 25.00 -41.36 18.98
C ASN M 13 23.61 -41.91 19.24
N THR M 14 22.90 -41.34 20.21
CA THR M 14 21.53 -41.76 20.49
C THR M 14 20.61 -41.45 19.31
N LEU M 15 20.76 -40.26 18.73
CA LEU M 15 19.94 -39.90 17.57
C LEU M 15 20.24 -40.81 16.38
N ARG M 16 21.50 -41.22 16.23
CA ARG M 16 21.85 -42.12 15.14
C ARG M 16 21.28 -43.52 15.37
N LYS M 17 21.39 -44.02 16.61
CA LYS M 17 20.91 -45.37 16.91
C LYS M 17 19.38 -45.44 16.81
N GLU M 18 18.68 -44.41 17.26
CA GLU M 18 17.23 -44.40 17.20
C GLU M 18 16.69 -44.09 15.81
N ARG M 19 17.53 -43.58 14.91
CA ARG M 19 17.15 -43.28 13.54
C ARG M 19 15.96 -42.30 13.48
N VAL M 20 15.96 -41.37 14.42
CA VAL M 20 14.87 -40.37 14.47
C VAL M 20 15.13 -39.30 13.43
N PRO M 21 14.15 -38.95 12.59
CA PRO M 21 14.35 -37.83 11.65
C PRO M 21 14.54 -36.53 12.42
N VAL M 22 15.62 -35.81 12.08
CA VAL M 22 15.99 -34.59 12.77
C VAL M 22 15.95 -33.42 11.81
N SER M 23 15.59 -32.25 12.33
CA SER M 23 15.62 -31.01 11.58
C SER M 23 16.83 -30.20 11.99
N ILE M 24 17.66 -29.84 11.02
CA ILE M 24 18.91 -29.14 11.27
C ILE M 24 18.84 -27.77 10.62
N TYR M 25 19.02 -26.72 11.41
CA TYR M 25 19.03 -25.35 10.93
C TYR M 25 20.46 -24.90 10.73
N LEU M 26 20.77 -24.39 9.53
CA LEU M 26 22.09 -23.88 9.25
C LEU M 26 22.22 -22.45 9.77
N VAL M 27 23.44 -21.91 9.69
CA VAL M 27 23.66 -20.53 10.15
C VAL M 27 23.10 -19.53 9.15
N ASN M 28 22.97 -19.92 7.88
CA ASN M 28 22.40 -19.04 6.89
C ASN M 28 20.89 -18.90 7.02
N GLY M 29 20.24 -19.76 7.80
CA GLY M 29 18.82 -19.66 8.07
C GLY M 29 17.98 -20.80 7.55
N ILE M 30 18.47 -21.57 6.58
CA ILE M 30 17.68 -22.65 6.00
C ILE M 30 17.67 -23.85 6.93
N LYS M 31 16.64 -24.67 6.82
CA LYS M 31 16.49 -25.87 7.62
C LYS M 31 16.59 -27.09 6.73
N LEU M 32 17.42 -28.05 7.12
CA LEU M 32 17.55 -29.32 6.44
C LEU M 32 17.01 -30.44 7.31
N GLN M 33 16.45 -31.46 6.66
CA GLN M 33 15.83 -32.58 7.35
C GLN M 33 16.34 -33.89 6.76
N GLY M 34 16.31 -34.92 7.59
CA GLY M 34 16.78 -36.23 7.17
C GLY M 34 17.11 -37.08 8.38
N GLN M 35 17.92 -38.12 8.14
CA GLN M 35 18.34 -39.05 9.18
C GLN M 35 19.85 -39.03 9.30
N ILE M 36 20.33 -39.05 10.55
CA ILE M 36 21.77 -39.05 10.80
C ILE M 36 22.32 -40.46 10.56
N GLU M 37 23.15 -40.61 9.54
CA GLU M 37 23.77 -41.90 9.24
C GLU M 37 24.99 -42.14 10.12
N SER M 38 25.88 -41.16 10.21
CA SER M 38 27.07 -41.26 11.04
C SER M 38 27.63 -39.86 11.23
N PHE M 39 28.62 -39.75 12.11
CA PHE M 39 29.23 -38.46 12.42
C PHE M 39 30.63 -38.70 12.96
N ASP M 40 31.41 -37.64 12.98
CA ASP M 40 32.77 -37.69 13.52
C ASP M 40 33.00 -36.41 14.34
N GLN M 41 34.11 -35.72 14.05
CA GLN M 41 34.45 -34.53 14.81
C GLN M 41 34.06 -33.25 14.11
N PHE M 42 33.96 -33.27 12.77
CA PHE M 42 33.75 -32.05 12.01
C PHE M 42 32.53 -32.06 11.09
N VAL M 43 32.08 -33.22 10.61
CA VAL M 43 30.95 -33.29 9.69
C VAL M 43 29.89 -34.21 10.25
N ILE M 44 28.68 -34.08 9.71
CA ILE M 44 27.54 -34.94 10.06
C ILE M 44 26.90 -35.40 8.76
N LEU M 45 26.84 -36.70 8.55
CA LEU M 45 26.23 -37.28 7.36
C LEU M 45 24.72 -37.27 7.52
N LEU M 46 24.04 -36.49 6.67
CA LEU M 46 22.59 -36.34 6.73
C LEU M 46 21.99 -37.01 5.50
N LYS M 47 21.18 -38.05 5.73
CA LYS M 47 20.59 -38.84 4.67
C LYS M 47 19.11 -38.55 4.57
N ASN M 48 18.64 -38.24 3.35
CA ASN M 48 17.23 -38.03 3.07
C ASN M 48 16.95 -38.41 1.64
N THR M 49 16.71 -37.41 0.78
CA THR M 49 16.60 -37.67 -0.65
C THR M 49 17.97 -37.94 -1.26
N VAL M 50 18.97 -37.16 -0.88
CA VAL M 50 20.35 -37.35 -1.34
C VAL M 50 21.26 -37.39 -0.12
N SER M 51 22.27 -38.26 -0.18
CA SER M 51 23.22 -38.44 0.92
C SER M 51 24.17 -37.25 0.93
N GLN M 52 23.74 -36.18 1.58
CA GLN M 52 24.52 -34.96 1.66
C GLN M 52 25.26 -34.88 2.99
N MET M 53 26.44 -34.26 2.96
CA MET M 53 27.27 -34.09 4.14
C MET M 53 27.19 -32.65 4.62
N VAL M 54 26.98 -32.46 5.92
CA VAL M 54 26.85 -31.15 6.54
C VAL M 54 27.98 -30.97 7.54
N TYR M 55 28.59 -29.78 7.53
CA TYR M 55 29.69 -29.49 8.45
C TYR M 55 29.15 -29.04 9.79
N LYS M 56 29.87 -29.40 10.86
CA LYS M 56 29.40 -29.05 12.21
C LYS M 56 29.48 -27.55 12.45
N HIS M 57 30.50 -26.88 11.91
CA HIS M 57 30.67 -25.46 12.15
C HIS M 57 29.60 -24.61 11.47
N ALA M 58 28.80 -25.19 10.58
CA ALA M 58 27.71 -24.47 9.94
C ALA M 58 26.35 -24.84 10.51
N ILE M 59 26.28 -25.83 11.40
CA ILE M 59 25.02 -26.24 12.00
C ILE M 59 24.76 -25.40 13.25
N SER M 60 23.56 -24.82 13.32
CA SER M 60 23.18 -23.97 14.44
C SER M 60 22.36 -24.73 15.49
N THR M 61 21.28 -25.40 15.07
CA THR M 61 20.43 -26.12 16.01
C THR M 61 20.07 -27.47 15.41
N VAL M 62 19.82 -28.44 16.29
CA VAL M 62 19.37 -29.77 15.92
C VAL M 62 18.01 -29.99 16.54
N VAL M 63 17.00 -30.24 15.70
CA VAL M 63 15.62 -30.37 16.12
C VAL M 63 15.15 -31.77 15.77
N PRO M 64 15.12 -32.69 16.74
CA PRO M 64 14.54 -34.01 16.48
C PRO M 64 13.02 -33.93 16.36
N SER M 65 12.44 -34.91 15.67
CA SER M 65 11.00 -34.94 15.50
C SER M 65 10.26 -35.39 16.76
N ARG M 66 10.97 -36.01 17.71
CA ARG M 66 10.36 -36.47 18.95
C ARG M 66 11.42 -36.47 20.04
N PRO M 67 11.04 -36.23 21.30
CA PRO M 67 12.03 -36.16 22.37
C PRO M 67 12.74 -37.50 22.55
N VAL M 68 14.00 -37.40 22.98
CA VAL M 68 14.85 -38.58 23.20
C VAL M 68 15.48 -38.49 24.58
N ARG M 69 16.04 -39.59 25.03
CA ARG M 69 16.67 -39.68 26.34
C ARG M 69 18.11 -40.15 26.19
N LEU M 70 19.00 -39.52 26.93
CA LEU M 70 20.42 -39.87 26.91
C LEU M 70 20.66 -41.24 27.56
N GLY N 1 -35.54 26.90 -14.36
CA GLY N 1 -35.15 25.50 -14.35
C GLY N 1 -33.69 25.29 -14.01
N PRO N 2 -33.15 24.12 -14.34
CA PRO N 2 -31.74 23.84 -14.07
C PRO N 2 -30.83 24.78 -14.84
N ALA N 3 -29.95 25.47 -14.12
CA ALA N 3 -29.02 26.41 -14.73
C ALA N 3 -27.77 26.49 -13.86
N MET N 4 -26.61 26.38 -14.50
CA MET N 4 -25.32 26.44 -13.81
C MET N 4 -24.41 27.39 -14.55
N ARG N 5 -23.83 28.34 -13.82
CA ARG N 5 -22.92 29.34 -14.39
C ARG N 5 -21.57 29.23 -13.69
N ILE N 6 -20.54 28.91 -14.48
CA ILE N 6 -19.18 28.77 -13.97
C ILE N 6 -18.29 29.76 -14.69
N ILE N 7 -17.50 30.51 -13.93
CA ILE N 7 -16.61 31.52 -14.47
C ILE N 7 -15.17 31.17 -14.11
N SER N 8 -14.29 31.23 -15.10
CA SER N 8 -12.86 30.99 -14.92
C SER N 8 -12.09 32.20 -15.39
N VAL N 9 -11.37 32.83 -14.46
CA VAL N 9 -10.62 34.06 -14.75
C VAL N 9 -9.20 33.89 -14.22
N ASN N 10 -8.23 34.07 -15.10
CA ASN N 10 -6.83 34.12 -14.67
C ASN N 10 -6.49 35.55 -14.25
N VAL N 11 -6.02 35.70 -13.02
CA VAL N 11 -5.83 37.03 -12.44
C VAL N 11 -4.37 37.47 -12.44
N ASN N 12 -3.41 36.55 -12.54
CA ASN N 12 -1.99 36.89 -12.49
C ASN N 12 -1.67 37.74 -11.27
N GLY N 13 -2.15 37.29 -10.12
CA GLY N 13 -2.05 38.06 -8.89
C GLY N 13 -3.39 38.56 -8.42
N ILE N 14 -3.91 37.96 -7.35
CA ILE N 14 -5.25 38.32 -6.87
C ILE N 14 -5.27 39.72 -6.30
N GLN N 15 -4.13 40.24 -5.85
CA GLN N 15 -4.08 41.58 -5.29
CA GLN N 15 -4.09 41.58 -5.28
C GLN N 15 -4.37 42.63 -6.35
N ALA N 16 -3.70 42.54 -7.50
CA ALA N 16 -3.93 43.50 -8.57
C ALA N 16 -5.35 43.36 -9.13
N ALA N 17 -5.87 42.13 -9.17
CA ALA N 17 -7.24 41.93 -9.63
C ALA N 17 -8.24 42.58 -8.69
N ALA N 18 -8.06 42.42 -7.38
CA ALA N 18 -8.92 43.08 -6.41
C ALA N 18 -8.78 44.59 -6.45
N GLU N 19 -7.58 45.10 -6.73
CA GLU N 19 -7.40 46.54 -6.90
C GLU N 19 -8.02 47.06 -8.18
N ARG N 20 -8.18 46.22 -9.19
CA ARG N 20 -8.83 46.61 -10.44
C ARG N 20 -10.34 46.45 -10.40
N GLY N 21 -10.88 45.86 -9.34
CA GLY N 21 -12.32 45.67 -9.23
C GLY N 21 -12.84 44.35 -9.72
N LEU N 22 -12.06 43.27 -9.60
CA LEU N 22 -12.52 41.96 -10.04
C LEU N 22 -13.68 41.46 -9.19
N LEU N 23 -13.58 41.66 -7.87
CA LEU N 23 -14.61 41.14 -6.96
C LEU N 23 -15.95 41.83 -7.19
N SER N 24 -15.93 43.14 -7.40
CA SER N 24 -17.17 43.88 -7.63
C SER N 24 -17.84 43.44 -8.91
N TRP N 25 -17.06 43.03 -9.91
CA TRP N 25 -17.63 42.55 -11.17
C TRP N 25 -18.16 41.12 -11.00
N LEU N 26 -17.43 40.29 -10.27
CA LEU N 26 -17.87 38.91 -10.06
C LEU N 26 -19.13 38.84 -9.22
N GLN N 27 -19.30 39.79 -8.29
CA GLN N 27 -20.45 39.76 -7.41
C GLN N 27 -21.75 39.98 -8.18
N ALA N 28 -21.69 40.63 -9.35
CA ALA N 28 -22.89 40.93 -10.12
C ALA N 28 -23.15 39.91 -11.23
N GLN N 29 -22.22 38.99 -11.48
CA GLN N 29 -22.39 38.02 -12.56
C GLN N 29 -23.32 36.88 -12.20
N ASN N 30 -23.72 36.76 -10.93
CA ASN N 30 -24.65 35.72 -10.47
C ASN N 30 -24.14 34.32 -10.78
N ALA N 31 -22.83 34.11 -10.70
CA ALA N 31 -22.26 32.80 -10.99
C ALA N 31 -22.41 31.87 -9.79
N ASP N 32 -22.33 30.56 -10.07
CA ASP N 32 -22.43 29.55 -9.03
C ASP N 32 -21.08 29.14 -8.48
N VAL N 33 -20.08 28.99 -9.35
CA VAL N 33 -18.74 28.59 -8.96
C VAL N 33 -17.74 29.45 -9.72
N ILE N 34 -16.83 30.11 -8.99
CA ILE N 34 -15.82 30.99 -9.57
C ILE N 34 -14.46 30.33 -9.37
N CYS N 35 -13.72 30.17 -10.46
CA CYS N 35 -12.40 29.56 -10.42
C CYS N 35 -11.35 30.61 -10.77
N LEU N 36 -10.40 30.82 -9.88
CA LEU N 36 -9.32 31.77 -10.08
C LEU N 36 -7.99 31.05 -10.24
N GLN N 37 -7.16 31.54 -11.16
CA GLN N 37 -5.86 30.97 -11.42
C GLN N 37 -4.78 32.03 -11.22
N ASP N 38 -3.59 31.55 -10.86
CA ASP N 38 -2.42 32.42 -10.67
C ASP N 38 -2.70 33.51 -9.63
N THR N 39 -3.03 33.07 -8.41
CA THR N 39 -3.36 34.02 -7.36
C THR N 39 -2.13 34.79 -6.88
N ARG N 40 -0.95 34.18 -6.96
CA ARG N 40 0.31 34.78 -6.51
C ARG N 40 0.24 35.22 -5.05
N ALA N 41 -0.54 34.50 -4.24
CA ALA N 41 -0.68 34.81 -2.83
C ALA N 41 -0.85 33.53 -2.05
N SER N 42 -0.31 33.50 -0.84
CA SER N 42 -0.41 32.34 0.02
C SER N 42 -1.83 32.17 0.53
N ALA N 43 -2.09 31.01 1.14
CA ALA N 43 -3.40 30.73 1.70
C ALA N 43 -3.73 31.69 2.84
N PHE N 44 -2.71 32.10 3.60
CA PHE N 44 -2.93 33.07 4.66
C PHE N 44 -3.31 34.43 4.12
N ASP N 45 -2.86 34.76 2.90
CA ASP N 45 -3.20 36.04 2.31
C ASP N 45 -4.68 36.11 1.92
N LEU N 46 -5.23 35.00 1.41
CA LEU N 46 -6.64 34.98 1.04
C LEU N 46 -7.55 34.92 2.25
N ASP N 47 -7.01 34.69 3.44
CA ASP N 47 -7.83 34.71 4.65
C ASP N 47 -8.40 36.09 4.92
N ASP N 48 -7.80 37.12 4.34
CA ASP N 48 -8.30 38.48 4.47
C ASP N 48 -9.72 38.57 3.94
N PRO N 49 -10.68 39.10 4.71
CA PRO N 49 -12.07 39.18 4.22
C PRO N 49 -12.25 40.15 3.05
N SER N 50 -11.21 40.88 2.67
CA SER N 50 -11.33 41.77 1.50
C SER N 50 -11.60 40.98 0.23
N PHE N 51 -10.97 39.82 0.08
CA PHE N 51 -11.19 38.96 -1.08
C PHE N 51 -12.47 38.15 -0.98
N GLN N 52 -13.12 38.14 0.18
CA GLN N 52 -14.34 37.35 0.36
C GLN N 52 -15.49 37.93 -0.46
N LEU N 53 -16.33 37.03 -0.96
CA LEU N 53 -17.50 37.40 -1.75
C LEU N 53 -18.76 37.04 -0.97
N ASP N 54 -19.76 37.92 -1.02
CA ASP N 54 -21.01 37.67 -0.33
C ASP N 54 -21.75 36.51 -0.98
N GLY N 55 -22.03 35.47 -0.19
CA GLY N 55 -22.72 34.30 -0.70
C GLY N 55 -21.85 33.25 -1.32
N TYR N 56 -20.52 33.36 -1.18
CA TYR N 56 -19.59 32.40 -1.75
C TYR N 56 -18.62 31.91 -0.69
N PHE N 57 -18.32 30.62 -0.74
CA PHE N 57 -17.28 30.06 0.12
C PHE N 57 -15.92 30.19 -0.55
N LEU N 58 -14.87 30.19 0.27
CA LEU N 58 -13.52 30.45 -0.21
C LEU N 58 -12.62 29.27 0.12
N TYR N 59 -12.16 28.57 -0.92
CA TYR N 59 -11.17 27.52 -0.79
C TYR N 59 -10.06 27.76 -1.81
N ALA N 60 -8.82 27.61 -1.36
CA ALA N 60 -7.67 27.88 -2.22
C ALA N 60 -6.45 27.13 -1.72
N CYS N 61 -5.47 26.99 -2.60
CA CYS N 61 -4.21 26.33 -2.28
CA CYS N 61 -4.21 26.34 -2.26
C CYS N 61 -3.06 27.24 -2.69
N ASP N 62 -1.93 27.08 -2.02
CA ASP N 62 -0.77 27.92 -2.28
C ASP N 62 0.47 27.05 -2.44
N ALA N 63 1.45 27.60 -3.14
CA ALA N 63 2.72 26.92 -3.32
C ALA N 63 3.62 27.10 -2.10
N GLU N 64 4.82 26.54 -2.18
CA GLU N 64 5.81 26.74 -1.12
C GLU N 64 6.21 28.22 -1.03
N LEU N 65 6.36 28.86 -2.19
CA LEU N 65 6.73 30.27 -2.27
C LEU N 65 5.57 31.09 -2.79
N PRO N 66 5.35 32.31 -2.30
CA PRO N 66 4.19 33.09 -2.75
C PRO N 66 4.32 33.61 -4.16
N GLU N 67 5.54 33.69 -4.72
CA GLU N 67 5.71 34.20 -6.07
C GLU N 67 5.04 33.30 -7.09
N GLN N 68 5.23 31.97 -6.96
CA GLN N 68 4.52 31.05 -7.84
C GLN N 68 3.03 31.05 -7.55
N GLY N 69 2.64 31.21 -6.28
CA GLY N 69 1.24 31.29 -5.92
C GLY N 69 0.50 29.98 -6.15
N GLY N 70 -0.82 30.09 -6.18
CA GLY N 70 -1.67 28.94 -6.39
C GLY N 70 -2.95 29.34 -7.09
N VAL N 71 -3.94 28.47 -6.97
CA VAL N 71 -5.26 28.68 -7.59
C VAL N 71 -6.30 28.75 -6.48
N ALA N 72 -7.36 29.52 -6.74
CA ALA N 72 -8.46 29.67 -5.80
C ALA N 72 -9.76 29.25 -6.47
N LEU N 73 -10.76 28.96 -5.65
CA LEU N 73 -12.05 28.52 -6.17
C LEU N 73 -13.15 28.98 -5.22
N TYR N 74 -14.11 29.72 -5.76
CA TYR N 74 -15.30 30.14 -5.02
C TYR N 74 -16.48 29.24 -5.38
N SER N 75 -17.35 29.01 -4.40
CA SER N 75 -18.51 28.16 -4.59
C SER N 75 -19.65 28.65 -3.72
N ARG N 76 -20.86 28.62 -4.26
CA ARG N 76 -22.04 29.02 -3.50
C ARG N 76 -22.42 27.95 -2.48
N LEU N 77 -22.56 26.70 -2.94
CA LEU N 77 -22.90 25.58 -2.08
C LEU N 77 -21.64 24.97 -1.49
N GLN N 78 -21.75 24.50 -0.25
CA GLN N 78 -20.62 23.86 0.42
C GLN N 78 -20.32 22.52 -0.26
N PRO N 79 -19.16 22.37 -0.87
CA PRO N 79 -18.87 21.13 -1.60
C PRO N 79 -18.73 19.94 -0.68
N LYS N 80 -18.92 18.75 -1.24
CA LYS N 80 -18.75 17.52 -0.47
C LYS N 80 -17.33 17.40 0.06
N ALA N 81 -16.34 17.74 -0.77
CA ALA N 81 -14.94 17.67 -0.37
C ALA N 81 -14.11 18.54 -1.30
N VAL N 82 -12.95 18.95 -0.82
CA VAL N 82 -12.00 19.74 -1.59
C VAL N 82 -10.69 18.99 -1.64
N ILE N 83 -10.21 18.73 -2.87
CA ILE N 83 -8.95 18.04 -3.09
C ILE N 83 -8.04 18.94 -3.91
N SER N 84 -6.74 18.80 -3.69
CA SER N 84 -5.74 19.61 -4.36
C SER N 84 -4.56 18.75 -4.77
N GLY N 85 -3.90 19.15 -5.84
CA GLY N 85 -2.74 18.40 -6.33
C GLY N 85 -3.10 17.10 -7.02
N LEU N 86 -2.16 16.57 -7.81
CA LEU N 86 -2.40 15.33 -8.55
C LEU N 86 -1.55 14.16 -8.07
N GLY N 87 -0.43 14.43 -7.40
CA GLY N 87 0.46 13.37 -6.98
C GLY N 87 1.86 13.45 -7.54
N PHE N 88 2.26 14.57 -8.14
CA PHE N 88 3.60 14.77 -8.65
C PHE N 88 4.07 16.17 -8.28
N GLU N 89 5.38 16.39 -8.38
CA GLU N 89 5.98 17.57 -7.77
C GLU N 89 5.58 18.85 -8.48
N THR N 90 5.51 18.82 -9.81
CA THR N 90 5.26 20.05 -10.55
C THR N 90 3.83 20.56 -10.35
N ALA N 91 2.96 19.77 -9.75
CA ALA N 91 1.62 20.23 -9.38
C ALA N 91 1.46 20.36 -7.87
N ASP N 92 2.08 19.44 -7.11
CA ASP N 92 1.97 19.50 -5.65
C ASP N 92 2.82 20.64 -5.07
N ARG N 93 4.06 20.78 -5.52
CA ARG N 93 4.95 21.78 -4.93
C ARG N 93 4.52 23.20 -5.31
N TYR N 94 3.77 23.35 -6.39
CA TYR N 94 3.32 24.67 -6.85
C TYR N 94 1.85 24.92 -6.57
N GLY N 95 1.10 23.90 -6.18
CA GLY N 95 -0.32 24.08 -5.87
C GLY N 95 -1.13 24.66 -7.01
N ARG N 96 -0.88 24.20 -8.23
CA ARG N 96 -1.55 24.72 -9.42
C ARG N 96 -2.85 24.01 -9.73
N TYR N 97 -3.40 23.23 -8.79
CA TYR N 97 -4.61 22.47 -9.03
C TYR N 97 -5.47 22.47 -7.78
N LEU N 98 -6.77 22.67 -7.96
CA LEU N 98 -7.74 22.62 -6.89
C LEU N 98 -9.06 22.13 -7.45
N GLN N 99 -9.70 21.19 -6.74
CA GLN N 99 -10.92 20.57 -7.22
C GLN N 99 -11.93 20.47 -6.09
N ALA N 100 -13.14 20.94 -6.34
CA ALA N 100 -14.24 20.84 -5.39
C ALA N 100 -15.16 19.71 -5.81
N ASP N 101 -15.55 18.87 -4.85
CA ASP N 101 -16.35 17.69 -5.13
C ASP N 101 -17.84 17.99 -4.92
N PHE N 102 -18.61 17.87 -5.99
CA PHE N 102 -20.06 17.99 -5.94
C PHE N 102 -20.69 16.68 -6.42
N ASP N 103 -22.02 16.67 -6.43
CA ASP N 103 -22.74 15.48 -6.89
C ASP N 103 -22.59 15.31 -8.40
N LYS N 104 -22.41 14.06 -8.82
CA LYS N 104 -22.29 13.70 -10.23
C LYS N 104 -21.09 14.36 -10.90
N VAL N 105 -21.02 15.70 -10.86
CA VAL N 105 -19.97 16.45 -11.54
C VAL N 105 -19.15 17.20 -10.50
N SER N 106 -17.84 17.29 -10.76
CA SER N 106 -16.92 18.05 -9.92
C SER N 106 -16.20 19.07 -10.78
N ILE N 107 -16.00 20.26 -10.22
CA ILE N 107 -15.36 21.37 -10.91
C ILE N 107 -13.94 21.51 -10.38
N ALA N 108 -12.97 21.67 -11.28
CA ALA N 108 -11.57 21.76 -10.91
C ALA N 108 -10.92 22.91 -11.67
N THR N 109 -10.10 23.68 -10.97
CA THR N 109 -9.31 24.74 -11.56
C THR N 109 -7.88 24.24 -11.79
N LEU N 110 -7.27 24.67 -12.88
CA LEU N 110 -5.95 24.18 -13.27
C LEU N 110 -5.11 25.34 -13.80
N LEU N 111 -3.83 25.33 -13.44
CA LEU N 111 -2.90 26.37 -13.87
C LEU N 111 -1.65 25.72 -14.44
N LEU N 112 -1.29 26.11 -15.66
CA LEU N 112 -0.05 25.62 -16.25
C LEU N 112 1.00 26.72 -16.29
N PRO N 113 2.28 26.36 -16.18
CA PRO N 113 3.33 27.38 -16.28
C PRO N 113 3.30 28.07 -17.64
N SER N 114 3.78 29.32 -17.66
CA SER N 114 3.76 30.10 -18.89
C SER N 114 4.68 29.49 -19.95
N GLY N 115 5.86 29.04 -19.54
CA GLY N 115 6.82 28.45 -20.46
C GLY N 115 7.57 29.43 -21.31
N GLN N 116 7.33 30.73 -21.16
CA GLN N 116 8.02 31.74 -21.95
C GLN N 116 9.26 32.30 -21.23
N SER N 117 9.31 32.20 -19.91
CA SER N 117 10.44 32.72 -19.13
C SER N 117 11.55 31.68 -18.98
N GLY N 118 12.33 31.49 -20.04
CA GLY N 118 13.44 30.57 -20.01
C GLY N 118 13.07 29.19 -20.52
N ASP N 119 14.11 28.43 -20.90
CA ASP N 119 13.89 27.08 -21.40
C ASP N 119 13.49 26.13 -20.27
N GLU N 120 13.94 26.42 -19.04
CA GLU N 120 13.54 25.61 -17.91
C GLU N 120 12.02 25.69 -17.67
N SER N 121 11.43 26.86 -17.89
CA SER N 121 9.98 26.98 -17.77
C SER N 121 9.27 26.13 -18.81
N LEU N 122 9.79 26.10 -20.04
CA LEU N 122 9.18 25.28 -21.08
C LEU N 122 9.34 23.80 -20.77
N ASN N 123 10.48 23.39 -20.21
CA ASN N 123 10.67 22.00 -19.83
C ASN N 123 9.71 21.60 -18.72
N GLN N 124 9.55 22.46 -17.72
CA GLN N 124 8.60 22.18 -16.65
C GLN N 124 7.17 22.13 -17.19
N LYS N 125 6.85 23.00 -18.15
CA LYS N 125 5.52 22.98 -18.75
C LYS N 125 5.28 21.68 -19.51
N PHE N 126 6.29 21.20 -20.23
CA PHE N 126 6.14 19.93 -20.94
C PHE N 126 5.99 18.76 -19.98
N LYS N 127 6.76 18.78 -18.88
CA LYS N 127 6.63 17.74 -17.87
C LYS N 127 5.23 17.76 -17.26
N PHE N 128 4.71 18.95 -16.96
CA PHE N 128 3.36 19.08 -16.42
C PHE N 128 2.33 18.56 -17.41
N MET N 129 2.52 18.87 -18.70
CA MET N 129 1.59 18.41 -19.72
C MET N 129 1.59 16.88 -19.81
N ASP N 130 2.77 16.28 -19.76
CA ASP N 130 2.86 14.82 -19.84
C ASP N 130 2.21 14.17 -18.62
N ASP N 131 2.50 14.69 -17.42
CA ASP N 131 1.91 14.14 -16.21
C ASP N 131 0.40 14.30 -16.20
N PHE N 132 -0.10 15.45 -16.66
CA PHE N 132 -1.54 15.65 -16.72
C PHE N 132 -2.18 14.76 -17.77
N THR N 133 -1.47 14.48 -18.87
CA THR N 133 -2.00 13.53 -19.86
C THR N 133 -2.11 12.14 -19.25
N HIS N 134 -1.10 11.72 -18.49
CA HIS N 134 -1.17 10.44 -17.81
C HIS N 134 -2.34 10.41 -16.83
N TYR N 135 -2.51 11.48 -16.06
CA TYR N 135 -3.60 11.54 -15.10
C TYR N 135 -4.96 11.48 -15.78
N LEU N 136 -5.11 12.19 -16.91
CA LEU N 136 -6.38 12.16 -17.63
C LEU N 136 -6.64 10.79 -18.24
N SER N 137 -5.60 10.12 -18.74
CA SER N 137 -5.77 8.78 -19.25
C SER N 137 -6.18 7.80 -18.16
N LYS N 138 -5.69 8.02 -16.93
CA LYS N 138 -6.11 7.18 -15.81
C LYS N 138 -7.51 7.54 -15.32
N GLN N 139 -7.91 8.80 -15.48
CA GLN N 139 -9.15 9.28 -14.89
C GLN N 139 -10.34 9.07 -15.83
N ARG N 140 -10.11 8.99 -17.14
CA ARG N 140 -11.20 8.90 -18.09
C ARG N 140 -12.05 7.64 -17.92
N ARG N 141 -11.57 6.67 -17.15
CA ARG N 141 -12.33 5.44 -16.92
C ARG N 141 -13.37 5.58 -15.82
N LYS N 142 -13.45 6.73 -15.16
CA LYS N 142 -14.41 6.92 -14.08
C LYS N 142 -15.76 7.34 -14.63
N ARG N 143 -16.78 7.24 -13.78
CA ARG N 143 -18.15 7.54 -14.19
CA ARG N 143 -18.15 7.54 -14.20
C ARG N 143 -18.53 9.00 -13.96
N ARG N 144 -18.03 9.61 -12.89
CA ARG N 144 -18.41 10.98 -12.58
C ARG N 144 -17.84 11.95 -13.60
N GLU N 145 -18.52 13.09 -13.73
CA GLU N 145 -18.15 14.11 -14.69
C GLU N 145 -17.15 15.09 -14.08
N TYR N 146 -16.28 15.63 -14.92
CA TYR N 146 -15.24 16.56 -14.49
C TYR N 146 -15.30 17.82 -15.35
N ILE N 147 -15.19 18.97 -14.70
CA ILE N 147 -15.13 20.26 -15.36
C ILE N 147 -13.80 20.91 -14.97
N TYR N 148 -12.89 21.03 -15.94
CA TYR N 148 -11.56 21.57 -15.70
C TYR N 148 -11.50 23.01 -16.19
N CYS N 149 -11.60 23.96 -15.25
CA CYS N 149 -11.42 25.37 -15.56
C CYS N 149 -9.93 25.68 -15.53
N GLY N 150 -9.24 25.21 -16.58
CA GLY N 150 -7.80 25.26 -16.61
C GLY N 150 -7.21 26.31 -17.54
N SER N 151 -6.32 27.14 -17.00
CA SER N 151 -5.53 28.07 -17.81
C SER N 151 -4.32 27.31 -18.34
N LEU N 152 -4.46 26.75 -19.54
CA LEU N 152 -3.45 25.88 -20.11
C LEU N 152 -2.26 26.63 -20.70
N TYR N 153 -2.42 27.93 -20.98
CA TYR N 153 -1.36 28.73 -21.60
C TYR N 153 -0.92 28.13 -22.94
N VAL N 154 -1.82 27.42 -23.61
CA VAL N 154 -1.53 26.76 -24.88
C VAL N 154 -2.74 26.90 -25.79
N ALA N 155 -2.53 27.36 -27.01
CA ALA N 155 -3.60 27.47 -27.98
C ALA N 155 -3.81 26.15 -28.70
N HIS N 156 -5.03 25.93 -29.18
CA HIS N 156 -5.36 24.66 -29.84
C HIS N 156 -5.20 24.77 -31.35
N GLN N 157 -5.94 25.67 -31.99
CA GLN N 157 -5.97 25.78 -33.43
C GLN N 157 -5.61 27.20 -33.86
N LYS N 158 -5.47 27.39 -35.17
CA LYS N 158 -5.14 28.71 -35.69
C LYS N 158 -6.27 29.70 -35.42
N MET N 159 -7.50 29.21 -35.34
CA MET N 159 -8.64 30.08 -35.04
CA MET N 159 -8.64 30.06 -35.03
C MET N 159 -8.58 30.67 -33.63
N ASP N 160 -7.76 30.10 -32.74
CA ASP N 160 -7.63 30.57 -31.38
C ASP N 160 -6.57 31.65 -31.21
N VAL N 161 -5.86 32.01 -32.28
CA VAL N 161 -4.81 33.03 -32.22
C VAL N 161 -4.94 33.95 -33.42
N LYS N 162 -4.21 35.06 -33.35
CA LYS N 162 -4.13 36.02 -34.44
C LYS N 162 -2.74 35.97 -35.04
N ASN N 163 -2.66 35.85 -36.37
CA ASN N 163 -1.40 35.71 -37.09
C ASN N 163 -0.61 34.49 -36.57
N TRP N 164 -1.17 33.31 -36.86
CA TRP N 164 -0.58 32.06 -36.37
C TRP N 164 0.81 31.83 -36.94
N ARG N 165 1.13 32.46 -38.07
CA ARG N 165 2.46 32.28 -38.67
C ARG N 165 3.56 32.72 -37.72
N GLU N 166 3.34 33.81 -36.98
CA GLU N 166 4.31 34.24 -35.99
C GLU N 166 4.05 33.57 -34.63
N CYS N 167 2.84 33.07 -34.41
CA CYS N 167 2.54 32.40 -33.15
C CYS N 167 3.22 31.05 -33.06
N GLN N 168 3.45 30.39 -34.20
CA GLN N 168 4.12 29.10 -34.20
C GLN N 168 5.55 29.18 -33.68
N GLN N 169 6.17 30.36 -33.73
CA GLN N 169 7.55 30.54 -33.30
C GLN N 169 7.68 31.01 -31.87
N MET N 170 6.59 31.04 -31.10
CA MET N 170 6.61 31.47 -29.72
C MET N 170 5.84 30.47 -28.86
N PRO N 171 6.18 30.36 -27.58
CA PRO N 171 5.46 29.44 -26.69
C PRO N 171 3.98 29.79 -26.61
N GLY N 172 3.14 28.81 -26.89
CA GLY N 172 1.70 29.01 -26.91
C GLY N 172 1.06 28.33 -28.10
N PHE N 173 1.84 28.17 -29.18
CA PHE N 173 1.33 27.49 -30.37
C PHE N 173 2.35 26.51 -30.95
N LEU N 174 3.28 26.01 -30.14
CA LEU N 174 4.30 25.10 -30.62
C LEU N 174 3.69 23.76 -31.04
N ALA N 175 4.41 23.05 -31.90
CA ALA N 175 4.00 21.75 -32.41
C ALA N 175 3.75 20.74 -31.29
N PRO N 176 4.65 20.59 -30.30
CA PRO N 176 4.36 19.62 -29.23
C PRO N 176 3.13 19.98 -28.42
N GLU N 177 2.92 21.26 -28.13
CA GLU N 177 1.73 21.67 -27.37
C GLU N 177 0.46 21.41 -28.17
N ARG N 178 0.49 21.70 -29.48
CA ARG N 178 -0.66 21.44 -30.32
C ARG N 178 -0.97 19.95 -30.39
N ALA N 179 0.07 19.12 -30.53
CA ALA N 179 -0.14 17.68 -30.52
C ALA N 179 -0.67 17.19 -29.18
N TRP N 180 -0.22 17.80 -28.08
CA TRP N 180 -0.71 17.44 -26.76
C TRP N 180 -2.20 17.73 -26.64
N LEU N 181 -2.61 18.93 -27.05
CA LEU N 181 -4.03 19.27 -26.99
C LEU N 181 -4.86 18.39 -27.92
N ASP N 182 -4.34 18.08 -29.12
CA ASP N 182 -5.06 17.19 -30.02
C ASP N 182 -5.23 15.81 -29.42
N GLU N 183 -4.18 15.27 -28.80
CA GLU N 183 -4.30 13.99 -28.11
C GLU N 183 -5.35 14.04 -27.01
N VAL N 184 -5.28 15.07 -26.16
CA VAL N 184 -6.21 15.17 -25.03
C VAL N 184 -7.64 15.28 -25.53
N PHE N 185 -7.85 15.98 -26.65
CA PHE N 185 -9.20 16.22 -27.14
C PHE N 185 -9.76 15.02 -27.89
N GLY N 186 -8.92 14.31 -28.65
CA GLY N 186 -9.41 13.22 -29.47
C GLY N 186 -9.29 11.84 -28.87
N ASN N 187 -8.12 11.49 -28.36
CA ASN N 187 -7.91 10.13 -27.86
C ASN N 187 -8.58 9.93 -26.51
N LEU N 188 -8.49 10.91 -25.62
CA LEU N 188 -9.08 10.79 -24.29
C LEU N 188 -10.57 11.13 -24.28
N GLY N 189 -11.06 11.85 -25.28
CA GLY N 189 -12.47 12.16 -25.39
C GLY N 189 -12.91 13.44 -24.70
N TYR N 190 -11.98 14.24 -24.20
CA TYR N 190 -12.36 15.49 -23.55
C TYR N 190 -12.76 16.54 -24.58
N ALA N 191 -13.72 17.39 -24.20
CA ALA N 191 -14.25 18.42 -25.08
C ALA N 191 -14.03 19.80 -24.48
N ASP N 192 -14.08 20.81 -25.34
CA ASP N 192 -13.92 22.21 -24.94
C ASP N 192 -15.30 22.84 -24.86
N ALA N 193 -15.60 23.49 -23.73
CA ALA N 193 -16.92 24.09 -23.53
C ALA N 193 -17.16 25.23 -24.50
N LEU N 194 -16.12 25.97 -24.86
CA LEU N 194 -16.30 27.14 -25.72
C LEU N 194 -16.63 26.73 -27.15
N ARG N 195 -16.00 25.67 -27.64
CA ARG N 195 -16.21 25.25 -29.03
C ARG N 195 -17.47 24.41 -29.21
N GLU N 196 -18.09 23.94 -28.14
CA GLU N 196 -19.31 23.15 -28.26
C GLU N 196 -20.52 23.98 -28.67
N VAL N 197 -20.48 25.30 -28.46
CA VAL N 197 -21.61 26.16 -28.81
C VAL N 197 -21.22 27.30 -29.73
N SER N 198 -19.93 27.59 -29.91
CA SER N 198 -19.51 28.71 -30.76
C SER N 198 -18.22 28.32 -31.45
N ARG N 199 -18.28 28.16 -32.78
CA ARG N 199 -17.09 27.85 -33.57
C ARG N 199 -16.74 29.06 -34.44
N GLU N 200 -16.49 30.18 -33.75
CA GLU N 200 -16.18 31.44 -34.40
C GLU N 200 -14.82 31.93 -33.95
N GLY N 201 -14.17 32.73 -34.80
CA GLY N 201 -12.87 33.25 -34.49
C GLY N 201 -12.93 34.51 -33.65
N ASP N 202 -11.74 35.07 -33.41
CA ASP N 202 -11.51 36.29 -32.63
C ASP N 202 -11.91 36.17 -31.17
N GLN N 203 -12.31 34.98 -30.71
CA GLN N 203 -12.69 34.77 -29.32
C GLN N 203 -11.46 34.43 -28.47
N PHE N 204 -10.51 35.36 -28.48
CA PHE N 204 -9.26 35.18 -27.75
C PHE N 204 -9.46 35.45 -26.26
N SER N 205 -8.61 34.83 -25.44
CA SER N 205 -8.72 34.93 -23.99
C SER N 205 -7.50 35.56 -23.33
N TRP N 206 -6.40 35.77 -24.05
CA TRP N 206 -5.20 36.36 -23.48
C TRP N 206 -4.56 37.30 -24.49
N TRP N 207 -4.02 38.41 -23.97
CA TRP N 207 -3.36 39.40 -24.80
C TRP N 207 -2.01 39.75 -24.20
N PRO N 208 -0.98 39.92 -25.03
CA PRO N 208 0.33 40.34 -24.50
C PRO N 208 0.27 41.75 -23.93
N ASP N 209 1.17 42.02 -23.00
CA ASP N 209 1.23 43.32 -22.31
C ASP N 209 1.85 44.34 -23.27
N SER N 210 1.04 44.81 -24.21
CA SER N 210 1.48 45.81 -25.17
C SER N 210 0.25 46.47 -25.78
N GLU N 211 0.36 47.79 -26.00
CA GLU N 211 -0.77 48.54 -26.55
C GLU N 211 -1.09 48.09 -27.97
N GLN N 212 -0.07 47.67 -28.74
CA GLN N 212 -0.30 47.20 -30.10
C GLN N 212 -1.17 45.94 -30.10
N ALA N 213 -0.99 45.06 -29.12
CA ALA N 213 -1.80 43.85 -29.05
C ALA N 213 -3.26 44.19 -28.75
N GLU N 214 -3.49 45.19 -27.90
CA GLU N 214 -4.86 45.59 -27.58
CA GLU N 214 -4.86 45.59 -27.58
C GLU N 214 -5.52 46.29 -28.76
N MET N 215 -4.76 47.13 -29.46
CA MET N 215 -5.33 47.86 -30.59
C MET N 215 -5.56 46.95 -31.79
N LEU N 216 -4.58 46.10 -32.11
CA LEU N 216 -4.65 45.23 -33.28
C LEU N 216 -5.33 43.90 -33.00
N ASN N 217 -5.76 43.66 -31.76
CA ASN N 217 -6.45 42.42 -31.39
C ASN N 217 -5.58 41.19 -31.69
N LEU N 218 -4.34 41.24 -31.22
CA LEU N 218 -3.42 40.12 -31.39
C LEU N 218 -3.50 39.19 -30.18
N GLY N 219 -4.69 38.68 -29.89
CA GLY N 219 -4.91 37.87 -28.71
C GLY N 219 -4.81 36.37 -28.97
N TRP N 220 -4.57 35.64 -27.89
CA TRP N 220 -4.47 34.19 -27.91
C TRP N 220 -5.49 33.60 -26.94
N ARG N 221 -5.90 32.36 -27.21
CA ARG N 221 -6.88 31.67 -26.37
C ARG N 221 -6.14 30.71 -25.45
N PHE N 222 -5.91 31.18 -24.22
CA PHE N 222 -5.19 30.38 -23.23
C PHE N 222 -6.10 29.72 -22.21
N ASP N 223 -7.34 30.17 -22.09
CA ASP N 223 -8.27 29.66 -21.08
C ASP N 223 -9.27 28.71 -21.72
N TYR N 224 -9.54 27.61 -21.03
CA TYR N 224 -10.47 26.61 -21.52
C TYR N 224 -11.22 25.99 -20.35
N GLN N 225 -12.39 25.43 -20.64
CA GLN N 225 -13.18 24.68 -19.69
C GLN N 225 -13.31 23.25 -20.22
N VAL N 226 -12.40 22.38 -19.80
CA VAL N 226 -12.34 21.01 -20.27
C VAL N 226 -13.42 20.21 -19.55
N LEU N 227 -14.28 19.55 -20.32
CA LEU N 227 -15.39 18.78 -19.78
C LEU N 227 -15.26 17.32 -20.21
N THR N 228 -15.80 16.43 -19.38
CA THR N 228 -15.90 15.03 -19.77
C THR N 228 -16.87 14.89 -20.95
N PRO N 229 -16.74 13.83 -21.75
CA PRO N 229 -17.63 13.69 -22.91
C PRO N 229 -19.11 13.58 -22.55
N GLY N 230 -19.42 13.32 -21.28
CA GLY N 230 -20.82 13.22 -20.88
C GLY N 230 -21.53 14.55 -20.79
N LEU N 231 -20.79 15.66 -20.70
CA LEU N 231 -21.38 16.97 -20.56
C LEU N 231 -21.27 17.83 -21.81
N ARG N 232 -20.86 17.26 -22.94
CA ARG N 232 -20.70 18.07 -24.16
C ARG N 232 -22.04 18.56 -24.67
N ARG N 233 -23.13 17.82 -24.39
CA ARG N 233 -24.45 18.21 -24.86
C ARG N 233 -25.17 19.14 -23.89
N PHE N 234 -24.68 19.29 -22.66
CA PHE N 234 -25.33 20.12 -21.66
C PHE N 234 -24.86 21.57 -21.70
N VAL N 235 -23.90 21.91 -22.55
CA VAL N 235 -23.42 23.29 -22.63
C VAL N 235 -24.50 24.17 -23.22
N ARG N 236 -24.90 25.21 -22.48
CA ARG N 236 -25.94 26.13 -22.93
C ARG N 236 -25.35 27.30 -23.72
N ASN N 237 -24.55 28.13 -23.06
CA ASN N 237 -23.95 29.29 -23.72
C ASN N 237 -22.59 29.56 -23.10
N ALA N 238 -21.80 30.35 -23.82
CA ALA N 238 -20.47 30.74 -23.37
C ALA N 238 -20.26 32.22 -23.63
N LYS N 239 -19.80 32.93 -22.62
CA LYS N 239 -19.58 34.37 -22.69
C LYS N 239 -18.14 34.69 -22.36
N LEU N 240 -17.51 35.50 -23.20
CA LEU N 240 -16.12 35.94 -22.98
C LEU N 240 -15.96 37.33 -23.55
N PRO N 241 -16.25 38.36 -22.75
CA PRO N 241 -16.13 39.73 -23.24
C PRO N 241 -14.68 40.19 -23.30
N ARG N 242 -14.38 40.99 -24.31
CA ARG N 242 -13.04 41.55 -24.44
C ARG N 242 -12.72 42.49 -23.29
N GLN N 243 -13.67 43.34 -22.91
CA GLN N 243 -13.50 44.30 -21.84
C GLN N 243 -14.80 44.36 -21.06
N PRO N 244 -14.75 44.66 -19.75
CA PRO N 244 -13.53 44.92 -18.97
C PRO N 244 -12.86 43.65 -18.45
N ARG N 245 -11.53 43.70 -18.28
CA ARG N 245 -10.78 42.62 -17.70
C ARG N 245 -9.76 43.19 -16.73
N PHE N 246 -9.34 42.35 -15.77
CA PHE N 246 -8.50 42.80 -14.66
C PHE N 246 -7.13 42.15 -14.66
N SER N 247 -6.71 41.58 -15.79
CA SER N 247 -5.39 40.97 -15.92
C SER N 247 -5.08 40.83 -17.40
N GLN N 248 -4.08 40.01 -17.72
CA GLN N 248 -3.76 39.72 -19.11
C GLN N 248 -4.75 38.75 -19.74
N HIS N 249 -5.65 38.16 -18.95
CA HIS N 249 -6.64 37.22 -19.45
C HIS N 249 -8.03 37.80 -19.31
N ALA N 250 -8.92 37.43 -20.23
CA ALA N 250 -10.29 37.91 -20.19
C ALA N 250 -11.18 36.92 -19.43
N PRO N 251 -12.20 37.41 -18.74
CA PRO N 251 -13.11 36.51 -18.02
C PRO N 251 -13.85 35.59 -18.97
N LEU N 252 -13.99 34.33 -18.56
CA LEU N 252 -14.66 33.30 -19.34
C LEU N 252 -15.88 32.82 -18.57
N ILE N 253 -17.07 33.13 -19.08
CA ILE N 253 -18.33 32.70 -18.48
C ILE N 253 -18.98 31.67 -19.39
N VAL N 254 -19.35 30.52 -18.82
CA VAL N 254 -19.98 29.44 -19.54
C VAL N 254 -21.20 28.97 -18.75
N ASP N 255 -22.33 28.84 -19.43
CA ASP N 255 -23.57 28.37 -18.83
C ASP N 255 -23.87 26.94 -19.28
N TYR N 256 -24.47 26.16 -18.40
CA TYR N 256 -24.78 24.77 -18.66
C TYR N 256 -26.24 24.49 -18.34
N ASP N 257 -26.83 23.54 -19.05
CA ASP N 257 -28.18 23.06 -18.77
C ASP N 257 -28.13 21.95 -17.73
N TRP N 258 -27.63 22.31 -16.54
CA TRP N 258 -27.41 21.36 -15.47
C TRP N 258 -27.69 22.04 -14.13
N GLN N 259 -28.21 21.27 -13.18
CA GLN N 259 -28.51 21.76 -11.84
C GLN N 259 -27.40 21.31 -10.90
N LEU N 260 -26.62 22.28 -10.41
CA LEU N 260 -25.55 21.99 -9.48
C LEU N 260 -26.10 21.83 -8.06
N SER N 261 -25.81 20.69 -7.45
CA SER N 261 -26.29 20.42 -6.09
C SER N 261 -25.35 19.43 -5.44
N ILE N 262 -25.50 19.27 -4.13
CA ILE N 262 -24.67 18.36 -3.37
C ILE N 262 -25.48 17.14 -2.95
N SER O 6 -10.76 -26.91 20.00
CA SER O 6 -10.80 -26.48 18.61
C SER O 6 -10.30 -27.59 17.68
N LEU O 7 -10.66 -27.50 16.40
CA LEU O 7 -10.27 -28.47 15.40
C LEU O 7 -9.43 -27.88 14.28
N GLN O 8 -9.30 -26.55 14.22
CA GLN O 8 -8.45 -25.91 13.23
C GLN O 8 -6.98 -26.24 13.46
N ASP O 9 -6.56 -26.22 14.73
CA ASP O 9 -5.14 -26.47 15.03
C ASP O 9 -4.72 -27.89 14.67
N PRO O 10 -5.43 -28.95 15.06
CA PRO O 10 -4.99 -30.30 14.64
C PRO O 10 -5.05 -30.50 13.13
N TYR O 11 -6.03 -29.89 12.45
CA TYR O 11 -6.10 -30.01 10.99
C TYR O 11 -4.89 -29.34 10.34
N LEU O 12 -4.55 -28.13 10.78
CA LEU O 12 -3.37 -27.45 10.23
C LEU O 12 -2.09 -28.21 10.57
N ASN O 13 -2.04 -28.81 11.77
CA ASN O 13 -0.87 -29.60 12.14
C ASN O 13 -0.72 -30.82 11.24
N THR O 14 -1.83 -31.50 10.96
CA THR O 14 -1.78 -32.65 10.06
C THR O 14 -1.38 -32.23 8.65
N LEU O 15 -1.88 -31.08 8.20
CA LEU O 15 -1.51 -30.59 6.88
C LEU O 15 -0.03 -30.23 6.83
N ARG O 16 0.53 -29.74 7.94
CA ARG O 16 1.93 -29.30 7.95
C ARG O 16 2.88 -30.48 8.05
N LYS O 17 2.63 -31.39 8.99
CA LYS O 17 3.60 -32.44 9.28
C LYS O 17 3.69 -33.45 8.13
N GLU O 18 2.60 -33.66 7.40
CA GLU O 18 2.58 -34.62 6.31
C GLU O 18 3.00 -34.03 4.97
N ARG O 19 3.32 -32.73 4.93
CA ARG O 19 3.77 -32.06 3.72
C ARG O 19 2.75 -32.22 2.59
N VAL O 20 1.49 -32.01 2.92
CA VAL O 20 0.41 -32.14 1.94
C VAL O 20 0.28 -30.82 1.19
N PRO O 21 0.39 -30.83 -0.14
CA PRO O 21 0.17 -29.59 -0.91
C PRO O 21 -1.29 -29.17 -0.82
N VAL O 22 -1.52 -27.97 -0.28
CA VAL O 22 -2.87 -27.47 -0.04
C VAL O 22 -3.09 -26.22 -0.88
N SER O 23 -4.33 -26.04 -1.31
CA SER O 23 -4.74 -24.84 -2.02
C SER O 23 -5.56 -23.96 -1.09
N ILE O 24 -5.20 -22.68 -1.01
CA ILE O 24 -5.86 -21.73 -0.13
C ILE O 24 -6.55 -20.69 -1.00
N TYR O 25 -7.86 -20.53 -0.79
CA TYR O 25 -8.65 -19.54 -1.51
C TYR O 25 -8.90 -18.34 -0.62
N LEU O 26 -8.62 -17.15 -1.13
CA LEU O 26 -8.80 -15.93 -0.36
C LEU O 26 -10.26 -15.48 -0.41
N VAL O 27 -10.55 -14.41 0.34
CA VAL O 27 -11.92 -13.90 0.40
C VAL O 27 -12.33 -13.28 -0.92
N ASN O 28 -11.36 -12.74 -1.68
CA ASN O 28 -11.68 -12.10 -2.95
C ASN O 28 -11.75 -13.09 -4.11
N GLY O 29 -11.47 -14.36 -3.88
CA GLY O 29 -11.57 -15.38 -4.91
C GLY O 29 -10.24 -15.82 -5.51
N ILE O 30 -9.12 -15.26 -5.06
CA ILE O 30 -7.83 -15.64 -5.62
C ILE O 30 -7.39 -16.98 -5.04
N LYS O 31 -6.87 -17.84 -5.90
CA LYS O 31 -6.46 -19.19 -5.53
C LYS O 31 -4.96 -19.23 -5.28
N LEU O 32 -4.57 -19.58 -4.06
CA LEU O 32 -3.17 -19.77 -3.70
C LEU O 32 -2.83 -21.26 -3.67
N GLN O 33 -1.54 -21.54 -3.81
CA GLN O 33 -1.04 -22.91 -3.80
C GLN O 33 0.27 -22.98 -3.04
N GLY O 34 0.57 -24.16 -2.52
CA GLY O 34 1.83 -24.36 -1.81
C GLY O 34 1.66 -25.35 -0.68
N GLN O 35 2.59 -25.31 0.26
CA GLN O 35 2.60 -26.16 1.43
C GLN O 35 2.66 -25.30 2.69
N ILE O 36 1.88 -25.68 3.69
CA ILE O 36 1.86 -24.93 4.95
C ILE O 36 3.17 -25.17 5.69
N GLU O 37 3.98 -24.12 5.80
CA GLU O 37 5.25 -24.23 6.52
C GLU O 37 5.07 -24.14 8.02
N SER O 38 4.30 -23.17 8.50
CA SER O 38 4.02 -23.00 9.92
C SER O 38 2.78 -22.13 10.06
N PHE O 39 2.29 -22.03 11.29
CA PHE O 39 1.10 -21.25 11.56
C PHE O 39 1.05 -20.92 13.05
N ASP O 40 0.12 -20.06 13.41
CA ASP O 40 -0.12 -19.71 14.81
C ASP O 40 -1.60 -19.35 14.95
N GLN O 41 -1.87 -18.23 15.63
CA GLN O 41 -3.25 -17.85 15.89
C GLN O 41 -3.83 -16.96 14.79
N PHE O 42 -3.00 -16.18 14.10
CA PHE O 42 -3.50 -15.19 13.15
C PHE O 42 -2.95 -15.30 11.74
N VAL O 43 -1.77 -15.87 11.53
CA VAL O 43 -1.17 -15.94 10.20
C VAL O 43 -0.83 -17.39 9.87
N ILE O 44 -0.81 -17.66 8.57
CA ILE O 44 -0.46 -18.98 8.03
C ILE O 44 0.58 -18.79 6.95
N LEU O 45 1.77 -19.33 7.18
CA LEU O 45 2.89 -19.17 6.26
C LEU O 45 2.83 -20.24 5.17
N LEU O 46 2.48 -19.83 3.96
CA LEU O 46 2.36 -20.72 2.81
C LEU O 46 3.60 -20.58 1.95
N LYS O 47 4.36 -21.67 1.82
CA LYS O 47 5.61 -21.66 1.07
C LYS O 47 5.46 -22.48 -0.21
N ASN O 48 6.07 -21.98 -1.28
CA ASN O 48 6.11 -22.69 -2.56
C ASN O 48 7.38 -22.33 -3.29
N THR O 49 7.25 -21.62 -4.42
CA THR O 49 8.43 -21.05 -5.07
C THR O 49 8.91 -19.79 -4.34
N VAL O 50 8.00 -19.09 -3.66
CA VAL O 50 8.33 -17.93 -2.85
C VAL O 50 7.60 -18.05 -1.53
N SER O 51 8.32 -17.86 -0.43
CA SER O 51 7.73 -17.95 0.90
C SER O 51 6.92 -16.69 1.18
N GLN O 52 5.61 -16.87 1.35
CA GLN O 52 4.70 -15.74 1.55
C GLN O 52 3.80 -16.03 2.74
N MET O 53 3.54 -15.00 3.54
CA MET O 53 2.68 -15.12 4.70
C MET O 53 1.25 -14.76 4.32
N VAL O 54 0.30 -15.59 4.72
CA VAL O 54 -1.11 -15.38 4.44
C VAL O 54 -1.84 -15.20 5.76
N TYR O 55 -2.59 -14.11 5.87
CA TYR O 55 -3.34 -13.83 7.09
C TYR O 55 -4.60 -14.69 7.13
N LYS O 56 -4.99 -15.10 8.33
CA LYS O 56 -6.16 -15.97 8.47
C LYS O 56 -7.44 -15.24 8.12
N HIS O 57 -7.55 -13.96 8.50
CA HIS O 57 -8.78 -13.20 8.26
C HIS O 57 -9.09 -13.01 6.78
N ALA O 58 -8.13 -13.26 5.89
CA ALA O 58 -8.36 -13.19 4.46
C ALA O 58 -8.53 -14.56 3.81
N ILE O 59 -8.42 -15.64 4.58
CA ILE O 59 -8.57 -16.99 4.04
C ILE O 59 -10.04 -17.38 4.07
N SER O 60 -10.52 -17.95 2.96
CA SER O 60 -11.87 -18.45 2.87
C SER O 60 -11.94 -19.97 3.04
N THR O 61 -11.19 -20.72 2.21
CA THR O 61 -11.22 -22.17 2.26
C THR O 61 -9.80 -22.71 2.14
N VAL O 62 -9.57 -23.87 2.75
CA VAL O 62 -8.31 -24.58 2.67
C VAL O 62 -8.59 -25.94 2.02
N VAL O 63 -8.09 -26.14 0.81
CA VAL O 63 -8.39 -27.32 0.02
C VAL O 63 -7.11 -28.11 -0.18
N PRO O 64 -6.94 -29.22 0.54
CA PRO O 64 -5.77 -30.08 0.30
C PRO O 64 -5.90 -30.82 -1.03
N SER O 65 -4.76 -31.18 -1.60
CA SER O 65 -4.75 -31.91 -2.86
C SER O 65 -5.11 -33.38 -2.69
N ARG O 66 -5.00 -33.92 -1.49
CA ARG O 66 -5.33 -35.31 -1.21
C ARG O 66 -6.04 -35.38 0.13
N PRO O 67 -6.89 -36.40 0.33
CA PRO O 67 -7.60 -36.52 1.60
C PRO O 67 -6.62 -36.73 2.76
N VAL O 68 -7.02 -36.23 3.94
CA VAL O 68 -6.21 -36.30 5.14
C VAL O 68 -7.02 -36.90 6.26
N ARG O 69 -6.32 -37.42 7.28
CA ARG O 69 -6.97 -38.02 8.43
C ARG O 69 -7.57 -36.95 9.31
N LEU O 70 -8.81 -37.17 9.75
CA LEU O 70 -9.48 -36.23 10.64
C LEU O 70 -9.13 -36.51 12.09
N PRO O 71 -9.00 -35.47 12.91
CA PRO O 71 -8.69 -35.60 14.35
C PRO O 71 -9.73 -36.41 15.10
#